data_6MPY
#
_entry.id   6MPY
#
_cell.length_a   100.910
_cell.length_b   115.790
_cell.length_c   175.010
_cell.angle_alpha   90.000
_cell.angle_beta   90.000
_cell.angle_gamma   90.000
#
_symmetry.space_group_name_H-M   'P 21 21 21'
#
loop_
_entity.id
_entity.type
_entity.pdbx_description
1 polymer Catalase-peroxidase
2 non-polymer 'PROTOPORPHYRIN IX CONTAINING FE'
3 non-polymer 'SODIUM ION'
4 non-polymer 'CHLORIDE ION'
5 non-polymer 'OXYGEN MOLECULE'
6 non-polymer 'PHOSPHATE ION'
7 non-polymer (4S)-2-METHYL-2,4-PENTANEDIOL
8 water water
#
_entity_poly.entity_id   1
_entity_poly.type   'polypeptide(L)'
_entity_poly.pdbx_seq_one_letter_code
;MSNEAKCPFHQAAGNGTSNRDWWPNQLDLSILHRHSSLSDPMGKDFNYAQAFEKLDLAAVKRDLHALMTTSQDWWPADFG
HYGGLFIRMAWHSAGTYRTADGRGGAGEGQQRFAPLNSWPDNANLDKARRLLWPIKQKYGRAISWADLLILTGNVALESM
GFKTFGFAGGRADTWEPEDVYWGSEKIWLELSGGPNSRYSGDRQLENPLAAVQMGLIYVNPEGPDGNPDPVAAARDIRDT
FARMAMNDEETVALIAGGHTFGKTHGAGPASNVGAEPEAAGIEAQGLGWKSAYRTGKGADAITSGLEVTWTTTPTQWSHN
FFENLFGYEWELTKSPAGAHQWVAKGADAVIPDAFDPSKKHRPTMLTTDLSLRFDPAYEKISRRFHENPEQFADAFARAW
FKLTHRDMGPRARYLGPEVPAEVLLWQDPIPAVDHPLIDAADAAELKAKVLASGLTVSQLVSTAWAAASTFRGSDKRGGA
NGARIRLAPQKDWEANQPEQLAAVLETLEAIRTAFNGAQRGGKQVSLADLIVLAGCAGVEQAAKNAGHAVTVPFAPGRAD
ASQEQTDVESMAVLEPVADGFRNYLKGKYRVPAEVLLVDKAQLLTLSAPEMTVLLGGLRVLGANVGQSRHGVFTAREQAL
TNDFFVNLLDMGTEWKPTAADADVFEGRDRATGELKWTGTRVDLVFGSHSQLRALAEVYGSADAQEKFVRDFVAVWNKVM
NLDRFDLA
;
_entity_poly.pdbx_strand_id   A,B
#
loop_
_chem_comp.id
_chem_comp.type
_chem_comp.name
_chem_comp.formula
CL non-polymer 'CHLORIDE ION' 'Cl -1'
HEM non-polymer 'PROTOPORPHYRIN IX CONTAINING FE' 'C34 H32 Fe N4 O4'
MPD non-polymer (4S)-2-METHYL-2,4-PENTANEDIOL 'C6 H14 O2'
NA non-polymer 'SODIUM ION' 'Na 1'
OXY non-polymer 'OXYGEN MOLECULE' O2
PO4 non-polymer 'PHOSPHATE ION' 'O4 P -3'
#
# COMPACT_ATOMS: atom_id res chain seq x y z
N GLY A 16 12.43 -7.63 -9.54
CA GLY A 16 12.01 -8.52 -8.40
C GLY A 16 10.63 -9.11 -8.64
N THR A 17 10.49 -10.43 -8.57
CA THR A 17 9.20 -11.13 -8.79
C THR A 17 8.34 -10.87 -7.55
N SER A 18 7.07 -10.49 -7.72
CA SER A 18 6.18 -10.11 -6.59
C SER A 18 5.05 -11.16 -6.42
N ASN A 19 4.27 -11.04 -5.33
CA ASN A 19 3.05 -11.86 -5.11
C ASN A 19 2.07 -11.74 -6.29
N ARG A 20 1.90 -10.53 -6.86
CA ARG A 20 1.01 -10.24 -8.03
C ARG A 20 1.50 -10.97 -9.31
N ASP A 21 2.81 -11.15 -9.51
CA ASP A 21 3.37 -12.01 -10.60
C ASP A 21 3.00 -13.49 -10.37
N TRP A 22 3.26 -14.03 -9.17
CA TRP A 22 3.04 -15.47 -8.89
C TRP A 22 1.53 -15.78 -8.95
N TRP A 23 0.69 -14.92 -8.37
CA TRP A 23 -0.74 -15.20 -8.14
C TRP A 23 -1.55 -14.01 -8.62
N PRO A 24 -1.65 -13.85 -9.96
CA PRO A 24 -2.16 -12.61 -10.57
C PRO A 24 -3.67 -12.46 -10.33
N ASN A 25 -4.35 -13.50 -9.87
CA ASN A 25 -5.82 -13.44 -9.68
C ASN A 25 -6.17 -13.29 -8.19
N GLN A 26 -5.24 -13.45 -7.25
CA GLN A 26 -5.54 -13.24 -5.80
C GLN A 26 -6.12 -11.83 -5.69
N LEU A 27 -7.16 -11.70 -4.86
CA LEU A 27 -7.70 -10.45 -4.27
C LEU A 27 -6.59 -9.45 -3.95
N ASP A 28 -6.80 -8.17 -4.21
CA ASP A 28 -5.86 -7.09 -3.80
C ASP A 28 -6.47 -6.23 -2.69
N LEU A 29 -5.94 -6.39 -1.48
CA LEU A 29 -6.43 -5.70 -0.25
C LEU A 29 -5.74 -4.35 -0.10
N SER A 30 -4.66 -4.10 -0.85
CA SER A 30 -3.88 -2.83 -0.71
CA SER A 30 -3.88 -2.84 -0.76
C SER A 30 -4.79 -1.62 -0.99
N ILE A 31 -5.83 -1.80 -1.83
CA ILE A 31 -6.75 -0.69 -2.21
C ILE A 31 -7.52 -0.20 -0.97
N LEU A 32 -7.60 -0.98 0.10
CA LEU A 32 -8.31 -0.59 1.34
C LEU A 32 -7.37 0.15 2.29
N HIS A 33 -6.06 0.15 2.05
CA HIS A 33 -5.06 0.69 3.00
C HIS A 33 -4.24 1.84 2.39
N ARG A 34 -4.77 2.50 1.36
CA ARG A 34 -4.28 3.81 0.83
C ARG A 34 -4.63 4.93 1.79
N HIS A 35 -3.99 6.09 1.63
CA HIS A 35 -4.40 7.35 2.29
C HIS A 35 -4.14 7.19 3.79
N SER A 36 -3.10 6.42 4.15
CA SER A 36 -2.63 6.25 5.54
C SER A 36 -1.89 7.52 5.99
N SER A 37 -1.91 7.81 7.29
CA SER A 37 -1.15 8.91 7.93
C SER A 37 0.31 8.85 7.46
N LEU A 38 0.85 7.66 7.18
CA LEU A 38 2.27 7.45 6.78
C LEU A 38 2.61 8.28 5.51
N SER A 39 1.78 8.16 4.46
CA SER A 39 2.02 8.75 3.10
C SER A 39 1.67 10.25 3.06
N ASP A 40 1.01 10.76 4.09
CA ASP A 40 0.44 12.14 4.15
C ASP A 40 1.47 13.05 4.78
N PRO A 41 1.99 14.07 4.06
CA PRO A 41 2.99 14.94 4.66
C PRO A 41 2.40 15.95 5.64
N MET A 42 1.09 16.16 5.62
CA MET A 42 0.46 17.12 6.55
C MET A 42 0.34 16.46 7.96
N GLY A 43 0.40 17.23 9.03
CA GLY A 43 0.13 16.72 10.39
C GLY A 43 -1.21 16.00 10.46
N LYS A 44 -1.40 15.10 11.43
CA LYS A 44 -2.69 14.37 11.60
C LYS A 44 -3.78 15.39 12.00
N ASP A 45 -3.40 16.56 12.48
CA ASP A 45 -4.34 17.62 12.94
C ASP A 45 -4.69 18.55 11.77
N PHE A 46 -4.09 18.37 10.59
CA PHE A 46 -4.29 19.31 9.46
C PHE A 46 -5.75 19.27 8.99
N ASN A 47 -6.41 20.42 8.95
CA ASN A 47 -7.79 20.53 8.44
C ASN A 47 -7.79 21.43 7.17
N TYR A 48 -8.01 20.89 5.99
CA TYR A 48 -7.93 21.71 4.75
C TYR A 48 -9.00 22.80 4.81
N ALA A 49 -10.23 22.48 5.19
CA ALA A 49 -11.33 23.48 5.23
C ALA A 49 -10.92 24.70 6.07
N GLN A 50 -10.30 24.50 7.23
CA GLN A 50 -9.88 25.59 8.16
C GLN A 50 -8.84 26.46 7.45
N ALA A 51 -7.91 25.86 6.67
CA ALA A 51 -6.84 26.55 5.91
C ALA A 51 -7.47 27.30 4.74
N PHE A 52 -8.36 26.66 4.01
CA PHE A 52 -9.01 27.30 2.83
C PHE A 52 -9.83 28.52 3.29
N GLU A 53 -10.48 28.43 4.44
CA GLU A 53 -11.47 29.46 4.83
C GLU A 53 -10.73 30.76 5.13
N LYS A 54 -9.43 30.71 5.41
CA LYS A 54 -8.57 31.91 5.59
C LYS A 54 -7.81 32.27 4.30
N LEU A 55 -7.98 31.54 3.20
CA LEU A 55 -7.30 31.89 1.94
C LEU A 55 -7.88 33.22 1.46
N ASP A 56 -7.05 34.15 0.99
CA ASP A 56 -7.53 35.34 0.26
C ASP A 56 -7.88 34.92 -1.19
N LEU A 57 -9.08 34.41 -1.42
CA LEU A 57 -9.44 33.87 -2.74
C LEU A 57 -9.35 34.99 -3.78
N ALA A 58 -9.71 36.22 -3.43
CA ALA A 58 -9.66 37.34 -4.40
C ALA A 58 -8.21 37.55 -4.85
N ALA A 59 -7.24 37.45 -3.92
CA ALA A 59 -5.81 37.64 -4.24
C ALA A 59 -5.33 36.50 -5.16
N VAL A 60 -5.75 35.26 -4.90
CA VAL A 60 -5.39 34.13 -5.78
C VAL A 60 -5.92 34.41 -7.19
N LYS A 61 -7.19 34.85 -7.31
CA LYS A 61 -7.83 35.07 -8.63
C LYS A 61 -7.11 36.22 -9.37
N ARG A 62 -6.57 37.21 -8.66
CA ARG A 62 -5.82 38.31 -9.35
C ARG A 62 -4.50 37.73 -9.90
N ASP A 63 -3.81 36.88 -9.14
CA ASP A 63 -2.53 36.24 -9.59
C ASP A 63 -2.84 35.39 -10.83
N LEU A 64 -3.93 34.61 -10.80
CA LEU A 64 -4.29 33.71 -11.93
C LEU A 64 -4.60 34.57 -13.16
N HIS A 65 -5.28 35.69 -12.93
CA HIS A 65 -5.67 36.61 -14.04
C HIS A 65 -4.40 37.15 -14.73
N ALA A 66 -3.40 37.61 -13.98
CA ALA A 66 -2.10 38.07 -14.53
C ALA A 66 -1.38 36.92 -15.25
N LEU A 67 -1.43 35.71 -14.70
CA LEU A 67 -0.80 34.53 -15.31
C LEU A 67 -1.34 34.32 -16.73
N MET A 68 -2.62 34.55 -16.98
CA MET A 68 -3.26 34.20 -18.28
C MET A 68 -2.46 34.81 -19.47
N THR A 69 -1.86 35.99 -19.29
CA THR A 69 -1.18 36.75 -20.39
C THR A 69 0.29 36.94 -20.03
N THR A 70 0.89 36.05 -19.25
CA THR A 70 2.36 36.08 -18.95
C THR A 70 3.02 34.81 -19.50
N SER A 71 3.42 34.86 -20.76
CA SER A 71 3.99 33.73 -21.53
C SER A 71 5.34 33.32 -20.94
N GLN A 72 5.55 32.02 -20.72
CA GLN A 72 6.88 31.43 -20.44
C GLN A 72 7.44 30.87 -21.75
N ASP A 73 8.74 31.10 -22.02
CA ASP A 73 9.41 30.69 -23.29
C ASP A 73 9.54 29.17 -23.36
N TRP A 74 9.54 28.47 -22.23
CA TRP A 74 9.57 26.98 -22.26
C TRP A 74 8.21 26.42 -22.70
N TRP A 75 7.13 27.22 -22.73
CA TRP A 75 5.85 26.81 -23.34
C TRP A 75 5.04 28.05 -23.71
N PRO A 76 5.40 28.73 -24.82
CA PRO A 76 4.75 29.97 -25.22
C PRO A 76 3.23 29.82 -25.31
N ALA A 77 2.53 30.87 -24.89
CA ALA A 77 1.06 30.99 -24.93
C ALA A 77 0.55 31.27 -26.34
N ASP A 78 -0.32 30.38 -26.84
CA ASP A 78 -1.15 30.59 -28.06
C ASP A 78 -1.90 31.92 -27.93
N PHE A 79 -1.75 32.80 -28.92
CA PHE A 79 -2.41 34.13 -28.97
C PHE A 79 -2.02 34.98 -27.75
N GLY A 80 -0.88 34.70 -27.12
CA GLY A 80 -0.47 35.42 -25.88
C GLY A 80 -1.42 35.17 -24.70
N HIS A 81 -2.25 34.13 -24.74
CA HIS A 81 -3.23 33.82 -23.65
C HIS A 81 -3.28 32.31 -23.37
N TYR A 82 -3.07 31.91 -22.13
CA TYR A 82 -3.12 30.49 -21.68
C TYR A 82 -4.56 30.02 -21.38
N GLY A 83 -5.58 30.85 -21.58
CA GLY A 83 -6.98 30.55 -21.18
C GLY A 83 -7.46 29.19 -21.71
N GLY A 84 -7.31 28.96 -23.01
CA GLY A 84 -7.74 27.73 -23.68
C GLY A 84 -7.08 26.53 -23.03
N LEU A 85 -5.76 26.62 -22.82
CA LEU A 85 -4.97 25.51 -22.25
C LEU A 85 -5.53 25.19 -20.86
N PHE A 86 -5.80 26.22 -20.05
CA PHE A 86 -6.26 26.03 -18.65
C PHE A 86 -7.71 25.53 -18.62
N ILE A 87 -8.53 25.92 -19.60
CA ILE A 87 -9.92 25.38 -19.68
C ILE A 87 -9.85 23.87 -19.98
N ARG A 88 -9.00 23.44 -20.91
CA ARG A 88 -8.85 21.99 -21.23
C ARG A 88 -8.33 21.26 -19.98
N MET A 89 -7.40 21.87 -19.26
CA MET A 89 -6.79 21.27 -18.04
C MET A 89 -7.91 20.97 -17.03
N ALA A 90 -8.77 21.94 -16.76
CA ALA A 90 -9.83 21.84 -15.73
C ALA A 90 -10.91 20.87 -16.21
N TRP A 91 -11.25 20.92 -17.51
CA TRP A 91 -12.21 19.97 -18.13
C TRP A 91 -11.66 18.52 -18.02
N HIS A 92 -10.36 18.30 -18.29
CA HIS A 92 -9.76 16.94 -18.16
C HIS A 92 -9.72 16.49 -16.70
N SER A 93 -9.41 17.39 -15.77
CA SER A 93 -9.41 17.07 -14.31
C SER A 93 -10.77 16.50 -13.91
N ALA A 94 -11.86 17.12 -14.37
CA ALA A 94 -13.25 16.73 -14.03
C ALA A 94 -13.73 15.59 -14.95
N GLY A 95 -13.14 15.44 -16.14
CA GLY A 95 -13.72 14.61 -17.22
C GLY A 95 -13.50 13.10 -17.06
N THR A 96 -12.76 12.66 -16.05
CA THR A 96 -12.49 11.22 -15.82
C THR A 96 -13.67 10.58 -15.08
N TYR A 97 -14.56 11.39 -14.52
CA TYR A 97 -15.71 10.98 -13.67
C TYR A 97 -16.56 9.93 -14.39
N ARG A 98 -16.94 8.86 -13.70
CA ARG A 98 -17.95 7.85 -14.15
C ARG A 98 -19.08 7.82 -13.10
N THR A 99 -20.33 7.83 -13.52
CA THR A 99 -21.49 7.73 -12.58
CA THR A 99 -21.51 7.74 -12.61
C THR A 99 -21.57 6.32 -12.01
N ALA A 100 -21.13 5.30 -12.75
CA ALA A 100 -21.32 3.88 -12.35
C ALA A 100 -20.69 3.64 -10.97
N ASP A 101 -19.53 4.23 -10.68
CA ASP A 101 -18.90 4.01 -9.36
C ASP A 101 -18.52 5.33 -8.67
N GLY A 102 -18.75 6.48 -9.32
CA GLY A 102 -18.33 7.81 -8.81
C GLY A 102 -16.82 8.04 -8.81
N ARG A 103 -16.05 7.11 -9.39
CA ARG A 103 -14.58 7.26 -9.39
C ARG A 103 -14.20 8.19 -10.55
N GLY A 104 -12.97 8.68 -10.50
CA GLY A 104 -12.54 9.82 -11.30
C GLY A 104 -13.20 11.12 -10.85
N GLY A 105 -13.03 12.16 -11.68
CA GLY A 105 -13.35 13.56 -11.37
C GLY A 105 -12.18 14.36 -10.82
N ALA A 106 -12.46 15.62 -10.50
CA ALA A 106 -11.50 16.67 -10.12
C ALA A 106 -11.29 16.71 -8.60
N GLY A 107 -12.12 15.96 -7.83
CA GLY A 107 -12.28 16.14 -6.38
C GLY A 107 -11.05 15.78 -5.56
N GLU A 108 -10.10 15.04 -6.15
CA GLU A 108 -8.87 14.61 -5.44
C GLU A 108 -7.60 15.10 -6.13
N GLY A 109 -7.68 15.91 -7.19
CA GLY A 109 -6.46 16.38 -7.85
C GLY A 109 -5.61 15.26 -8.43
N GLN A 110 -6.25 14.17 -8.86
CA GLN A 110 -5.55 12.93 -9.29
C GLN A 110 -4.85 13.13 -10.64
N GLN A 111 -5.05 14.28 -11.31
CA GLN A 111 -4.42 14.54 -12.64
C GLN A 111 -2.90 14.65 -12.48
N ARG A 112 -2.41 14.97 -11.28
CA ARG A 112 -0.95 15.19 -11.04
C ARG A 112 -0.22 13.88 -10.70
N PHE A 113 -0.94 12.77 -10.59
CA PHE A 113 -0.38 11.43 -10.29
C PHE A 113 -0.52 10.48 -11.50
N ALA A 114 0.15 9.32 -11.46
CA ALA A 114 -0.06 8.19 -12.40
C ALA A 114 -1.42 7.57 -12.15
N PRO A 115 -2.12 7.03 -13.16
CA PRO A 115 -1.72 7.14 -14.57
C PRO A 115 -2.13 8.44 -15.28
N LEU A 116 -3.06 9.21 -14.70
CA LEU A 116 -3.76 10.31 -15.43
C LEU A 116 -2.76 11.36 -15.91
N ASN A 117 -1.69 11.58 -15.15
CA ASN A 117 -0.69 12.61 -15.51
C ASN A 117 -0.01 12.22 -16.83
N SER A 118 -0.16 10.97 -17.29
CA SER A 118 0.57 10.46 -18.48
C SER A 118 -0.41 9.87 -19.50
N TRP A 119 -1.71 10.06 -19.33
CA TRP A 119 -2.70 9.68 -20.37
C TRP A 119 -2.39 10.48 -21.63
N PRO A 120 -2.50 9.86 -22.83
CA PRO A 120 -2.34 10.61 -24.06
C PRO A 120 -3.29 11.81 -24.15
N ASP A 121 -4.53 11.70 -23.70
CA ASP A 121 -5.50 12.83 -23.76
C ASP A 121 -5.11 13.95 -22.79
N ASN A 122 -4.17 13.71 -21.88
CA ASN A 122 -3.65 14.74 -20.96
C ASN A 122 -2.25 15.20 -21.40
N ALA A 123 -1.86 14.94 -22.65
CA ALA A 123 -0.57 15.41 -23.22
C ALA A 123 -0.48 16.94 -23.10
N ASN A 124 0.65 17.44 -22.55
CA ASN A 124 0.99 18.88 -22.42
C ASN A 124 0.16 19.58 -21.32
N LEU A 125 -0.73 18.87 -20.62
CA LEU A 125 -1.36 19.45 -19.39
C LEU A 125 -0.33 19.43 -18.25
N ASP A 126 0.77 18.67 -18.43
CA ASP A 126 1.97 18.76 -17.57
C ASP A 126 2.51 20.20 -17.64
N LYS A 127 2.49 20.84 -18.80
CA LYS A 127 2.98 22.24 -18.93
C LYS A 127 2.02 23.17 -18.17
N ALA A 128 0.70 23.00 -18.35
CA ALA A 128 -0.35 23.79 -17.67
C ALA A 128 -0.15 23.73 -16.15
N ARG A 129 0.07 22.54 -15.57
CA ARG A 129 0.22 22.37 -14.10
C ARG A 129 1.51 23.05 -13.64
N ARG A 130 2.58 22.98 -14.43
CA ARG A 130 3.90 23.61 -14.08
C ARG A 130 3.78 25.13 -14.07
N LEU A 131 2.97 25.70 -14.95
CA LEU A 131 2.76 27.17 -15.01
C LEU A 131 2.14 27.64 -13.70
N LEU A 132 1.44 26.75 -13.00
CA LEU A 132 0.67 27.10 -11.77
C LEU A 132 1.53 26.88 -10.51
N TRP A 133 2.71 26.28 -10.62
CA TRP A 133 3.55 26.03 -9.42
C TRP A 133 3.84 27.34 -8.67
N PRO A 134 4.28 28.46 -9.30
CA PRO A 134 4.52 29.69 -8.55
C PRO A 134 3.34 30.16 -7.68
N ILE A 135 2.11 30.03 -8.17
CA ILE A 135 0.92 30.45 -7.39
C ILE A 135 0.67 29.41 -6.29
N LYS A 136 0.74 28.11 -6.59
CA LYS A 136 0.62 27.04 -5.55
C LYS A 136 1.66 27.29 -4.44
N GLN A 137 2.90 27.56 -4.82
CA GLN A 137 4.03 27.84 -3.89
C GLN A 137 3.69 29.04 -3.02
N LYS A 138 3.16 30.10 -3.60
CA LYS A 138 2.85 31.34 -2.86
C LYS A 138 1.81 31.06 -1.75
N TYR A 139 0.72 30.34 -2.03
CA TYR A 139 -0.47 30.25 -1.14
C TYR A 139 -0.38 28.96 -0.31
N GLY A 140 0.49 28.03 -0.69
CA GLY A 140 0.85 26.86 0.15
C GLY A 140 -0.37 26.01 0.48
N ARG A 141 -0.51 25.60 1.74
CA ARG A 141 -1.54 24.60 2.08
C ARG A 141 -2.95 25.22 2.05
N ALA A 142 -3.09 26.55 1.94
CA ALA A 142 -4.41 27.22 1.99
C ALA A 142 -5.18 27.01 0.68
N ILE A 143 -4.52 26.59 -0.41
CA ILE A 143 -5.26 26.13 -1.62
C ILE A 143 -4.67 24.83 -2.16
N SER A 144 -5.51 23.80 -2.26
CA SER A 144 -5.13 22.44 -2.74
C SER A 144 -4.85 22.53 -4.24
N TRP A 145 -4.00 21.66 -4.78
CA TRP A 145 -3.93 21.48 -6.23
C TRP A 145 -5.34 21.20 -6.76
N ALA A 146 -6.09 20.33 -6.10
CA ALA A 146 -7.41 19.89 -6.62
C ALA A 146 -8.29 21.15 -6.83
N ASP A 147 -8.33 22.06 -5.85
CA ASP A 147 -9.14 23.30 -5.97
C ASP A 147 -8.55 24.20 -7.07
N LEU A 148 -7.22 24.39 -7.05
CA LEU A 148 -6.52 25.33 -7.96
C LEU A 148 -6.83 24.95 -9.42
N LEU A 149 -6.81 23.67 -9.77
CA LEU A 149 -7.03 23.27 -11.20
C LEU A 149 -8.38 23.77 -11.64
N ILE A 150 -9.38 23.69 -10.76
CA ILE A 150 -10.76 24.07 -11.16
C ILE A 150 -10.85 25.60 -11.17
N LEU A 151 -10.27 26.24 -10.17
CA LEU A 151 -10.31 27.71 -10.04
C LEU A 151 -9.66 28.33 -11.29
N THR A 152 -8.50 27.82 -11.65
CA THR A 152 -7.74 28.32 -12.81
C THR A 152 -8.67 28.27 -14.05
N GLY A 153 -9.35 27.14 -14.27
CA GLY A 153 -10.37 27.05 -15.33
C GLY A 153 -11.40 28.17 -15.26
N ASN A 154 -11.96 28.42 -14.07
CA ASN A 154 -12.97 29.50 -13.86
C ASN A 154 -12.36 30.87 -14.22
N VAL A 155 -11.14 31.14 -13.78
CA VAL A 155 -10.52 32.47 -13.99
C VAL A 155 -10.19 32.61 -15.48
N ALA A 156 -9.75 31.55 -16.15
CA ALA A 156 -9.56 31.55 -17.62
C ALA A 156 -10.87 32.04 -18.27
N LEU A 157 -12.00 31.40 -17.94
CA LEU A 157 -13.31 31.75 -18.55
C LEU A 157 -13.66 33.22 -18.25
N GLU A 158 -13.59 33.61 -16.97
CA GLU A 158 -13.86 35.01 -16.52
C GLU A 158 -12.98 36.00 -17.28
N SER A 159 -11.68 35.72 -17.44
CA SER A 159 -10.71 36.65 -18.06
C SER A 159 -11.07 36.88 -19.53
N MET A 160 -11.85 35.98 -20.15
CA MET A 160 -12.15 36.04 -21.60
C MET A 160 -13.64 36.38 -21.80
N GLY A 161 -14.26 36.94 -20.78
CA GLY A 161 -15.58 37.58 -20.89
C GLY A 161 -16.74 36.64 -20.57
N PHE A 162 -16.50 35.45 -20.01
CA PHE A 162 -17.59 34.47 -19.68
C PHE A 162 -17.94 34.54 -18.18
N LYS A 163 -19.22 34.66 -17.89
CA LYS A 163 -19.72 34.72 -16.49
C LYS A 163 -19.97 33.28 -16.02
N THR A 164 -19.19 32.83 -15.05
CA THR A 164 -19.31 31.48 -14.44
C THR A 164 -20.50 31.48 -13.47
N PHE A 165 -21.03 30.29 -13.17
CA PHE A 165 -22.16 30.09 -12.24
C PHE A 165 -21.69 30.17 -10.78
N GLY A 166 -20.38 30.11 -10.56
CA GLY A 166 -19.79 30.14 -9.21
C GLY A 166 -18.66 29.11 -9.02
N PHE A 167 -18.27 28.92 -7.77
CA PHE A 167 -17.11 28.08 -7.41
C PHE A 167 -17.21 27.72 -5.93
N ALA A 168 -16.93 26.46 -5.62
CA ALA A 168 -16.72 26.00 -4.24
C ALA A 168 -15.28 25.47 -4.13
N GLY A 169 -14.62 25.85 -3.04
CA GLY A 169 -13.39 25.21 -2.56
C GLY A 169 -13.75 24.08 -1.61
N GLY A 170 -12.76 23.28 -1.22
CA GLY A 170 -12.92 22.18 -0.26
C GLY A 170 -12.40 20.86 -0.76
N ARG A 171 -11.85 20.80 -1.98
CA ARG A 171 -11.23 19.54 -2.47
C ARG A 171 -9.86 19.32 -1.77
N ALA A 172 -9.78 18.49 -0.73
CA ALA A 172 -8.51 18.18 -0.02
C ALA A 172 -7.55 17.51 -1.02
N ASP A 173 -6.27 17.84 -0.96
CA ASP A 173 -5.25 17.13 -1.79
C ASP A 173 -5.10 15.69 -1.30
N THR A 174 -4.73 14.79 -2.21
CA THR A 174 -4.36 13.39 -1.90
C THR A 174 -2.90 13.22 -2.32
N TRP A 175 -2.26 12.14 -1.90
CA TRP A 175 -0.78 12.03 -1.90
C TRP A 175 -0.33 10.73 -2.58
N GLU A 176 -1.27 9.98 -3.18
CA GLU A 176 -0.94 8.77 -3.97
C GLU A 176 -2.07 8.46 -4.96
N PRO A 177 -1.79 7.70 -6.04
CA PRO A 177 -2.81 7.35 -7.04
C PRO A 177 -4.02 6.60 -6.46
N GLU A 178 -5.24 7.04 -6.76
CA GLU A 178 -6.53 6.31 -6.59
C GLU A 178 -6.34 4.94 -7.29
N ASP A 179 -6.86 3.86 -6.71
CA ASP A 179 -6.92 2.55 -7.39
C ASP A 179 -8.19 2.53 -8.22
N VAL A 180 -8.07 2.66 -9.52
CA VAL A 180 -9.28 2.71 -10.38
C VAL A 180 -9.13 1.69 -11.51
N TYR A 181 -10.21 0.99 -11.85
CA TYR A 181 -10.28 0.16 -13.07
C TYR A 181 -10.56 1.09 -14.24
N TRP A 182 -9.58 1.27 -15.12
CA TRP A 182 -9.68 2.16 -16.31
C TRP A 182 -9.89 1.33 -17.58
N GLY A 183 -9.85 0.00 -17.45
CA GLY A 183 -9.98 -0.95 -18.56
C GLY A 183 -8.87 -1.98 -18.51
N SER A 184 -8.92 -2.98 -19.39
CA SER A 184 -8.02 -4.18 -19.34
C SER A 184 -6.98 -4.13 -20.46
N GLU A 185 -7.05 -3.13 -21.36
CA GLU A 185 -6.14 -3.05 -22.53
C GLU A 185 -4.72 -2.79 -22.03
N LYS A 186 -3.73 -3.29 -22.77
CA LYS A 186 -2.30 -3.31 -22.40
C LYS A 186 -1.54 -2.37 -23.34
N ILE A 187 -2.28 -1.72 -24.24
CA ILE A 187 -1.76 -0.76 -25.25
C ILE A 187 -2.56 0.54 -25.13
N TRP A 188 -1.88 1.69 -25.08
CA TRP A 188 -2.53 3.04 -25.04
C TRP A 188 -3.37 3.20 -26.30
N LEU A 189 -4.61 3.69 -26.16
CA LEU A 189 -5.49 4.07 -27.29
C LEU A 189 -5.86 2.87 -28.18
N GLU A 190 -5.64 1.63 -27.70
CA GLU A 190 -5.94 0.42 -28.51
C GLU A 190 -7.36 0.58 -29.11
N LEU A 191 -7.48 0.42 -30.44
CA LEU A 191 -8.80 0.40 -31.13
C LEU A 191 -9.61 -0.77 -30.58
N SER A 192 -10.94 -0.69 -30.66
CA SER A 192 -11.84 -1.71 -30.09
C SER A 192 -11.69 -3.03 -30.86
N GLY A 193 -12.10 -4.15 -30.27
CA GLY A 193 -12.19 -5.47 -30.95
C GLY A 193 -10.94 -6.31 -30.69
N GLY A 194 -10.11 -5.88 -29.75
CA GLY A 194 -8.83 -6.56 -29.40
C GLY A 194 -9.05 -7.63 -28.34
N PRO A 195 -7.98 -8.31 -27.91
CA PRO A 195 -8.09 -9.33 -26.86
C PRO A 195 -8.67 -8.79 -25.54
N ASN A 196 -8.57 -7.48 -25.30
CA ASN A 196 -9.07 -6.84 -24.05
C ASN A 196 -10.13 -5.78 -24.38
N SER A 197 -10.87 -5.95 -25.47
CA SER A 197 -11.91 -5.00 -25.96
C SER A 197 -12.84 -4.58 -24.82
N ARG A 198 -13.08 -3.28 -24.67
CA ARG A 198 -14.06 -2.72 -23.70
C ARG A 198 -15.44 -2.68 -24.37
N TYR A 199 -15.55 -3.20 -25.59
CA TYR A 199 -16.83 -3.26 -26.35
C TYR A 199 -17.21 -4.72 -26.63
N SER A 200 -18.51 -4.99 -26.52
CA SER A 200 -19.17 -6.27 -26.90
C SER A 200 -20.55 -5.95 -27.48
N GLY A 201 -21.22 -6.95 -28.08
CA GLY A 201 -22.55 -6.78 -28.70
C GLY A 201 -22.58 -5.63 -29.69
N ASP A 202 -23.69 -4.89 -29.75
CA ASP A 202 -23.86 -3.71 -30.65
C ASP A 202 -23.23 -2.49 -29.98
N ARG A 203 -21.90 -2.41 -30.00
CA ARG A 203 -21.06 -1.30 -29.46
C ARG A 203 -21.51 -0.95 -28.04
N GLN A 204 -21.59 -1.95 -27.16
CA GLN A 204 -21.95 -1.79 -25.72
C GLN A 204 -20.66 -1.67 -24.91
N LEU A 205 -20.45 -0.49 -24.31
CA LEU A 205 -19.23 -0.15 -23.53
C LEU A 205 -19.35 -0.83 -22.16
N GLU A 206 -18.34 -1.56 -21.70
CA GLU A 206 -18.43 -2.30 -20.40
C GLU A 206 -18.50 -1.30 -19.22
N ASN A 207 -19.45 -1.50 -18.32
CA ASN A 207 -19.42 -0.87 -16.97
C ASN A 207 -18.14 -1.29 -16.27
N PRO A 208 -17.53 -0.44 -15.41
CA PRO A 208 -17.96 0.94 -15.22
C PRO A 208 -17.25 1.99 -16.08
N LEU A 209 -16.79 1.65 -17.29
CA LEU A 209 -15.96 2.56 -18.12
C LEU A 209 -16.82 3.66 -18.76
N ALA A 210 -16.20 4.82 -19.04
CA ALA A 210 -16.89 6.01 -19.57
C ALA A 210 -16.04 6.67 -20.64
N ALA A 211 -15.17 5.90 -21.28
CA ALA A 211 -14.34 6.34 -22.44
C ALA A 211 -14.23 5.21 -23.44
N VAL A 212 -14.02 5.55 -24.70
CA VAL A 212 -14.10 4.61 -25.87
C VAL A 212 -12.76 3.86 -26.05
N GLN A 213 -11.67 4.43 -25.52
CA GLN A 213 -10.27 3.96 -25.70
C GLN A 213 -9.45 4.24 -24.43
N MET A 214 -8.53 3.34 -24.09
CA MET A 214 -7.61 3.43 -22.94
C MET A 214 -6.77 4.71 -23.07
N GLY A 215 -6.97 5.64 -22.15
CA GLY A 215 -6.17 6.88 -22.07
C GLY A 215 -6.88 8.06 -22.73
N LEU A 216 -8.14 7.88 -23.16
CA LEU A 216 -9.03 8.98 -23.62
C LEU A 216 -9.98 9.42 -22.48
N ILE A 217 -10.41 10.68 -22.52
CA ILE A 217 -11.37 11.28 -21.55
C ILE A 217 -12.79 10.79 -21.87
N TYR A 218 -13.29 11.05 -23.08
CA TYR A 218 -14.59 10.51 -23.52
C TYR A 218 -14.43 9.75 -24.85
N VAL A 219 -14.23 10.47 -25.95
CA VAL A 219 -14.33 9.91 -27.33
C VAL A 219 -13.11 10.32 -28.15
N ASN A 220 -12.98 9.65 -29.29
CA ASN A 220 -11.92 9.84 -30.31
C ASN A 220 -12.38 11.00 -31.18
N PRO A 221 -11.65 12.13 -31.15
CA PRO A 221 -12.02 13.32 -31.91
C PRO A 221 -11.98 13.13 -33.44
N GLU A 222 -11.34 12.04 -33.90
CA GLU A 222 -11.35 11.66 -35.34
C GLU A 222 -12.67 10.97 -35.69
N GLY A 223 -13.29 10.31 -34.70
CA GLY A 223 -14.50 9.47 -34.87
C GLY A 223 -14.26 8.06 -34.33
N PRO A 224 -15.31 7.23 -34.31
CA PRO A 224 -15.25 5.93 -33.64
C PRO A 224 -14.11 5.08 -34.23
N ASP A 225 -13.17 4.71 -33.35
CA ASP A 225 -11.95 3.94 -33.71
C ASP A 225 -11.26 4.58 -34.93
N GLY A 226 -11.32 5.91 -35.08
CA GLY A 226 -10.63 6.63 -36.16
C GLY A 226 -11.52 6.89 -37.38
N ASN A 227 -12.73 6.33 -37.42
CA ASN A 227 -13.61 6.47 -38.61
C ASN A 227 -14.27 7.84 -38.59
N PRO A 228 -13.88 8.79 -39.49
CA PRO A 228 -14.36 10.17 -39.40
C PRO A 228 -15.80 10.33 -39.88
N ASP A 229 -16.73 9.71 -39.17
CA ASP A 229 -18.19 9.83 -39.39
C ASP A 229 -18.83 10.54 -38.21
N PRO A 230 -19.30 11.79 -38.40
CA PRO A 230 -19.85 12.61 -37.31
C PRO A 230 -21.13 12.00 -36.72
N VAL A 231 -21.90 11.30 -37.55
CA VAL A 231 -23.17 10.65 -37.10
C VAL A 231 -22.80 9.53 -36.13
N ALA A 232 -21.85 8.67 -36.49
CA ALA A 232 -21.42 7.53 -35.66
C ALA A 232 -20.72 8.05 -34.40
N ALA A 233 -19.94 9.12 -34.53
CA ALA A 233 -19.23 9.78 -33.41
C ALA A 233 -20.27 10.23 -32.37
N ALA A 234 -21.38 10.81 -32.85
CA ALA A 234 -22.47 11.35 -31.99
C ALA A 234 -22.92 10.24 -31.02
N ARG A 235 -22.92 8.99 -31.46
CA ARG A 235 -23.40 7.85 -30.64
C ARG A 235 -22.46 7.69 -29.43
N ASP A 236 -21.15 7.69 -29.69
CA ASP A 236 -20.09 7.57 -28.65
C ASP A 236 -20.18 8.78 -27.73
N ILE A 237 -20.40 9.99 -28.26
CA ILE A 237 -20.52 11.23 -27.45
C ILE A 237 -21.70 11.08 -26.47
N ARG A 238 -22.86 10.71 -26.97
CA ARG A 238 -24.09 10.59 -26.13
C ARG A 238 -23.85 9.53 -25.04
N ASP A 239 -23.27 8.39 -25.43
CA ASP A 239 -23.11 7.23 -24.50
C ASP A 239 -22.12 7.62 -23.39
N THR A 240 -20.93 8.14 -23.74
CA THR A 240 -19.85 8.45 -22.78
C THR A 240 -20.27 9.61 -21.86
N PHE A 241 -20.90 10.65 -22.41
CA PHE A 241 -21.38 11.81 -21.63
C PHE A 241 -22.50 11.37 -20.68
N ALA A 242 -23.43 10.50 -21.08
CA ALA A 242 -24.49 10.00 -20.17
C ALA A 242 -23.80 9.28 -19.01
N ARG A 243 -22.72 8.58 -19.30
CA ARG A 243 -21.95 7.80 -18.30
C ARG A 243 -21.07 8.71 -17.46
N MET A 244 -21.09 10.02 -17.74
CA MET A 244 -20.47 11.06 -16.88
C MET A 244 -21.53 12.07 -16.37
N ALA A 245 -22.81 11.67 -16.37
CA ALA A 245 -23.97 12.37 -15.74
C ALA A 245 -24.43 13.56 -16.56
N MET A 246 -24.19 13.59 -17.87
CA MET A 246 -24.55 14.74 -18.75
C MET A 246 -25.57 14.32 -19.81
N ASN A 247 -26.68 15.05 -19.91
CA ASN A 247 -27.74 14.80 -20.91
C ASN A 247 -27.39 15.54 -22.23
N ASP A 248 -28.27 15.54 -23.22
CA ASP A 248 -28.00 16.11 -24.56
C ASP A 248 -27.72 17.62 -24.42
N GLU A 249 -28.59 18.36 -23.76
CA GLU A 249 -28.45 19.83 -23.63
C GLU A 249 -27.11 20.15 -22.94
N GLU A 250 -26.75 19.39 -21.92
CA GLU A 250 -25.53 19.70 -21.13
C GLU A 250 -24.32 19.41 -22.02
N THR A 251 -24.36 18.29 -22.73
CA THR A 251 -23.28 17.80 -23.61
C THR A 251 -22.99 18.85 -24.72
N VAL A 252 -24.03 19.26 -25.45
CA VAL A 252 -23.90 20.31 -26.49
C VAL A 252 -23.33 21.58 -25.85
N ALA A 253 -23.86 22.04 -24.70
CA ALA A 253 -23.40 23.29 -24.08
C ALA A 253 -21.91 23.19 -23.76
N LEU A 254 -21.46 22.06 -23.22
CA LEU A 254 -20.05 21.88 -22.78
C LEU A 254 -19.11 21.87 -23.99
N ILE A 255 -19.43 21.11 -25.04
CA ILE A 255 -18.46 20.88 -26.16
C ILE A 255 -18.31 22.21 -26.93
N ALA A 256 -19.42 22.86 -27.27
CA ALA A 256 -19.45 24.14 -28.04
C ALA A 256 -18.91 25.26 -27.15
N GLY A 257 -19.18 25.18 -25.84
CA GLY A 257 -18.63 26.15 -24.88
C GLY A 257 -17.11 26.06 -24.81
N GLY A 258 -16.56 24.88 -24.61
CA GLY A 258 -15.10 24.68 -24.57
C GLY A 258 -14.47 25.12 -25.87
N HIS A 259 -15.03 24.66 -27.00
CA HIS A 259 -14.42 24.82 -28.35
C HIS A 259 -14.78 26.21 -28.90
N THR A 260 -15.28 27.08 -28.03
CA THR A 260 -15.32 28.55 -28.26
C THR A 260 -13.91 29.10 -28.08
N PHE A 261 -13.03 28.42 -27.34
CA PHE A 261 -11.72 28.97 -26.93
C PHE A 261 -10.55 28.15 -27.49
N GLY A 262 -9.46 28.86 -27.78
CA GLY A 262 -8.14 28.23 -28.01
C GLY A 262 -8.07 27.43 -29.30
N LYS A 263 -7.21 26.41 -29.32
CA LYS A 263 -6.86 25.61 -30.52
C LYS A 263 -6.31 24.25 -30.10
N THR A 264 -6.29 23.31 -31.05
CA THR A 264 -5.56 22.03 -30.97
C THR A 264 -4.12 22.22 -31.45
N HIS A 265 -3.26 21.22 -31.26
CA HIS A 265 -1.82 21.27 -31.66
C HIS A 265 -1.45 20.01 -32.44
N GLY A 266 -1.11 20.16 -33.71
CA GLY A 266 -0.73 19.03 -34.59
C GLY A 266 0.24 19.46 -35.69
N ALA A 267 1.23 20.28 -35.34
CA ALA A 267 2.01 21.07 -36.32
C ALA A 267 2.86 20.13 -37.19
N GLY A 268 3.15 18.93 -36.72
CA GLY A 268 4.00 17.97 -37.44
C GLY A 268 3.74 16.55 -36.97
N PRO A 269 4.44 15.57 -37.55
CA PRO A 269 4.17 14.16 -37.26
C PRO A 269 4.31 13.80 -35.78
N ALA A 270 3.45 12.90 -35.29
CA ALA A 270 3.37 12.47 -33.89
C ALA A 270 4.68 11.80 -33.49
N SER A 271 5.37 11.18 -34.44
CA SER A 271 6.60 10.39 -34.16
C SER A 271 7.68 11.33 -33.61
N ASN A 272 7.51 12.65 -33.74
CA ASN A 272 8.39 13.66 -33.10
C ASN A 272 8.26 13.65 -31.57
N VAL A 273 7.12 13.20 -31.01
CA VAL A 273 6.82 13.36 -29.56
C VAL A 273 7.42 12.18 -28.77
N GLY A 274 8.24 12.45 -27.75
CA GLY A 274 8.83 11.42 -26.87
C GLY A 274 7.95 11.02 -25.67
N ALA A 275 8.58 10.39 -24.69
CA ALA A 275 7.95 9.59 -23.62
C ALA A 275 6.99 10.48 -22.80
N GLU A 276 5.83 9.94 -22.46
CA GLU A 276 4.91 10.49 -21.43
C GLU A 276 5.68 10.69 -20.11
N PRO A 277 5.19 11.59 -19.22
CA PRO A 277 5.93 11.95 -18.00
C PRO A 277 6.45 10.78 -17.15
N GLU A 278 5.65 9.73 -16.93
CA GLU A 278 5.99 8.57 -16.04
C GLU A 278 7.07 7.70 -16.71
N ALA A 279 7.26 7.81 -18.02
CA ALA A 279 8.28 7.05 -18.79
C ALA A 279 9.50 7.93 -19.06
N ALA A 280 9.43 9.24 -18.88
CA ALA A 280 10.52 10.15 -19.32
C ALA A 280 11.72 9.99 -18.38
N GLY A 281 12.85 10.54 -18.79
CA GLY A 281 14.06 10.67 -17.98
C GLY A 281 13.86 11.55 -16.76
N ILE A 282 14.68 11.27 -15.76
CA ILE A 282 14.71 11.99 -14.46
C ILE A 282 15.00 13.48 -14.69
N GLU A 283 15.73 13.85 -15.75
CA GLU A 283 16.14 15.25 -16.01
C GLU A 283 14.97 16.09 -16.54
N ALA A 284 13.92 15.47 -17.10
CA ALA A 284 12.69 16.15 -17.55
C ALA A 284 11.93 16.72 -16.34
N GLN A 285 12.24 16.25 -15.12
CA GLN A 285 11.71 16.84 -13.85
C GLN A 285 10.18 16.91 -13.95
N GLY A 286 9.55 15.79 -14.25
CA GLY A 286 8.10 15.59 -14.11
C GLY A 286 7.32 16.03 -15.33
N LEU A 287 8.01 16.54 -16.35
CA LEU A 287 7.37 16.84 -17.66
C LEU A 287 7.62 15.71 -18.67
N GLY A 288 6.86 15.74 -19.76
CA GLY A 288 6.87 14.67 -20.77
C GLY A 288 6.53 15.18 -22.16
N TRP A 289 6.38 14.25 -23.10
CA TRP A 289 5.98 14.54 -24.51
C TRP A 289 6.93 15.57 -25.14
N LYS A 290 8.23 15.50 -24.82
CA LYS A 290 9.27 16.36 -25.46
C LYS A 290 9.28 16.10 -26.97
N SER A 291 9.13 17.14 -27.79
CA SER A 291 8.94 17.04 -29.26
C SER A 291 10.24 17.44 -29.98
N ALA A 292 10.68 16.61 -30.91
CA ALA A 292 11.86 16.90 -31.75
C ALA A 292 11.43 17.74 -32.95
N TYR A 293 10.17 18.18 -33.02
CA TYR A 293 9.65 18.91 -34.21
C TYR A 293 9.93 20.41 -34.07
N ARG A 294 10.85 20.93 -34.90
CA ARG A 294 11.22 22.37 -34.95
C ARG A 294 11.50 22.81 -33.51
N THR A 295 10.85 23.86 -32.98
CA THR A 295 11.18 24.38 -31.62
C THR A 295 10.61 23.48 -30.51
N GLY A 296 9.70 22.56 -30.84
CA GLY A 296 9.06 21.61 -29.90
C GLY A 296 7.86 22.16 -29.13
N LYS A 297 7.45 23.40 -29.41
CA LYS A 297 6.51 24.18 -28.56
C LYS A 297 5.93 25.35 -29.35
N GLY A 298 5.01 26.12 -28.74
CA GLY A 298 4.40 27.29 -29.39
C GLY A 298 3.87 26.97 -30.77
N ALA A 299 4.39 27.63 -31.81
CA ALA A 299 3.91 27.54 -33.21
C ALA A 299 4.16 26.12 -33.74
N ASP A 300 5.04 25.35 -33.09
CA ASP A 300 5.45 24.00 -33.51
C ASP A 300 4.83 22.91 -32.61
N ALA A 301 3.93 23.27 -31.69
CA ALA A 301 3.43 22.34 -30.66
C ALA A 301 2.73 21.16 -31.33
N ILE A 302 2.95 19.97 -30.75
CA ILE A 302 2.16 18.75 -31.06
C ILE A 302 1.61 18.17 -29.76
N THR A 303 0.29 18.05 -29.69
CA THR A 303 -0.44 17.52 -28.51
C THR A 303 -1.30 16.35 -28.98
N SER A 304 -2.42 16.64 -29.66
CA SER A 304 -3.39 15.64 -30.15
C SER A 304 -2.97 15.12 -31.54
N GLY A 305 -2.23 15.91 -32.33
CA GLY A 305 -1.98 15.64 -33.75
C GLY A 305 -3.03 16.26 -34.66
N LEU A 306 -4.06 16.91 -34.12
CA LEU A 306 -5.01 17.70 -34.92
C LEU A 306 -4.58 19.17 -34.92
N GLU A 307 -4.93 19.91 -35.96
CA GLU A 307 -4.60 21.36 -36.04
C GLU A 307 -5.87 22.08 -36.48
N VAL A 308 -6.67 22.43 -35.47
CA VAL A 308 -7.98 23.11 -35.58
C VAL A 308 -7.98 24.33 -34.64
N THR A 309 -8.42 25.46 -35.18
CA THR A 309 -8.77 26.67 -34.43
C THR A 309 -10.20 27.02 -34.79
N TRP A 310 -11.11 26.96 -33.81
CA TRP A 310 -12.58 27.03 -34.01
C TRP A 310 -13.07 28.44 -34.36
N THR A 311 -12.64 29.50 -33.65
CA THR A 311 -13.30 30.83 -33.74
C THR A 311 -12.33 31.92 -34.18
N THR A 312 -12.92 33.05 -34.61
CA THR A 312 -12.18 34.25 -35.08
C THR A 312 -11.57 34.98 -33.87
N THR A 313 -12.04 34.73 -32.65
CA THR A 313 -11.47 35.35 -31.42
C THR A 313 -11.23 34.26 -30.37
N PRO A 314 -10.19 33.43 -30.53
CA PRO A 314 -9.96 32.30 -29.64
C PRO A 314 -9.72 32.67 -28.17
N THR A 315 -9.57 33.96 -27.86
CA THR A 315 -9.31 34.41 -26.47
C THR A 315 -10.46 35.28 -25.95
N GLN A 316 -11.61 35.23 -26.61
CA GLN A 316 -12.83 35.96 -26.16
C GLN A 316 -14.05 35.06 -26.32
N TRP A 317 -14.90 35.04 -25.29
CA TRP A 317 -16.23 34.42 -25.38
C TRP A 317 -16.99 35.07 -26.55
N SER A 318 -17.69 34.25 -27.32
CA SER A 318 -18.44 34.66 -28.53
C SER A 318 -19.53 33.61 -28.78
N HIS A 319 -20.32 33.78 -29.84
CA HIS A 319 -21.17 32.69 -30.40
C HIS A 319 -20.68 32.34 -31.82
N ASN A 320 -19.36 32.46 -32.03
CA ASN A 320 -18.74 32.21 -33.36
C ASN A 320 -18.60 30.70 -33.61
N PHE A 321 -18.60 29.84 -32.57
CA PHE A 321 -18.49 28.38 -32.79
C PHE A 321 -19.70 27.96 -33.62
N PHE A 322 -20.93 28.32 -33.21
CA PHE A 322 -22.17 27.91 -33.94
C PHE A 322 -22.31 28.69 -35.26
N GLU A 323 -21.88 29.95 -35.30
CA GLU A 323 -21.89 30.75 -36.55
C GLU A 323 -21.06 29.97 -37.59
N ASN A 324 -19.89 29.49 -37.21
CA ASN A 324 -19.03 28.69 -38.14
C ASN A 324 -19.68 27.33 -38.42
N LEU A 325 -20.13 26.62 -37.38
CA LEU A 325 -20.68 25.25 -37.54
C LEU A 325 -21.79 25.28 -38.61
N PHE A 326 -22.69 26.26 -38.53
CA PHE A 326 -23.92 26.31 -39.35
C PHE A 326 -23.71 27.17 -40.61
N GLY A 327 -22.75 28.10 -40.60
CA GLY A 327 -22.51 29.05 -41.71
C GLY A 327 -21.63 28.46 -42.82
N TYR A 328 -21.04 27.28 -42.66
CA TYR A 328 -20.19 26.69 -43.71
C TYR A 328 -20.58 25.24 -43.96
N GLU A 329 -20.21 24.72 -45.13
CA GLU A 329 -20.12 23.27 -45.43
C GLU A 329 -18.69 22.81 -45.16
N TRP A 330 -18.51 21.55 -44.78
CA TRP A 330 -17.23 21.02 -44.22
C TRP A 330 -16.62 19.93 -45.12
N GLU A 331 -15.31 19.97 -45.32
CA GLU A 331 -14.58 19.04 -46.20
C GLU A 331 -13.57 18.25 -45.37
N LEU A 332 -13.60 16.92 -45.50
CA LEU A 332 -12.63 16.02 -44.84
C LEU A 332 -11.22 16.29 -45.36
N THR A 333 -10.25 16.43 -44.44
CA THR A 333 -8.85 16.85 -44.70
C THR A 333 -7.95 16.17 -43.66
N LYS A 334 -6.64 16.43 -43.69
CA LYS A 334 -5.65 15.82 -42.78
C LYS A 334 -4.76 16.91 -42.19
N SER A 335 -4.53 16.83 -40.87
CA SER A 335 -3.59 17.71 -40.15
C SER A 335 -2.20 17.44 -40.71
N PRO A 336 -1.22 18.34 -40.46
CA PRO A 336 0.19 18.01 -40.69
C PRO A 336 0.67 16.68 -40.09
N ALA A 337 -0.05 16.13 -39.11
CA ALA A 337 0.34 14.89 -38.40
C ALA A 337 -0.40 13.71 -39.03
N GLY A 338 -1.31 13.98 -39.96
CA GLY A 338 -2.05 12.93 -40.70
C GLY A 338 -3.35 12.54 -40.03
N ALA A 339 -3.85 13.33 -39.06
CA ALA A 339 -5.17 13.08 -38.41
C ALA A 339 -6.32 13.58 -39.30
N HIS A 340 -7.45 12.87 -39.32
CA HIS A 340 -8.73 13.35 -39.92
C HIS A 340 -9.27 14.58 -39.18
N GLN A 341 -9.61 15.61 -39.95
CA GLN A 341 -10.26 16.85 -39.48
C GLN A 341 -10.91 17.54 -40.67
N TRP A 342 -11.64 18.61 -40.43
CA TRP A 342 -12.54 19.22 -41.44
C TRP A 342 -12.19 20.69 -41.60
N VAL A 343 -12.35 21.21 -42.82
CA VAL A 343 -12.08 22.63 -43.17
C VAL A 343 -13.32 23.14 -43.90
N ALA A 344 -13.63 24.42 -43.72
CA ALA A 344 -14.76 25.13 -44.35
C ALA A 344 -14.49 25.31 -45.84
N LYS A 345 -15.38 24.75 -46.66
CA LYS A 345 -15.40 24.87 -48.15
C LYS A 345 -15.58 26.33 -48.53
N GLY A 346 -14.69 26.83 -49.41
CA GLY A 346 -14.80 28.16 -50.06
C GLY A 346 -14.65 29.31 -49.08
N ALA A 347 -14.05 29.08 -47.92
CA ALA A 347 -13.98 30.09 -46.84
C ALA A 347 -12.79 31.03 -47.08
N ASP A 348 -12.93 32.28 -46.62
CA ASP A 348 -11.83 33.25 -46.42
C ASP A 348 -10.94 32.78 -45.27
N ALA A 349 -9.67 33.22 -45.25
CA ALA A 349 -8.77 33.13 -44.08
C ALA A 349 -9.22 34.14 -43.03
N VAL A 350 -10.08 33.76 -42.09
CA VAL A 350 -10.70 34.71 -41.11
C VAL A 350 -10.19 34.41 -39.70
N ILE A 351 -9.61 33.22 -39.49
CA ILE A 351 -9.16 32.74 -38.15
C ILE A 351 -7.72 33.19 -37.93
N PRO A 352 -7.41 33.84 -36.80
CA PRO A 352 -6.03 34.28 -36.54
C PRO A 352 -5.08 33.11 -36.23
N ASP A 353 -3.83 33.31 -36.60
CA ASP A 353 -2.71 32.39 -36.28
C ASP A 353 -2.31 32.61 -34.81
N ALA A 354 -1.79 31.59 -34.14
CA ALA A 354 -1.44 31.65 -32.70
C ALA A 354 -0.21 32.56 -32.46
N PHE A 355 0.70 32.74 -33.43
CA PHE A 355 2.01 33.43 -33.18
C PHE A 355 2.35 34.52 -34.23
N ASP A 356 1.79 34.45 -35.43
CA ASP A 356 2.22 35.31 -36.57
C ASP A 356 1.06 36.24 -36.95
N PRO A 357 1.10 37.51 -36.55
CA PRO A 357 -0.06 38.39 -36.72
C PRO A 357 -0.37 38.68 -38.19
N SER A 358 0.48 38.22 -39.11
CA SER A 358 0.34 38.46 -40.56
C SER A 358 -0.31 37.26 -41.25
N LYS A 359 -0.51 36.14 -40.54
CA LYS A 359 -1.17 34.93 -41.12
C LYS A 359 -2.59 34.73 -40.54
N LYS A 360 -3.49 34.26 -41.39
CA LYS A 360 -4.88 33.90 -41.04
C LYS A 360 -5.18 32.54 -41.68
N HIS A 361 -6.23 31.84 -41.20
CA HIS A 361 -6.54 30.46 -41.62
C HIS A 361 -8.04 30.34 -41.87
N ARG A 362 -8.44 29.30 -42.60
CA ARG A 362 -9.87 28.95 -42.84
C ARG A 362 -10.43 28.32 -41.56
N PRO A 363 -11.73 28.41 -41.32
CA PRO A 363 -12.37 27.65 -40.25
C PRO A 363 -12.18 26.15 -40.39
N THR A 364 -11.91 25.52 -39.26
CA THR A 364 -11.70 24.06 -39.12
C THR A 364 -12.60 23.57 -37.98
N MET A 365 -12.90 22.27 -38.00
CA MET A 365 -13.75 21.55 -37.02
C MET A 365 -13.20 20.13 -36.89
N LEU A 366 -13.42 19.51 -35.72
CA LEU A 366 -13.22 18.06 -35.49
C LEU A 366 -14.45 17.31 -36.01
N THR A 367 -14.31 16.04 -36.35
CA THR A 367 -15.46 15.14 -36.60
C THR A 367 -16.49 15.37 -35.48
N THR A 368 -16.03 15.42 -34.22
CA THR A 368 -16.92 15.34 -33.03
C THR A 368 -17.64 16.67 -32.86
N ASP A 369 -17.05 17.77 -33.35
CA ASP A 369 -17.76 19.06 -33.43
C ASP A 369 -18.91 18.94 -34.45
N LEU A 370 -18.67 18.30 -35.60
CA LEU A 370 -19.73 18.21 -36.64
C LEU A 370 -20.89 17.33 -36.13
N SER A 371 -20.62 16.42 -35.18
CA SER A 371 -21.66 15.65 -34.45
C SER A 371 -22.76 16.60 -33.98
N LEU A 372 -22.42 17.78 -33.48
CA LEU A 372 -23.43 18.71 -32.90
C LEU A 372 -24.38 19.24 -33.97
N ARG A 373 -24.02 19.14 -35.25
CA ARG A 373 -24.88 19.57 -36.39
C ARG A 373 -25.52 18.36 -37.08
N PHE A 374 -24.82 17.23 -37.21
CA PHE A 374 -25.32 16.11 -38.06
C PHE A 374 -26.05 15.02 -37.24
N ASP A 375 -25.99 15.02 -35.90
CA ASP A 375 -26.90 14.18 -35.09
C ASP A 375 -28.21 14.94 -34.95
N PRO A 376 -29.38 14.35 -35.29
CA PRO A 376 -30.63 15.10 -35.34
C PRO A 376 -31.07 15.69 -33.99
N ALA A 377 -30.85 14.96 -32.90
CA ALA A 377 -31.24 15.46 -31.56
C ALA A 377 -30.30 16.61 -31.16
N TYR A 378 -28.99 16.48 -31.41
CA TYR A 378 -27.98 17.54 -31.10
C TYR A 378 -28.28 18.80 -31.94
N GLU A 379 -28.67 18.60 -33.20
CA GLU A 379 -28.88 19.71 -34.17
C GLU A 379 -29.97 20.65 -33.64
N LYS A 380 -31.05 20.12 -33.05
CA LYS A 380 -32.16 20.95 -32.52
C LYS A 380 -31.61 21.85 -31.41
N ILE A 381 -30.81 21.30 -30.50
CA ILE A 381 -30.22 22.07 -29.36
C ILE A 381 -29.20 23.10 -29.89
N SER A 382 -28.34 22.68 -30.81
CA SER A 382 -27.29 23.53 -31.41
C SER A 382 -27.96 24.69 -32.14
N ARG A 383 -29.08 24.45 -32.86
CA ARG A 383 -29.82 25.53 -33.58
CA ARG A 383 -29.79 25.55 -33.58
C ARG A 383 -30.40 26.51 -32.56
N ARG A 384 -30.95 26.00 -31.45
CA ARG A 384 -31.56 26.84 -30.40
C ARG A 384 -30.49 27.74 -29.77
N PHE A 385 -29.32 27.16 -29.47
CA PHE A 385 -28.16 27.88 -28.88
C PHE A 385 -27.61 28.91 -29.90
N HIS A 386 -27.53 28.54 -31.18
CA HIS A 386 -27.14 29.45 -32.29
C HIS A 386 -28.06 30.68 -32.31
N GLU A 387 -29.38 30.46 -32.35
CA GLU A 387 -30.41 31.52 -32.48
CA GLU A 387 -30.31 31.60 -32.51
C GLU A 387 -30.49 32.32 -31.17
N ASN A 388 -30.11 31.68 -30.06
CA ASN A 388 -30.31 32.29 -28.72
C ASN A 388 -29.04 32.17 -27.87
N PRO A 389 -27.97 32.93 -28.15
CA PRO A 389 -26.69 32.69 -27.48
C PRO A 389 -26.73 32.91 -25.96
N GLU A 390 -27.75 33.62 -25.45
CA GLU A 390 -27.93 33.83 -23.99
C GLU A 390 -28.35 32.49 -23.36
N GLN A 391 -29.12 31.67 -24.06
CA GLN A 391 -29.55 30.31 -23.57
C GLN A 391 -28.29 29.43 -23.54
N PHE A 392 -27.46 29.54 -24.55
CA PHE A 392 -26.18 28.81 -24.69
C PHE A 392 -25.30 29.17 -23.49
N ALA A 393 -25.11 30.45 -23.23
CA ALA A 393 -24.21 30.93 -22.14
C ALA A 393 -24.71 30.41 -20.78
N ASP A 394 -26.02 30.41 -20.52
CA ASP A 394 -26.57 29.96 -19.21
C ASP A 394 -26.41 28.43 -19.07
N ALA A 395 -26.71 27.65 -20.11
CA ALA A 395 -26.55 26.17 -20.12
C ALA A 395 -25.09 25.81 -19.87
N PHE A 396 -24.19 26.49 -20.57
CA PHE A 396 -22.74 26.22 -20.47
C PHE A 396 -22.34 26.49 -19.02
N ALA A 397 -22.75 27.62 -18.46
CA ALA A 397 -22.29 28.02 -17.11
C ALA A 397 -22.75 26.96 -16.07
N ARG A 398 -23.99 26.48 -16.21
CA ARG A 398 -24.61 25.51 -15.28
C ARG A 398 -23.93 24.17 -15.48
N ALA A 399 -23.66 23.79 -16.73
CA ALA A 399 -22.98 22.51 -17.05
C ALA A 399 -21.53 22.55 -16.57
N TRP A 400 -20.83 23.66 -16.78
CA TRP A 400 -19.43 23.81 -16.29
C TRP A 400 -19.39 23.69 -14.76
N PHE A 401 -20.35 24.30 -14.06
CA PHE A 401 -20.43 24.13 -12.58
C PHE A 401 -20.61 22.65 -12.22
N LYS A 402 -21.63 22.01 -12.80
CA LYS A 402 -22.00 20.61 -12.51
C LYS A 402 -20.78 19.71 -12.79
N LEU A 403 -20.20 19.82 -13.97
CA LEU A 403 -19.00 19.03 -14.37
C LEU A 403 -17.93 19.10 -13.27
N THR A 404 -17.53 20.32 -12.89
CA THR A 404 -16.38 20.58 -12.00
C THR A 404 -16.71 20.40 -10.51
N HIS A 405 -17.97 20.13 -10.13
CA HIS A 405 -18.39 19.98 -8.71
C HIS A 405 -19.10 18.63 -8.45
N ARG A 406 -19.20 17.76 -9.46
CA ARG A 406 -20.15 16.61 -9.50
C ARG A 406 -19.77 15.59 -8.42
N ASP A 407 -18.50 15.55 -8.06
CA ASP A 407 -17.91 14.58 -7.09
C ASP A 407 -17.56 15.24 -5.77
N MET A 408 -18.06 16.43 -5.49
CA MET A 408 -17.69 17.12 -4.23
C MET A 408 -18.60 16.70 -3.08
N GLY A 409 -19.71 16.06 -3.36
CA GLY A 409 -20.59 15.53 -2.30
C GLY A 409 -21.55 16.60 -1.80
N PRO A 410 -22.09 16.45 -0.58
CA PRO A 410 -23.17 17.35 -0.15
C PRO A 410 -22.74 18.82 -0.15
N ARG A 411 -23.71 19.75 -0.20
CA ARG A 411 -23.48 21.23 -0.26
C ARG A 411 -22.78 21.69 1.01
N ALA A 412 -22.91 20.97 2.12
CA ALA A 412 -22.17 21.24 3.38
C ALA A 412 -20.66 21.28 3.13
N ARG A 413 -20.13 20.52 2.16
CA ARG A 413 -18.67 20.48 1.94
C ARG A 413 -18.19 21.75 1.18
N TYR A 414 -19.09 22.57 0.62
CA TYR A 414 -18.73 23.65 -0.33
C TYR A 414 -18.19 24.84 0.47
N LEU A 415 -17.01 25.34 0.16
CA LEU A 415 -16.36 26.43 0.93
C LEU A 415 -16.26 27.72 0.10
N GLY A 416 -16.19 28.86 0.78
CA GLY A 416 -15.69 30.09 0.16
C GLY A 416 -16.82 31.04 -0.20
N PRO A 417 -16.50 32.24 -0.69
CA PRO A 417 -17.51 33.26 -0.98
C PRO A 417 -18.23 33.17 -2.33
N GLU A 418 -17.97 32.16 -3.17
CA GLU A 418 -18.50 32.14 -4.57
C GLU A 418 -19.45 30.94 -4.75
N VAL A 419 -19.85 30.29 -3.67
CA VAL A 419 -20.77 29.12 -3.75
C VAL A 419 -22.12 29.60 -4.27
N PRO A 420 -22.68 29.01 -5.34
CA PRO A 420 -24.00 29.40 -5.83
C PRO A 420 -25.06 29.11 -4.76
N ALA A 421 -26.01 30.04 -4.60
CA ALA A 421 -27.10 29.92 -3.61
C ALA A 421 -28.17 28.96 -4.15
N GLU A 422 -28.30 28.84 -5.48
CA GLU A 422 -29.34 27.97 -6.11
C GLU A 422 -29.02 26.50 -5.78
N VAL A 423 -30.02 25.79 -5.28
CA VAL A 423 -29.93 24.35 -4.98
C VAL A 423 -30.32 23.60 -6.25
N LEU A 424 -29.45 22.72 -6.75
CA LEU A 424 -29.65 21.98 -8.02
C LEU A 424 -30.08 20.55 -7.72
N LEU A 425 -31.05 20.05 -8.47
CA LEU A 425 -31.53 18.66 -8.35
C LEU A 425 -30.34 17.69 -8.28
N TRP A 426 -29.31 17.88 -9.11
CA TRP A 426 -28.19 16.89 -9.21
C TRP A 426 -27.44 16.76 -7.88
N GLN A 427 -27.53 17.76 -6.99
CA GLN A 427 -26.81 17.79 -5.68
C GLN A 427 -27.45 16.84 -4.64
N ASP A 428 -28.54 16.15 -5.01
CA ASP A 428 -29.33 15.29 -4.07
C ASP A 428 -29.60 16.06 -2.79
N PRO A 429 -30.24 17.25 -2.87
CA PRO A 429 -30.28 18.17 -1.74
C PRO A 429 -31.08 17.68 -0.52
N ILE A 430 -30.58 18.07 0.65
CA ILE A 430 -31.11 17.82 2.02
C ILE A 430 -31.67 19.16 2.51
N PRO A 431 -32.95 19.24 2.92
CA PRO A 431 -33.48 20.49 3.48
C PRO A 431 -32.72 20.93 4.73
N ALA A 432 -32.68 22.23 4.99
CA ALA A 432 -32.12 22.81 6.22
C ALA A 432 -32.91 22.26 7.42
N VAL A 433 -32.28 22.20 8.57
CA VAL A 433 -33.01 21.86 9.83
C VAL A 433 -33.25 23.17 10.57
N ASP A 434 -34.49 23.45 10.92
CA ASP A 434 -35.00 24.75 11.43
C ASP A 434 -35.56 24.60 12.85
N HIS A 435 -35.19 23.54 13.59
CA HIS A 435 -35.84 23.14 14.87
C HIS A 435 -34.84 22.46 15.80
N PRO A 436 -35.10 22.49 17.12
CA PRO A 436 -34.24 21.80 18.09
C PRO A 436 -34.14 20.29 17.80
N LEU A 437 -32.96 19.71 18.04
CA LEU A 437 -32.69 18.28 17.86
C LEU A 437 -33.00 17.51 19.15
N ILE A 438 -33.26 16.21 19.02
CA ILE A 438 -33.40 15.31 20.18
C ILE A 438 -32.08 15.26 20.95
N ASP A 439 -32.19 15.13 22.26
CA ASP A 439 -31.02 15.01 23.16
C ASP A 439 -30.85 13.54 23.55
N ALA A 440 -29.88 13.25 24.42
CA ALA A 440 -29.49 11.89 24.84
C ALA A 440 -30.70 11.17 25.45
N ALA A 441 -31.45 11.82 26.33
CA ALA A 441 -32.65 11.22 26.99
C ALA A 441 -33.74 10.92 25.94
N ASP A 442 -33.94 11.80 24.95
CA ASP A 442 -34.91 11.57 23.83
C ASP A 442 -34.50 10.33 23.05
N ALA A 443 -33.22 10.16 22.77
CA ALA A 443 -32.68 9.06 21.96
C ALA A 443 -32.90 7.75 22.73
N ALA A 444 -32.71 7.77 24.04
CA ALA A 444 -32.94 6.59 24.91
C ALA A 444 -34.43 6.24 24.87
N GLU A 445 -35.30 7.25 24.93
CA GLU A 445 -36.77 7.04 24.93
C GLU A 445 -37.17 6.41 23.59
N LEU A 446 -36.69 6.96 22.47
CA LEU A 446 -37.05 6.48 21.11
C LEU A 446 -36.53 5.05 20.91
N LYS A 447 -35.32 4.73 21.35
CA LYS A 447 -34.74 3.36 21.22
C LYS A 447 -35.65 2.37 21.95
N ALA A 448 -36.15 2.71 23.15
CA ALA A 448 -36.98 1.80 23.98
C ALA A 448 -38.35 1.59 23.30
N LYS A 449 -38.97 2.65 22.75
CA LYS A 449 -40.22 2.59 21.95
C LYS A 449 -40.00 1.73 20.70
N VAL A 450 -38.88 1.88 19.99
CA VAL A 450 -38.59 1.03 18.79
C VAL A 450 -38.58 -0.45 19.24
N LEU A 451 -37.90 -0.77 20.34
CA LEU A 451 -37.72 -2.18 20.78
C LEU A 451 -39.05 -2.74 21.31
N ALA A 452 -39.93 -1.88 21.82
CA ALA A 452 -41.23 -2.26 22.42
C ALA A 452 -42.27 -2.41 21.30
N SER A 453 -41.99 -1.90 20.11
CA SER A 453 -42.93 -1.99 18.96
C SER A 453 -43.01 -3.44 18.49
N GLY A 454 -41.98 -4.25 18.78
CA GLY A 454 -41.83 -5.62 18.27
C GLY A 454 -41.01 -5.72 16.97
N LEU A 455 -40.44 -4.63 16.46
CA LEU A 455 -39.47 -4.78 15.35
C LEU A 455 -38.29 -5.62 15.85
N THR A 456 -37.81 -6.56 15.05
CA THR A 456 -36.74 -7.50 15.45
C THR A 456 -35.35 -6.84 15.27
N VAL A 457 -34.34 -7.42 15.89
CA VAL A 457 -32.92 -7.04 15.61
C VAL A 457 -32.72 -7.08 14.09
N SER A 458 -33.10 -8.16 13.44
CA SER A 458 -32.83 -8.36 12.00
C SER A 458 -33.51 -7.24 11.17
N GLN A 459 -34.75 -6.86 11.47
CA GLN A 459 -35.46 -5.80 10.72
C GLN A 459 -34.75 -4.46 10.91
N LEU A 460 -34.37 -4.16 12.15
CA LEU A 460 -33.80 -2.83 12.52
C LEU A 460 -32.39 -2.70 11.90
N VAL A 461 -31.56 -3.74 11.97
CA VAL A 461 -30.16 -3.72 11.45
C VAL A 461 -30.17 -3.68 9.91
N SER A 462 -30.99 -4.53 9.29
CA SER A 462 -31.22 -4.59 7.81
C SER A 462 -31.64 -3.22 7.29
N THR A 463 -32.62 -2.57 7.90
CA THR A 463 -33.20 -1.29 7.40
C THR A 463 -32.13 -0.19 7.48
N ALA A 464 -31.50 -0.01 8.64
CA ALA A 464 -30.46 1.01 8.86
C ALA A 464 -29.26 0.71 7.91
N TRP A 465 -28.89 -0.56 7.72
CA TRP A 465 -27.81 -0.92 6.76
C TRP A 465 -28.21 -0.48 5.34
N ALA A 466 -29.42 -0.83 4.90
CA ALA A 466 -29.94 -0.51 3.56
C ALA A 466 -29.89 1.01 3.32
N ALA A 467 -30.16 1.83 4.35
CA ALA A 467 -30.25 3.29 4.22
C ALA A 467 -28.84 3.90 4.14
N ALA A 468 -27.92 3.48 5.03
CA ALA A 468 -26.61 4.13 5.23
C ALA A 468 -25.59 3.64 4.20
N SER A 469 -25.78 2.45 3.64
CA SER A 469 -24.74 1.72 2.88
C SER A 469 -24.76 2.08 1.40
N THR A 470 -25.60 3.04 0.99
CA THR A 470 -25.59 3.59 -0.38
C THR A 470 -24.44 4.60 -0.53
N PHE A 471 -23.84 5.07 0.57
CA PHE A 471 -22.73 6.05 0.51
C PHE A 471 -21.56 5.45 -0.27
N ARG A 472 -20.89 6.28 -1.06
CA ARG A 472 -19.61 5.92 -1.73
C ARG A 472 -18.67 7.13 -1.66
N GLY A 473 -17.48 6.91 -1.13
CA GLY A 473 -16.48 7.98 -0.87
C GLY A 473 -15.87 8.47 -2.18
N SER A 474 -16.16 7.80 -3.29
CA SER A 474 -15.62 8.17 -4.63
C SER A 474 -16.17 9.54 -5.11
N ASP A 475 -17.48 9.77 -4.99
CA ASP A 475 -18.11 11.09 -5.29
C ASP A 475 -18.99 11.59 -4.12
N LYS A 476 -18.93 10.93 -2.97
CA LYS A 476 -19.57 11.36 -1.71
C LYS A 476 -21.08 11.47 -1.89
N ARG A 477 -21.64 10.65 -2.79
CA ARG A 477 -23.11 10.51 -2.95
C ARG A 477 -23.59 9.42 -1.98
N GLY A 478 -24.87 9.45 -1.66
CA GLY A 478 -25.54 8.36 -0.90
C GLY A 478 -25.46 8.58 0.60
N GLY A 479 -25.92 7.59 1.36
CA GLY A 479 -25.95 7.67 2.84
C GLY A 479 -27.37 7.83 3.35
N ALA A 480 -27.54 7.76 4.66
CA ALA A 480 -28.87 7.75 5.32
C ALA A 480 -29.46 9.16 5.34
N ASN A 481 -28.64 10.22 5.27
CA ASN A 481 -29.18 11.59 5.34
C ASN A 481 -30.17 11.73 4.17
N GLY A 482 -31.35 12.34 4.40
CA GLY A 482 -32.37 12.51 3.35
C GLY A 482 -33.56 11.57 3.48
N ALA A 483 -33.37 10.43 4.14
CA ALA A 483 -34.33 9.30 4.22
C ALA A 483 -34.88 8.97 2.83
N ARG A 484 -33.99 8.80 1.84
CA ARG A 484 -34.43 8.54 0.44
C ARG A 484 -34.75 7.06 0.29
N ILE A 485 -34.45 6.26 1.30
CA ILE A 485 -34.85 4.84 1.30
C ILE A 485 -36.37 4.76 1.24
N ARG A 486 -37.09 5.78 1.72
CA ARG A 486 -38.58 5.76 1.69
C ARG A 486 -39.11 6.19 0.31
N LEU A 487 -38.26 6.71 -0.59
CA LEU A 487 -38.70 7.31 -1.85
C LEU A 487 -38.37 6.36 -3.00
N ALA A 488 -38.98 6.55 -4.18
CA ALA A 488 -38.48 5.98 -5.44
C ALA A 488 -37.09 6.55 -5.69
N PRO A 489 -36.16 5.74 -6.23
CA PRO A 489 -36.39 4.32 -6.45
C PRO A 489 -35.88 3.38 -5.34
N GLN A 490 -35.26 3.92 -4.30
CA GLN A 490 -34.59 3.11 -3.24
C GLN A 490 -35.61 2.14 -2.64
N LYS A 491 -36.87 2.58 -2.46
CA LYS A 491 -37.87 1.81 -1.67
C LYS A 491 -38.20 0.53 -2.42
N ASP A 492 -37.82 0.43 -3.71
CA ASP A 492 -38.20 -0.72 -4.57
C ASP A 492 -36.98 -1.51 -5.05
N TRP A 493 -35.78 -1.18 -4.59
CA TRP A 493 -34.56 -1.95 -4.95
C TRP A 493 -34.65 -3.33 -4.31
N GLU A 494 -34.37 -4.36 -5.11
CA GLU A 494 -34.47 -5.77 -4.68
C GLU A 494 -33.62 -6.00 -3.42
N ALA A 495 -32.39 -5.49 -3.35
CA ALA A 495 -31.53 -5.66 -2.16
C ALA A 495 -32.21 -5.11 -0.90
N ASN A 496 -33.05 -4.09 -1.02
CA ASN A 496 -33.71 -3.41 0.12
C ASN A 496 -34.97 -4.17 0.58
N GLN A 497 -35.36 -5.25 -0.12
CA GLN A 497 -36.48 -6.15 0.28
C GLN A 497 -37.77 -5.34 0.40
N PRO A 498 -38.34 -4.81 -0.69
CA PRO A 498 -39.30 -3.71 -0.61
C PRO A 498 -40.51 -3.91 0.32
N GLU A 499 -41.07 -5.12 0.37
CA GLU A 499 -42.25 -5.43 1.23
C GLU A 499 -41.86 -5.44 2.73
N GLN A 500 -40.71 -6.03 3.10
CA GLN A 500 -40.21 -5.97 4.49
C GLN A 500 -39.92 -4.50 4.83
N LEU A 501 -39.29 -3.78 3.91
CA LEU A 501 -38.92 -2.36 4.13
C LEU A 501 -40.17 -1.54 4.44
N ALA A 502 -41.19 -1.63 3.59
CA ALA A 502 -42.46 -0.88 3.74
C ALA A 502 -43.09 -1.15 5.12
N ALA A 503 -43.01 -2.37 5.64
CA ALA A 503 -43.60 -2.70 6.98
C ALA A 503 -42.78 -2.02 8.09
N VAL A 504 -41.44 -2.04 7.99
CA VAL A 504 -40.57 -1.40 9.02
C VAL A 504 -40.81 0.11 9.00
N LEU A 505 -40.86 0.71 7.81
CA LEU A 505 -41.02 2.19 7.68
C LEU A 505 -42.39 2.60 8.24
N GLU A 506 -43.43 1.80 8.03
CA GLU A 506 -44.80 2.10 8.55
C GLU A 506 -44.74 2.18 10.07
N THR A 507 -44.09 1.22 10.73
CA THR A 507 -44.01 1.19 12.19
C THR A 507 -43.19 2.38 12.68
N LEU A 508 -42.00 2.61 12.09
CA LEU A 508 -41.11 3.72 12.51
C LEU A 508 -41.86 5.06 12.35
N GLU A 509 -42.59 5.26 11.24
CA GLU A 509 -43.31 6.53 10.97
C GLU A 509 -44.41 6.74 12.04
N ALA A 510 -45.01 5.66 12.57
CA ALA A 510 -46.05 5.82 13.62
C ALA A 510 -45.35 6.22 14.93
N ILE A 511 -44.17 5.64 15.18
CA ILE A 511 -43.38 6.00 16.40
C ILE A 511 -42.99 7.48 16.28
N ARG A 512 -42.55 7.90 15.10
CA ARG A 512 -42.14 9.30 14.83
C ARG A 512 -43.31 10.26 15.14
N THR A 513 -44.46 10.01 14.52
CA THR A 513 -45.69 10.85 14.63
C THR A 513 -46.08 11.01 16.09
N ALA A 514 -46.08 9.92 16.85
CA ALA A 514 -46.44 9.91 18.28
C ALA A 514 -45.42 10.75 19.05
N PHE A 515 -44.12 10.60 18.75
CA PHE A 515 -43.07 11.33 19.49
C PHE A 515 -43.18 12.82 19.17
N ASN A 516 -43.30 13.14 17.88
CA ASN A 516 -43.31 14.56 17.42
C ASN A 516 -44.59 15.22 17.94
N GLY A 517 -45.72 14.50 17.97
CA GLY A 517 -47.01 15.02 18.48
C GLY A 517 -46.89 15.47 19.93
N ALA A 518 -46.13 14.76 20.74
CA ALA A 518 -46.06 14.97 22.20
C ALA A 518 -45.09 16.09 22.52
N GLN A 519 -44.32 16.60 21.55
CA GLN A 519 -43.18 17.51 21.86
C GLN A 519 -43.68 18.94 22.11
N ARG A 520 -42.89 19.70 22.87
CA ARG A 520 -42.95 21.18 22.96
C ARG A 520 -41.78 21.80 22.19
N GLY A 521 -41.94 23.09 21.87
CA GLY A 521 -40.81 24.00 21.61
C GLY A 521 -40.28 23.77 20.22
N GLY A 522 -41.08 23.11 19.38
CA GLY A 522 -40.74 22.79 17.99
C GLY A 522 -39.75 21.64 17.89
N LYS A 523 -39.38 20.98 18.99
CA LYS A 523 -38.44 19.84 18.91
C LYS A 523 -39.10 18.71 18.11
N GLN A 524 -38.38 18.13 17.16
CA GLN A 524 -38.91 16.98 16.39
C GLN A 524 -37.75 16.16 15.82
N VAL A 525 -38.03 14.90 15.47
CA VAL A 525 -37.04 13.95 14.93
C VAL A 525 -37.43 13.60 13.48
N SER A 526 -36.49 13.77 12.56
CA SER A 526 -36.62 13.33 11.14
C SER A 526 -36.78 11.80 11.07
N LEU A 527 -37.48 11.27 10.06
CA LEU A 527 -37.43 9.82 9.80
C LEU A 527 -35.99 9.39 9.52
N ALA A 528 -35.19 10.24 8.88
CA ALA A 528 -33.79 9.86 8.54
C ALA A 528 -33.01 9.54 9.82
N ASP A 529 -33.08 10.42 10.83
CA ASP A 529 -32.51 10.17 12.17
C ASP A 529 -33.15 8.90 12.77
N LEU A 530 -34.47 8.73 12.71
CA LEU A 530 -35.12 7.61 13.44
C LEU A 530 -34.71 6.28 12.81
N ILE A 531 -34.53 6.24 11.49
CA ILE A 531 -34.09 4.99 10.81
C ILE A 531 -32.74 4.56 11.38
N VAL A 532 -31.81 5.50 11.49
CA VAL A 532 -30.45 5.23 12.03
C VAL A 532 -30.56 4.90 13.52
N LEU A 533 -31.29 5.70 14.28
CA LEU A 533 -31.39 5.47 15.75
C LEU A 533 -32.03 4.09 16.00
N ALA A 534 -32.94 3.67 15.13
CA ALA A 534 -33.61 2.36 15.27
C ALA A 534 -32.56 1.25 15.08
N GLY A 535 -31.72 1.37 14.05
CA GLY A 535 -30.65 0.40 13.80
C GLY A 535 -29.70 0.33 14.98
N CYS A 536 -29.43 1.47 15.62
CA CYS A 536 -28.59 1.55 16.84
C CYS A 536 -29.24 0.75 17.99
N ALA A 537 -30.56 0.83 18.12
CA ALA A 537 -31.33 0.07 19.14
C ALA A 537 -31.18 -1.43 18.84
N GLY A 538 -31.35 -1.82 17.58
CA GLY A 538 -31.16 -3.23 17.13
C GLY A 538 -29.80 -3.77 17.52
N VAL A 539 -28.73 -2.97 17.32
CA VAL A 539 -27.36 -3.42 17.66
C VAL A 539 -27.23 -3.55 19.19
N GLU A 540 -27.75 -2.58 19.97
CA GLU A 540 -27.73 -2.64 21.46
C GLU A 540 -28.49 -3.88 21.96
N GLN A 541 -29.64 -4.17 21.36
CA GLN A 541 -30.46 -5.35 21.72
C GLN A 541 -29.67 -6.63 21.41
N ALA A 542 -29.00 -6.68 20.26
CA ALA A 542 -28.19 -7.85 19.86
C ALA A 542 -27.09 -8.08 20.89
N ALA A 543 -26.44 -7.01 21.33
CA ALA A 543 -25.38 -7.05 22.36
C ALA A 543 -25.98 -7.57 23.67
N LYS A 544 -27.14 -7.07 24.06
CA LYS A 544 -27.88 -7.55 25.26
C LYS A 544 -28.22 -9.03 25.12
N ASN A 545 -28.81 -9.44 23.98
CA ASN A 545 -29.06 -10.86 23.66
C ASN A 545 -27.81 -11.70 23.97
N ALA A 546 -26.60 -11.20 23.69
CA ALA A 546 -25.33 -11.94 23.87
C ALA A 546 -24.86 -11.88 25.33
N GLY A 547 -25.57 -11.10 26.16
CA GLY A 547 -25.21 -10.86 27.58
C GLY A 547 -24.24 -9.70 27.76
N HIS A 548 -24.32 -8.64 26.94
CA HIS A 548 -23.37 -7.49 26.92
C HIS A 548 -24.13 -6.17 26.76
N ALA A 549 -23.91 -5.24 27.69
CA ALA A 549 -24.57 -3.94 27.74
C ALA A 549 -23.64 -2.94 27.05
N VAL A 550 -24.04 -2.42 25.90
CA VAL A 550 -23.27 -1.37 25.17
C VAL A 550 -24.24 -0.25 24.85
N THR A 551 -23.72 0.97 24.75
CA THR A 551 -24.36 2.11 24.11
C THR A 551 -23.77 2.26 22.72
N VAL A 552 -24.61 2.27 21.69
CA VAL A 552 -24.13 2.61 20.33
C VAL A 552 -24.22 4.12 20.19
N PRO A 553 -23.13 4.82 19.78
CA PRO A 553 -23.19 6.25 19.55
C PRO A 553 -24.25 6.60 18.50
N PHE A 554 -24.80 7.80 18.63
CA PHE A 554 -25.81 8.35 17.67
C PHE A 554 -25.73 9.87 17.64
N ALA A 555 -25.62 10.44 16.43
CA ALA A 555 -25.61 11.90 16.19
C ALA A 555 -26.86 12.28 15.42
N PRO A 556 -27.77 13.07 16.01
CA PRO A 556 -28.92 13.56 15.27
C PRO A 556 -28.52 14.67 14.30
N GLY A 557 -29.46 15.11 13.45
CA GLY A 557 -29.31 16.28 12.59
C GLY A 557 -29.59 15.98 11.13
N ARG A 558 -29.88 14.72 10.79
CA ARG A 558 -30.33 14.37 9.41
C ARG A 558 -31.70 15.02 9.17
N ALA A 559 -31.97 15.32 7.90
CA ALA A 559 -33.27 15.83 7.42
C ALA A 559 -33.83 14.90 6.36
N ASP A 560 -35.14 15.02 6.10
CA ASP A 560 -35.91 14.17 5.15
C ASP A 560 -36.06 14.94 3.83
N ALA A 561 -35.53 14.41 2.74
CA ALA A 561 -35.72 15.01 1.41
C ALA A 561 -37.05 14.49 0.86
N SER A 562 -37.63 15.26 -0.07
CA SER A 562 -38.93 14.95 -0.72
C SER A 562 -38.67 14.13 -1.98
N GLN A 563 -39.73 13.57 -2.55
CA GLN A 563 -39.65 12.94 -3.88
C GLN A 563 -39.27 13.98 -4.93
N GLU A 564 -39.84 15.19 -4.85
CA GLU A 564 -39.64 16.27 -5.86
C GLU A 564 -38.16 16.70 -5.85
N GLN A 565 -37.47 16.55 -4.72
CA GLN A 565 -36.02 16.89 -4.58
C GLN A 565 -35.15 15.68 -4.89
N THR A 566 -35.70 14.65 -5.52
CA THR A 566 -34.96 13.41 -5.81
C THR A 566 -35.03 13.11 -7.31
N ASP A 567 -33.88 13.14 -7.97
CA ASP A 567 -33.74 12.69 -9.37
C ASP A 567 -33.64 11.16 -9.36
N VAL A 568 -34.70 10.49 -9.82
CA VAL A 568 -34.85 9.02 -9.76
C VAL A 568 -33.85 8.39 -10.75
N GLU A 569 -33.59 9.03 -11.89
CA GLU A 569 -32.66 8.47 -12.90
C GLU A 569 -31.25 8.48 -12.33
N SER A 570 -30.80 9.62 -11.82
CA SER A 570 -29.45 9.80 -11.25
C SER A 570 -29.24 8.84 -10.08
N MET A 571 -30.31 8.49 -9.35
CA MET A 571 -30.24 7.61 -8.17
C MET A 571 -30.02 6.12 -8.57
N ALA A 572 -30.33 5.72 -9.80
CA ALA A 572 -30.16 4.35 -10.34
C ALA A 572 -28.72 3.84 -10.16
N VAL A 573 -27.72 4.70 -10.35
CA VAL A 573 -26.30 4.27 -10.26
C VAL A 573 -25.93 3.88 -8.84
N LEU A 574 -26.69 4.28 -7.81
CA LEU A 574 -26.41 3.90 -6.41
C LEU A 574 -27.07 2.56 -6.03
N GLU A 575 -27.84 1.91 -6.91
CA GLU A 575 -28.42 0.60 -6.56
C GLU A 575 -27.31 -0.43 -6.32
N PRO A 576 -27.25 -1.08 -5.15
CA PRO A 576 -26.30 -2.18 -4.96
C PRO A 576 -26.78 -3.41 -5.74
N VAL A 577 -26.04 -3.78 -6.76
CA VAL A 577 -26.28 -5.04 -7.50
C VAL A 577 -25.36 -6.10 -6.92
N ALA A 578 -24.37 -5.69 -6.14
CA ALA A 578 -23.54 -6.61 -5.31
C ALA A 578 -23.36 -5.97 -3.93
N ASP A 579 -23.77 -6.67 -2.88
CA ASP A 579 -23.51 -6.24 -1.48
C ASP A 579 -23.19 -7.48 -0.64
N GLY A 580 -21.90 -7.80 -0.55
CA GLY A 580 -21.33 -8.87 0.29
C GLY A 580 -21.80 -8.80 1.73
N PHE A 581 -22.00 -7.60 2.26
CA PHE A 581 -22.37 -7.44 3.69
C PHE A 581 -23.80 -7.95 3.92
N ARG A 582 -24.59 -8.13 2.85
CA ARG A 582 -25.96 -8.74 2.89
C ARG A 582 -25.99 -10.07 2.12
N ASN A 583 -24.82 -10.57 1.75
CA ASN A 583 -24.66 -11.79 0.93
C ASN A 583 -25.56 -11.72 -0.32
N TYR A 584 -25.49 -10.59 -1.05
CA TYR A 584 -26.40 -10.27 -2.16
C TYR A 584 -25.61 -10.11 -3.47
N LEU A 585 -26.14 -10.73 -4.52
CA LEU A 585 -25.70 -10.63 -5.93
C LEU A 585 -26.97 -10.61 -6.79
N LYS A 586 -27.25 -9.49 -7.47
CA LYS A 586 -28.46 -9.34 -8.33
C LYS A 586 -28.40 -10.36 -9.46
N GLY A 587 -27.26 -10.52 -10.14
CA GLY A 587 -27.04 -11.55 -11.18
C GLY A 587 -25.63 -12.12 -11.15
N LYS A 588 -25.24 -12.89 -12.17
CA LYS A 588 -23.85 -13.44 -12.31
C LYS A 588 -22.99 -12.40 -13.03
N TYR A 589 -21.71 -12.24 -12.64
CA TYR A 589 -20.80 -11.20 -13.18
C TYR A 589 -19.48 -11.85 -13.59
N ARG A 590 -18.75 -11.22 -14.52
CA ARG A 590 -17.35 -11.58 -14.85
C ARG A 590 -16.62 -11.76 -13.51
N VAL A 591 -16.76 -10.79 -12.64
CA VAL A 591 -15.84 -10.53 -11.49
C VAL A 591 -16.29 -11.40 -10.33
N PRO A 592 -15.37 -12.19 -9.71
CA PRO A 592 -15.73 -12.99 -8.54
C PRO A 592 -16.32 -12.10 -7.44
N ALA A 593 -17.31 -12.65 -6.72
CA ALA A 593 -18.05 -11.96 -5.65
C ALA A 593 -17.09 -11.35 -4.62
N GLU A 594 -15.97 -12.00 -4.32
CA GLU A 594 -15.05 -11.54 -3.23
C GLU A 594 -14.36 -10.26 -3.70
N VAL A 595 -14.17 -10.14 -5.02
CA VAL A 595 -13.55 -8.92 -5.62
C VAL A 595 -14.55 -7.77 -5.44
N LEU A 596 -15.83 -8.05 -5.73
CA LEU A 596 -16.94 -7.07 -5.59
C LEU A 596 -17.14 -6.67 -4.13
N LEU A 597 -16.91 -7.58 -3.18
CA LEU A 597 -16.97 -7.25 -1.73
C LEU A 597 -15.89 -6.20 -1.42
N VAL A 598 -14.65 -6.42 -1.85
CA VAL A 598 -13.52 -5.50 -1.54
C VAL A 598 -13.79 -4.14 -2.24
N ASP A 599 -14.36 -4.16 -3.45
CA ASP A 599 -14.77 -2.93 -4.19
C ASP A 599 -15.79 -2.16 -3.34
N LYS A 600 -16.76 -2.86 -2.78
CA LYS A 600 -17.82 -2.26 -1.91
C LYS A 600 -17.18 -1.67 -0.65
N ALA A 601 -16.27 -2.41 0.00
CA ALA A 601 -15.57 -1.91 1.21
C ALA A 601 -14.79 -0.63 0.84
N GLN A 602 -14.09 -0.61 -0.29
CA GLN A 602 -13.36 0.62 -0.70
C GLN A 602 -14.34 1.81 -0.79
N LEU A 603 -15.49 1.65 -1.45
CA LEU A 603 -16.46 2.75 -1.64
C LEU A 603 -16.96 3.21 -0.27
N LEU A 604 -17.06 2.29 0.71
CA LEU A 604 -17.56 2.62 2.08
C LEU A 604 -16.42 3.22 2.92
N THR A 605 -15.20 3.26 2.39
CA THR A 605 -13.98 3.81 3.06
C THR A 605 -13.54 2.88 4.19
N LEU A 606 -13.79 1.57 4.08
CA LEU A 606 -13.44 0.58 5.15
C LEU A 606 -12.04 -0.01 4.90
N SER A 607 -11.31 -0.20 5.98
CA SER A 607 -10.05 -0.99 6.02
C SER A 607 -10.40 -2.47 5.94
N ALA A 608 -9.40 -3.33 5.78
CA ALA A 608 -9.64 -4.78 5.75
C ALA A 608 -10.16 -5.23 7.11
N PRO A 609 -9.59 -4.77 8.26
CA PRO A 609 -10.13 -5.13 9.58
C PRO A 609 -11.57 -4.68 9.76
N GLU A 610 -11.90 -3.46 9.27
CA GLU A 610 -13.27 -2.89 9.42
C GLU A 610 -14.26 -3.73 8.59
N MET A 611 -13.84 -4.11 7.38
CA MET A 611 -14.68 -4.93 6.47
C MET A 611 -14.95 -6.27 7.15
N THR A 612 -13.94 -6.86 7.80
CA THR A 612 -13.96 -8.24 8.35
C THR A 612 -14.97 -8.27 9.51
N VAL A 613 -14.77 -7.35 10.46
CA VAL A 613 -15.59 -7.33 11.70
C VAL A 613 -17.04 -6.99 11.34
N LEU A 614 -17.25 -6.04 10.43
CA LEU A 614 -18.60 -5.60 9.98
C LEU A 614 -19.32 -6.80 9.36
N LEU A 615 -18.65 -7.56 8.50
CA LEU A 615 -19.36 -8.63 7.73
C LEU A 615 -19.70 -9.79 8.69
N GLY A 616 -18.80 -10.13 9.59
CA GLY A 616 -19.00 -11.22 10.57
C GLY A 616 -20.15 -10.89 11.52
N GLY A 617 -20.28 -9.61 11.87
CA GLY A 617 -21.37 -9.14 12.75
C GLY A 617 -22.69 -9.15 12.00
N LEU A 618 -22.72 -8.58 10.81
CA LEU A 618 -23.96 -8.49 10.00
C LEU A 618 -24.52 -9.91 9.76
N ARG A 619 -23.68 -10.91 9.56
CA ARG A 619 -24.13 -12.29 9.28
C ARG A 619 -24.96 -12.80 10.48
N VAL A 620 -24.49 -12.57 11.71
CA VAL A 620 -25.12 -13.19 12.90
C VAL A 620 -26.27 -12.28 13.39
N LEU A 621 -26.43 -11.07 12.86
CA LEU A 621 -27.57 -10.16 13.20
C LEU A 621 -28.78 -10.39 12.29
N GLY A 622 -28.61 -11.18 11.23
CA GLY A 622 -29.68 -11.47 10.26
C GLY A 622 -29.81 -10.38 9.21
N ALA A 623 -28.71 -9.82 8.73
CA ALA A 623 -28.76 -8.72 7.73
C ALA A 623 -28.89 -9.28 6.31
N ASN A 624 -28.77 -10.59 6.11
CA ASN A 624 -28.78 -11.21 4.76
C ASN A 624 -30.10 -10.93 4.07
N VAL A 625 -30.05 -10.59 2.78
CA VAL A 625 -31.24 -10.41 1.92
C VAL A 625 -32.00 -11.73 1.92
N GLY A 626 -33.33 -11.72 2.11
CA GLY A 626 -34.16 -12.93 1.93
C GLY A 626 -33.95 -13.93 3.05
N GLN A 627 -33.33 -13.49 4.13
CA GLN A 627 -33.03 -14.33 5.32
C GLN A 627 -32.31 -15.64 4.89
N SER A 628 -31.48 -15.60 3.84
CA SER A 628 -30.53 -16.66 3.45
C SER A 628 -29.71 -17.10 4.67
N ARG A 629 -29.52 -18.41 4.83
CA ARG A 629 -28.68 -19.02 5.89
C ARG A 629 -27.19 -18.94 5.51
N HIS A 630 -26.86 -18.61 4.26
CA HIS A 630 -25.46 -18.56 3.75
C HIS A 630 -24.60 -17.69 4.68
N GLY A 631 -23.57 -18.26 5.28
CA GLY A 631 -22.64 -17.52 6.16
C GLY A 631 -23.19 -17.33 7.55
N VAL A 632 -24.43 -17.74 7.84
CA VAL A 632 -25.00 -17.49 9.18
C VAL A 632 -24.49 -18.59 10.13
N PHE A 633 -23.21 -18.51 10.50
CA PHE A 633 -22.49 -19.57 11.26
C PHE A 633 -22.72 -19.36 12.77
N THR A 634 -23.97 -19.46 13.21
CA THR A 634 -24.37 -19.30 14.65
C THR A 634 -25.63 -20.13 14.93
N ALA A 635 -25.82 -20.54 16.19
CA ALA A 635 -27.10 -21.09 16.69
C ALA A 635 -27.77 -20.03 17.57
N ARG A 636 -27.32 -18.78 17.52
CA ARG A 636 -28.01 -17.67 18.24
C ARG A 636 -28.04 -16.43 17.33
N GLU A 637 -28.76 -16.55 16.24
CA GLU A 637 -29.04 -15.43 15.32
C GLU A 637 -29.70 -14.30 16.12
N GLN A 638 -29.35 -13.06 15.77
CA GLN A 638 -29.86 -11.83 16.42
C GLN A 638 -29.19 -11.64 17.78
N ALA A 639 -28.08 -12.34 18.03
CA ALA A 639 -27.14 -12.05 19.12
C ALA A 639 -25.78 -11.67 18.52
N LEU A 640 -25.19 -10.61 19.09
CA LEU A 640 -23.93 -10.03 18.60
C LEU A 640 -22.79 -10.81 19.25
N THR A 641 -22.27 -11.80 18.54
CA THR A 641 -21.13 -12.65 18.96
C THR A 641 -20.14 -12.76 17.79
N ASN A 642 -18.95 -13.28 18.11
CA ASN A 642 -17.89 -13.62 17.14
C ASN A 642 -18.11 -15.02 16.56
N ASP A 643 -19.33 -15.57 16.63
CA ASP A 643 -19.66 -16.95 16.17
C ASP A 643 -19.25 -17.14 14.71
N PHE A 644 -19.41 -16.13 13.84
CA PHE A 644 -19.08 -16.29 12.41
C PHE A 644 -17.64 -16.78 12.28
N PHE A 645 -16.72 -16.17 13.05
CA PHE A 645 -15.27 -16.40 12.96
C PHE A 645 -14.92 -17.75 13.61
N VAL A 646 -15.41 -18.03 14.81
CA VAL A 646 -15.10 -19.29 15.54
C VAL A 646 -15.55 -20.46 14.66
N ASN A 647 -16.74 -20.37 14.08
CA ASN A 647 -17.29 -21.48 13.27
C ASN A 647 -16.57 -21.55 11.92
N LEU A 648 -16.28 -20.43 11.29
CA LEU A 648 -15.60 -20.47 9.98
C LEU A 648 -14.25 -21.16 10.15
N LEU A 649 -13.52 -20.85 11.21
CA LEU A 649 -12.11 -21.33 11.36
C LEU A 649 -12.03 -22.71 12.01
N ASP A 650 -13.17 -23.36 12.30
CA ASP A 650 -13.20 -24.72 12.93
C ASP A 650 -12.73 -25.79 11.92
N MET A 651 -11.56 -26.36 12.13
CA MET A 651 -10.96 -27.39 11.22
C MET A 651 -11.71 -28.73 11.34
N GLY A 652 -12.60 -28.89 12.34
CA GLY A 652 -13.60 -29.99 12.37
C GLY A 652 -14.59 -29.94 11.22
N THR A 653 -14.70 -28.82 10.48
CA THR A 653 -15.62 -28.68 9.32
C THR A 653 -14.82 -28.71 8.01
N GLU A 654 -15.34 -29.42 7.03
CA GLU A 654 -14.77 -29.55 5.68
C GLU A 654 -15.74 -28.92 4.67
N TRP A 655 -15.21 -28.18 3.68
CA TRP A 655 -16.04 -27.39 2.74
C TRP A 655 -15.88 -27.90 1.31
N LYS A 656 -17.00 -28.04 0.59
CA LYS A 656 -17.00 -28.42 -0.85
C LYS A 656 -18.03 -27.62 -1.62
N PRO A 657 -17.75 -27.25 -2.88
CA PRO A 657 -18.78 -26.66 -3.74
C PRO A 657 -19.95 -27.62 -4.00
N THR A 658 -21.18 -27.10 -4.05
CA THR A 658 -22.39 -27.91 -4.37
C THR A 658 -22.35 -28.29 -5.86
N ALA A 659 -22.97 -29.43 -6.17
CA ALA A 659 -23.26 -29.90 -7.56
C ALA A 659 -24.13 -28.87 -8.29
N ALA A 660 -25.23 -28.42 -7.66
CA ALA A 660 -26.16 -27.37 -8.16
C ALA A 660 -25.40 -26.09 -8.56
N ASP A 661 -24.49 -25.60 -7.71
CA ASP A 661 -23.95 -24.22 -7.79
C ASP A 661 -22.55 -24.16 -7.17
N ALA A 662 -21.52 -23.92 -7.98
CA ALA A 662 -20.08 -23.99 -7.61
C ALA A 662 -19.69 -22.77 -6.76
N ASP A 663 -20.58 -21.78 -6.69
CA ASP A 663 -20.42 -20.50 -5.93
C ASP A 663 -21.05 -20.65 -4.55
N VAL A 664 -21.56 -21.84 -4.24
CA VAL A 664 -22.15 -22.17 -2.92
C VAL A 664 -21.49 -23.42 -2.37
N PHE A 665 -21.12 -23.37 -1.10
CA PHE A 665 -20.30 -24.39 -0.41
C PHE A 665 -21.10 -24.96 0.75
N GLU A 666 -20.98 -26.28 0.93
CA GLU A 666 -21.50 -27.00 2.11
C GLU A 666 -20.35 -27.21 3.10
N GLY A 667 -20.57 -26.92 4.37
CA GLY A 667 -19.62 -27.25 5.43
C GLY A 667 -20.13 -28.44 6.22
N ARG A 668 -19.39 -29.54 6.18
CA ARG A 668 -19.83 -30.83 6.79
C ARG A 668 -18.83 -31.20 7.87
N ASP A 669 -19.35 -31.71 8.99
CA ASP A 669 -18.50 -32.44 9.97
C ASP A 669 -17.56 -33.40 9.23
N ARG A 670 -16.26 -33.27 9.49
CA ARG A 670 -15.18 -33.95 8.75
C ARG A 670 -15.22 -35.43 9.15
N ALA A 671 -15.61 -35.73 10.39
CA ALA A 671 -15.74 -37.10 10.95
C ALA A 671 -17.03 -37.77 10.43
N THR A 672 -18.20 -37.13 10.56
CA THR A 672 -19.53 -37.78 10.39
C THR A 672 -20.15 -37.48 9.04
N GLY A 673 -19.74 -36.42 8.35
CA GLY A 673 -20.38 -35.98 7.09
C GLY A 673 -21.66 -35.20 7.34
N GLU A 674 -22.04 -34.97 8.59
CA GLU A 674 -23.28 -34.18 8.89
C GLU A 674 -23.13 -32.77 8.31
N LEU A 675 -24.17 -32.29 7.62
CA LEU A 675 -24.26 -30.90 7.08
C LEU A 675 -24.42 -29.95 8.27
N LYS A 676 -23.50 -29.00 8.42
CA LYS A 676 -23.50 -28.00 9.54
C LYS A 676 -23.92 -26.63 8.99
N TRP A 677 -23.39 -26.23 7.83
CA TRP A 677 -23.51 -24.85 7.31
C TRP A 677 -23.59 -24.87 5.79
N THR A 678 -24.04 -23.77 5.21
CA THR A 678 -23.73 -23.39 3.81
C THR A 678 -23.14 -21.98 3.80
N GLY A 679 -22.40 -21.66 2.73
CA GLY A 679 -21.74 -20.36 2.53
C GLY A 679 -21.46 -20.06 1.07
N THR A 680 -21.29 -18.78 0.78
CA THR A 680 -20.87 -18.26 -0.55
C THR A 680 -19.35 -18.06 -0.57
N ARG A 681 -18.85 -17.65 -1.73
CA ARG A 681 -17.45 -17.18 -1.92
C ARG A 681 -17.17 -16.01 -0.96
N VAL A 682 -18.13 -15.12 -0.76
CA VAL A 682 -17.97 -13.95 0.15
C VAL A 682 -17.77 -14.42 1.60
N ASP A 683 -18.48 -15.47 2.03
CA ASP A 683 -18.30 -16.04 3.38
C ASP A 683 -16.94 -16.71 3.50
N LEU A 684 -16.60 -17.58 2.57
CA LEU A 684 -15.45 -18.52 2.70
C LEU A 684 -14.14 -17.83 2.36
N VAL A 685 -14.16 -16.65 1.74
CA VAL A 685 -12.86 -15.97 1.43
C VAL A 685 -12.14 -15.60 2.73
N PHE A 686 -12.87 -15.43 3.85
CA PHE A 686 -12.31 -15.04 5.17
C PHE A 686 -11.56 -16.22 5.80
N GLY A 687 -11.81 -17.42 5.29
CA GLY A 687 -11.06 -18.63 5.70
C GLY A 687 -10.11 -19.10 4.61
N SER A 688 -9.95 -18.35 3.53
CA SER A 688 -9.10 -18.78 2.38
C SER A 688 -7.92 -17.82 2.18
N HIS A 689 -8.23 -16.54 1.94
CA HIS A 689 -7.25 -15.48 1.64
C HIS A 689 -6.32 -15.31 2.84
N SER A 690 -5.00 -15.37 2.65
CA SER A 690 -4.06 -15.46 3.79
C SER A 690 -4.14 -14.21 4.69
N GLN A 691 -4.36 -13.02 4.13
CA GLN A 691 -4.43 -11.76 4.93
CA GLN A 691 -4.43 -11.76 4.93
C GLN A 691 -5.81 -11.68 5.62
N LEU A 692 -6.90 -12.03 4.93
CA LEU A 692 -8.23 -12.00 5.63
C LEU A 692 -8.32 -13.07 6.72
N ARG A 693 -7.75 -14.27 6.50
CA ARG A 693 -7.82 -15.35 7.51
C ARG A 693 -7.07 -14.89 8.78
N ALA A 694 -5.93 -14.21 8.62
CA ALA A 694 -5.17 -13.62 9.74
C ALA A 694 -6.06 -12.67 10.56
N LEU A 695 -6.92 -11.89 9.90
CA LEU A 695 -7.82 -10.96 10.60
C LEU A 695 -8.91 -11.78 11.28
N ALA A 696 -9.51 -12.74 10.58
CA ALA A 696 -10.59 -13.58 11.14
C ALA A 696 -10.08 -14.29 12.41
N GLU A 697 -8.81 -14.71 12.43
CA GLU A 697 -8.19 -15.41 13.60
C GLU A 697 -8.27 -14.49 14.85
N VAL A 698 -8.03 -13.20 14.71
CA VAL A 698 -8.01 -12.23 15.86
C VAL A 698 -9.41 -12.22 16.47
N TYR A 699 -10.44 -12.18 15.62
CA TYR A 699 -11.84 -12.05 16.03
C TYR A 699 -12.41 -13.40 16.48
N GLY A 700 -11.77 -14.50 16.08
CA GLY A 700 -12.22 -15.86 16.41
C GLY A 700 -11.45 -16.47 17.57
N SER A 701 -10.61 -15.68 18.23
CA SER A 701 -9.83 -16.15 19.39
C SER A 701 -10.65 -16.10 20.67
N ALA A 702 -10.27 -16.88 21.68
CA ALA A 702 -11.07 -17.05 22.92
C ALA A 702 -11.09 -15.74 23.71
N ASP A 703 -10.15 -14.84 23.47
CA ASP A 703 -9.99 -13.59 24.25
C ASP A 703 -10.68 -12.42 23.51
N ALA A 704 -11.48 -12.66 22.46
CA ALA A 704 -11.86 -11.63 21.45
C ALA A 704 -13.30 -11.12 21.61
N GLN A 705 -14.08 -11.58 22.58
CA GLN A 705 -15.54 -11.26 22.58
C GLN A 705 -15.74 -9.74 22.74
N GLU A 706 -15.05 -9.13 23.71
CA GLU A 706 -15.21 -7.68 24.03
C GLU A 706 -14.65 -6.86 22.87
N LYS A 707 -13.51 -7.28 22.30
CA LYS A 707 -12.91 -6.58 21.14
C LYS A 707 -13.85 -6.64 19.94
N PHE A 708 -14.41 -7.82 19.67
CA PHE A 708 -15.36 -7.96 18.53
C PHE A 708 -16.51 -6.94 18.71
N VAL A 709 -17.14 -6.91 19.89
CA VAL A 709 -18.34 -6.06 20.10
C VAL A 709 -17.93 -4.59 19.91
N ARG A 710 -16.84 -4.17 20.53
CA ARG A 710 -16.37 -2.77 20.51
C ARG A 710 -16.09 -2.38 19.05
N ASP A 711 -15.34 -3.21 18.34
CA ASP A 711 -14.88 -2.90 16.97
C ASP A 711 -16.12 -2.88 16.08
N PHE A 712 -17.08 -3.78 16.33
CA PHE A 712 -18.30 -3.85 15.50
C PHE A 712 -19.10 -2.56 15.70
N VAL A 713 -19.23 -2.10 16.94
CA VAL A 713 -20.03 -0.88 17.22
C VAL A 713 -19.34 0.30 16.54
N ALA A 714 -18.02 0.37 16.59
CA ALA A 714 -17.25 1.48 16.01
C ALA A 714 -17.51 1.54 14.51
N VAL A 715 -17.44 0.42 13.80
CA VAL A 715 -17.52 0.41 12.31
C VAL A 715 -19.00 0.58 11.93
N TRP A 716 -19.93 0.11 12.75
CA TRP A 716 -21.38 0.43 12.58
C TRP A 716 -21.59 1.95 12.62
N ASN A 717 -21.08 2.61 13.66
CA ASN A 717 -21.24 4.08 13.81
C ASN A 717 -20.55 4.79 12.63
N LYS A 718 -19.37 4.33 12.20
CA LYS A 718 -18.67 4.97 11.06
C LYS A 718 -19.61 4.95 9.84
N VAL A 719 -20.22 3.81 9.55
CA VAL A 719 -21.10 3.65 8.35
C VAL A 719 -22.32 4.54 8.49
N MET A 720 -22.86 4.67 9.70
CA MET A 720 -24.10 5.46 9.90
C MET A 720 -23.77 6.94 9.60
N ASN A 721 -22.51 7.36 9.81
CA ASN A 721 -22.10 8.78 9.77
C ASN A 721 -21.36 9.14 8.46
N LEU A 722 -21.25 8.28 7.45
CA LEU A 722 -20.35 8.53 6.29
C LEU A 722 -20.71 9.86 5.62
N ASP A 723 -21.99 10.22 5.56
CA ASP A 723 -22.48 11.38 4.76
C ASP A 723 -22.67 12.61 5.66
N ARG A 724 -22.19 12.54 6.90
CA ARG A 724 -22.45 13.59 7.92
C ARG A 724 -21.37 14.66 7.85
N PHE A 725 -21.30 15.34 6.71
CA PHE A 725 -20.39 16.48 6.46
C PHE A 725 -20.88 17.71 7.24
N ASP A 726 -22.18 17.74 7.54
CA ASP A 726 -22.79 18.76 8.46
C ASP A 726 -22.10 18.74 9.83
N LEU A 727 -21.40 17.66 10.19
CA LEU A 727 -20.52 17.62 11.39
C LEU A 727 -19.07 17.63 10.88
N GLY B 16 -7.45 -5.86 -15.03
CA GLY B 16 -7.32 -4.36 -14.96
C GLY B 16 -5.87 -3.92 -15.06
N THR B 17 -5.53 -3.07 -16.02
CA THR B 17 -4.12 -2.63 -16.22
C THR B 17 -3.75 -1.62 -15.13
N SER B 18 -2.59 -1.79 -14.50
CA SER B 18 -2.13 -0.97 -13.33
C SER B 18 -0.90 -0.11 -13.71
N ASN B 19 -0.49 0.81 -12.81
CA ASN B 19 0.68 1.71 -13.02
C ASN B 19 1.96 0.86 -13.22
N ARG B 20 2.13 -0.20 -12.41
CA ARG B 20 3.21 -1.22 -12.56
C ARG B 20 3.24 -1.81 -13.97
N ASP B 21 2.08 -2.09 -14.59
CA ASP B 21 2.02 -2.63 -15.97
C ASP B 21 2.53 -1.56 -16.94
N TRP B 22 2.11 -0.30 -16.79
CA TRP B 22 2.49 0.79 -17.74
C TRP B 22 3.96 1.17 -17.58
N TRP B 23 4.45 1.26 -16.35
CA TRP B 23 5.76 1.86 -15.98
C TRP B 23 6.47 0.93 -15.00
N PRO B 24 6.96 -0.25 -15.45
CA PRO B 24 7.41 -1.30 -14.53
C PRO B 24 8.79 -1.01 -13.91
N ASN B 25 9.46 0.05 -14.33
CA ASN B 25 10.77 0.48 -13.76
C ASN B 25 10.60 1.69 -12.82
N GLN B 26 9.41 2.32 -12.71
CA GLN B 26 9.20 3.47 -11.77
C GLN B 26 9.48 2.92 -10.37
N LEU B 27 9.83 3.82 -9.45
CA LEU B 27 10.10 3.58 -8.01
C LEU B 27 8.81 3.10 -7.35
N ASP B 28 8.85 2.14 -6.40
CA ASP B 28 7.66 1.72 -5.60
C ASP B 28 7.73 2.29 -4.18
N LEU B 29 6.94 3.33 -3.89
CA LEU B 29 6.92 3.96 -2.55
C LEU B 29 6.02 3.17 -1.60
N SER B 30 5.15 2.28 -2.11
CA SER B 30 4.19 1.54 -1.25
CA SER B 30 4.19 1.52 -1.26
C SER B 30 4.97 0.77 -0.16
N ILE B 31 6.24 0.43 -0.41
CA ILE B 31 7.06 -0.34 0.58
C ILE B 31 7.36 0.53 1.80
N LEU B 32 7.27 1.86 1.70
CA LEU B 32 7.49 2.74 2.88
C LEU B 32 6.19 2.92 3.68
N HIS B 33 5.04 2.51 3.14
CA HIS B 33 3.71 2.80 3.77
C HIS B 33 2.98 1.50 4.11
N ARG B 34 3.66 0.36 4.07
CA ARG B 34 3.14 -0.91 4.66
C ARG B 34 3.04 -0.76 6.16
N HIS B 35 2.32 -1.69 6.79
CA HIS B 35 2.31 -1.85 8.27
C HIS B 35 1.73 -0.56 8.87
N SER B 36 0.82 0.12 8.16
CA SER B 36 0.01 1.25 8.68
C SER B 36 -1.02 0.74 9.68
N SER B 37 -1.56 1.64 10.49
CA SER B 37 -2.65 1.37 11.46
C SER B 37 -3.88 0.84 10.73
N LEU B 38 -4.02 1.15 9.44
CA LEU B 38 -5.19 0.74 8.63
C LEU B 38 -5.26 -0.79 8.54
N SER B 39 -4.17 -1.47 8.19
CA SER B 39 -4.15 -2.94 7.95
C SER B 39 -4.11 -3.72 9.28
N ASP B 40 -3.83 -3.05 10.39
CA ASP B 40 -3.56 -3.69 11.70
C ASP B 40 -4.88 -3.84 12.43
N PRO B 41 -5.31 -5.08 12.76
CA PRO B 41 -6.57 -5.25 13.48
C PRO B 41 -6.49 -4.81 14.95
N MET B 42 -5.28 -4.69 15.52
CA MET B 42 -5.14 -4.38 16.96
C MET B 42 -5.28 -2.86 17.12
N GLY B 43 -5.69 -2.40 18.29
CA GLY B 43 -5.69 -0.96 18.62
C GLY B 43 -4.32 -0.33 18.44
N LYS B 44 -4.29 0.99 18.25
CA LYS B 44 -3.00 1.71 18.01
C LYS B 44 -2.25 1.74 19.34
N ASP B 45 -2.94 1.45 20.44
CA ASP B 45 -2.38 1.37 21.80
C ASP B 45 -1.93 -0.05 22.16
N PHE B 46 -2.14 -1.04 21.31
CA PHE B 46 -1.90 -2.47 21.67
C PHE B 46 -0.38 -2.64 21.88
N ASN B 47 -0.02 -3.23 23.00
CA ASN B 47 1.40 -3.47 23.30
C ASN B 47 1.65 -4.97 23.40
N TYR B 48 2.28 -5.60 22.40
CA TYR B 48 2.42 -7.08 22.42
C TYR B 48 3.23 -7.48 23.65
N ALA B 49 4.34 -6.79 23.91
CA ALA B 49 5.24 -7.09 25.05
C ALA B 49 4.42 -7.19 26.34
N GLN B 50 3.46 -6.29 26.54
CA GLN B 50 2.67 -6.28 27.80
C GLN B 50 1.74 -7.51 27.81
N ALA B 51 1.19 -7.89 26.66
CA ALA B 51 0.30 -9.06 26.54
C ALA B 51 1.12 -10.32 26.84
N PHE B 52 2.29 -10.43 26.23
CA PHE B 52 3.13 -11.64 26.36
C PHE B 52 3.56 -11.82 27.82
N GLU B 53 3.85 -10.72 28.50
CA GLU B 53 4.34 -10.73 29.90
C GLU B 53 3.26 -11.36 30.81
N LYS B 54 1.99 -11.28 30.42
CA LYS B 54 0.88 -11.86 31.22
C LYS B 54 0.54 -13.30 30.78
N LEU B 55 1.10 -13.77 29.67
CA LEU B 55 0.91 -15.16 29.20
C LEU B 55 1.39 -16.14 30.27
N ASP B 56 0.61 -17.17 30.49
CA ASP B 56 1.04 -18.38 31.23
C ASP B 56 1.83 -19.28 30.29
N LEU B 57 3.14 -19.06 30.19
CA LEU B 57 4.00 -19.76 29.20
C LEU B 57 4.01 -21.26 29.53
N ALA B 58 4.00 -21.61 30.82
CA ALA B 58 4.00 -23.02 31.31
C ALA B 58 2.77 -23.74 30.70
N ALA B 59 1.61 -23.10 30.74
CA ALA B 59 0.35 -23.67 30.24
C ALA B 59 0.48 -23.91 28.73
N VAL B 60 0.98 -22.92 27.99
CA VAL B 60 1.14 -23.08 26.52
C VAL B 60 2.02 -24.31 26.26
N LYS B 61 3.14 -24.43 26.95
CA LYS B 61 4.08 -25.53 26.69
C LYS B 61 3.42 -26.89 27.00
N ARG B 62 2.63 -26.99 28.06
CA ARG B 62 1.87 -28.24 28.33
C ARG B 62 0.97 -28.56 27.13
N ASP B 63 0.22 -27.58 26.62
CA ASP B 63 -0.71 -27.79 25.49
C ASP B 63 0.10 -28.24 24.28
N LEU B 64 1.30 -27.69 24.07
CA LEU B 64 2.15 -28.02 22.90
C LEU B 64 2.71 -29.46 23.08
N HIS B 65 3.13 -29.83 24.30
CA HIS B 65 3.52 -31.23 24.58
C HIS B 65 2.35 -32.19 24.23
N ALA B 66 1.12 -31.88 24.62
CA ALA B 66 -0.06 -32.75 24.37
C ALA B 66 -0.27 -32.91 22.86
N LEU B 67 -0.13 -31.82 22.11
CA LEU B 67 -0.37 -31.77 20.65
C LEU B 67 0.58 -32.72 19.92
N MET B 68 1.81 -32.88 20.41
CA MET B 68 2.88 -33.61 19.69
C MET B 68 2.34 -34.98 19.28
N THR B 69 1.59 -35.66 20.13
CA THR B 69 1.12 -37.03 19.86
C THR B 69 -0.40 -37.10 19.72
N THR B 70 -1.09 -35.99 19.49
CA THR B 70 -2.54 -35.99 19.16
C THR B 70 -2.68 -35.90 17.63
N SER B 71 -2.61 -37.04 16.95
CA SER B 71 -2.67 -37.14 15.46
C SER B 71 -4.06 -36.74 14.96
N GLN B 72 -4.15 -35.89 13.95
CA GLN B 72 -5.40 -35.57 13.23
C GLN B 72 -5.45 -36.44 11.97
N ASP B 73 -6.64 -36.95 11.63
CA ASP B 73 -6.88 -37.81 10.44
C ASP B 73 -6.47 -37.08 9.15
N TRP B 74 -6.71 -35.77 9.06
CA TRP B 74 -6.47 -35.01 7.81
C TRP B 74 -4.96 -34.80 7.56
N TRP B 75 -4.09 -35.11 8.52
CA TRP B 75 -2.60 -35.10 8.34
C TRP B 75 -1.96 -35.89 9.46
N PRO B 76 -2.02 -37.23 9.36
CA PRO B 76 -1.60 -38.11 10.42
C PRO B 76 -0.11 -37.91 10.74
N ALA B 77 0.23 -37.99 12.02
CA ALA B 77 1.60 -37.86 12.55
C ALA B 77 2.46 -39.09 12.15
N ASP B 78 3.60 -38.85 11.52
CA ASP B 78 4.64 -39.88 11.30
C ASP B 78 5.05 -40.42 12.66
N PHE B 79 5.16 -41.75 12.82
CA PHE B 79 5.64 -42.39 14.07
C PHE B 79 4.76 -41.99 15.26
N GLY B 80 3.58 -41.40 14.98
CA GLY B 80 2.64 -40.91 16.00
C GLY B 80 3.12 -39.68 16.75
N HIS B 81 4.10 -38.94 16.22
CA HIS B 81 4.70 -37.72 16.84
C HIS B 81 4.99 -36.66 15.76
N TYR B 82 4.40 -35.48 15.91
CA TYR B 82 4.52 -34.33 14.97
C TYR B 82 5.87 -33.60 15.16
N GLY B 83 6.74 -34.04 16.08
CA GLY B 83 7.97 -33.30 16.46
C GLY B 83 8.84 -32.92 15.27
N GLY B 84 9.18 -33.89 14.43
CA GLY B 84 9.98 -33.62 13.22
C GLY B 84 9.35 -32.54 12.35
N LEU B 85 8.07 -32.69 12.01
CA LEU B 85 7.34 -31.69 11.19
C LEU B 85 7.48 -30.30 11.83
N PHE B 86 7.33 -30.19 13.15
CA PHE B 86 7.36 -28.89 13.85
C PHE B 86 8.78 -28.32 13.88
N ILE B 87 9.80 -29.16 13.98
CA ILE B 87 11.22 -28.68 13.95
C ILE B 87 11.49 -28.09 12.56
N ARG B 88 11.05 -28.74 11.50
CA ARG B 88 11.21 -28.23 10.13
C ARG B 88 10.48 -26.89 9.98
N MET B 89 9.24 -26.85 10.46
CA MET B 89 8.41 -25.63 10.50
C MET B 89 9.19 -24.45 11.13
N ALA B 90 9.79 -24.64 12.30
CA ALA B 90 10.54 -23.59 13.04
C ALA B 90 11.82 -23.23 12.29
N TRP B 91 12.57 -24.24 11.84
CA TRP B 91 13.78 -24.04 11.01
C TRP B 91 13.43 -23.21 9.77
N HIS B 92 12.33 -23.49 9.07
CA HIS B 92 11.92 -22.74 7.85
C HIS B 92 11.44 -21.32 8.19
N SER B 93 10.81 -21.13 9.36
CA SER B 93 10.43 -19.79 9.84
C SER B 93 11.70 -18.93 9.93
N ALA B 94 12.76 -19.45 10.56
CA ALA B 94 14.04 -18.74 10.83
C ALA B 94 14.92 -18.70 9.57
N GLY B 95 14.74 -19.65 8.65
CA GLY B 95 15.73 -19.99 7.61
C GLY B 95 15.68 -19.07 6.39
N THR B 96 14.76 -18.11 6.32
CA THR B 96 14.66 -17.17 5.17
C THR B 96 15.62 -15.99 5.38
N TYR B 97 16.27 -15.93 6.54
CA TYR B 97 17.09 -14.77 6.97
C TYR B 97 18.30 -14.59 6.06
N ARG B 98 18.64 -13.35 5.69
CA ARG B 98 19.86 -12.97 4.94
C ARG B 98 20.59 -11.91 5.76
N THR B 99 21.90 -12.07 5.96
CA THR B 99 22.73 -11.06 6.68
C THR B 99 22.87 -9.80 5.83
N ALA B 100 22.76 -9.89 4.50
CA ALA B 100 23.00 -8.74 3.61
C ALA B 100 22.07 -7.56 3.97
N ASP B 101 20.78 -7.81 4.24
CA ASP B 101 19.82 -6.72 4.51
C ASP B 101 19.06 -6.96 5.81
N GLY B 102 19.26 -8.11 6.45
CA GLY B 102 18.53 -8.55 7.66
C GLY B 102 17.09 -8.95 7.41
N ARG B 103 16.69 -9.04 6.14
CA ARG B 103 15.30 -9.38 5.82
C ARG B 103 15.11 -10.90 5.90
N GLY B 104 13.86 -11.33 5.99
CA GLY B 104 13.51 -12.70 6.36
C GLY B 104 13.86 -12.99 7.80
N GLY B 105 13.76 -14.28 8.14
CA GLY B 105 13.78 -14.73 9.54
C GLY B 105 12.39 -14.87 10.15
N ALA B 106 12.36 -15.34 11.40
CA ALA B 106 11.17 -15.82 12.12
C ALA B 106 10.44 -14.64 12.77
N GLY B 107 11.12 -13.49 12.88
CA GLY B 107 10.79 -12.37 13.77
C GLY B 107 9.46 -11.67 13.45
N GLU B 108 8.86 -11.87 12.28
CA GLU B 108 7.55 -11.24 11.93
C GLU B 108 6.48 -12.27 11.57
N GLY B 109 6.75 -13.56 11.75
CA GLY B 109 5.77 -14.62 11.48
C GLY B 109 5.32 -14.64 10.04
N GLN B 110 6.19 -14.25 9.11
CA GLN B 110 5.85 -14.05 7.68
C GLN B 110 5.57 -15.40 6.98
N GLN B 111 5.85 -16.55 7.61
CA GLN B 111 5.60 -17.86 6.97
C GLN B 111 4.10 -18.02 6.69
N ARG B 112 3.24 -17.26 7.37
CA ARG B 112 1.75 -17.42 7.25
C ARG B 112 1.19 -16.55 6.10
N PHE B 113 2.03 -15.77 5.44
CA PHE B 113 1.62 -14.85 4.35
C PHE B 113 2.26 -15.31 3.04
N ALA B 114 1.81 -14.73 1.94
CA ALA B 114 2.47 -14.85 0.62
C ALA B 114 3.77 -14.05 0.66
N PRO B 115 4.85 -14.49 -0.02
CA PRO B 115 4.84 -15.71 -0.82
C PRO B 115 5.25 -16.96 -0.01
N LEU B 116 5.77 -16.77 1.21
CA LEU B 116 6.48 -17.84 1.93
C LEU B 116 5.51 -18.97 2.27
N ASN B 117 4.25 -18.66 2.54
CA ASN B 117 3.26 -19.72 2.86
C ASN B 117 3.15 -20.70 1.69
N SER B 118 3.70 -20.37 0.51
CA SER B 118 3.43 -21.12 -0.74
C SER B 118 4.72 -21.56 -1.42
N TRP B 119 5.86 -21.23 -0.83
CA TRP B 119 7.16 -21.67 -1.39
C TRP B 119 7.15 -23.19 -1.46
N PRO B 120 7.73 -23.80 -2.51
CA PRO B 120 7.87 -25.26 -2.57
C PRO B 120 8.53 -25.85 -1.32
N ASP B 121 9.58 -25.20 -0.80
CA ASP B 121 10.31 -25.69 0.39
C ASP B 121 9.42 -25.62 1.62
N ASN B 122 8.29 -24.92 1.57
CA ASN B 122 7.37 -24.78 2.74
C ASN B 122 6.13 -25.67 2.51
N ALA B 123 6.18 -26.63 1.59
CA ALA B 123 5.07 -27.56 1.31
C ALA B 123 4.72 -28.36 2.57
N ASN B 124 3.43 -28.37 2.89
CA ASN B 124 2.78 -29.13 3.97
C ASN B 124 3.10 -28.49 5.34
N LEU B 125 3.87 -27.40 5.39
CA LEU B 125 3.98 -26.59 6.63
C LEU B 125 2.67 -25.84 6.87
N ASP B 126 1.80 -25.75 5.88
CA ASP B 126 0.41 -25.22 6.03
C ASP B 126 -0.36 -26.14 6.98
N LYS B 127 -0.10 -27.44 6.92
CA LYS B 127 -0.69 -28.46 7.83
C LYS B 127 -0.17 -28.24 9.25
N ALA B 128 1.14 -28.03 9.39
CA ALA B 128 1.78 -27.76 10.70
C ALA B 128 1.15 -26.51 11.35
N ARG B 129 0.99 -25.42 10.59
CA ARG B 129 0.44 -24.16 11.17
C ARG B 129 -1.02 -24.41 11.57
N ARG B 130 -1.75 -25.20 10.78
CA ARG B 130 -3.19 -25.43 11.05
C ARG B 130 -3.31 -26.24 12.35
N LEU B 131 -2.36 -27.14 12.63
CA LEU B 131 -2.39 -27.99 13.83
C LEU B 131 -2.30 -27.09 15.06
N LEU B 132 -1.69 -25.91 14.90
CA LEU B 132 -1.45 -24.97 16.02
C LEU B 132 -2.62 -24.01 16.20
N TRP B 133 -3.60 -23.99 15.29
CA TRP B 133 -4.69 -22.99 15.41
C TRP B 133 -5.41 -23.14 16.75
N PRO B 134 -5.76 -24.35 17.24
CA PRO B 134 -6.51 -24.42 18.50
C PRO B 134 -5.74 -23.76 19.65
N ILE B 135 -4.41 -23.92 19.72
CA ILE B 135 -3.57 -23.31 20.79
C ILE B 135 -3.53 -21.79 20.57
N LYS B 136 -3.34 -21.32 19.33
CA LYS B 136 -3.33 -19.87 19.04
C LYS B 136 -4.68 -19.25 19.47
N GLN B 137 -5.79 -19.88 19.09
CA GLN B 137 -7.16 -19.47 19.47
C GLN B 137 -7.27 -19.39 21.00
N LYS B 138 -6.79 -20.39 21.72
CA LYS B 138 -7.01 -20.48 23.18
C LYS B 138 -6.27 -19.32 23.88
N TYR B 139 -5.09 -18.92 23.40
CA TYR B 139 -4.25 -17.92 24.11
C TYR B 139 -4.42 -16.54 23.47
N GLY B 140 -4.90 -16.48 22.23
CA GLY B 140 -5.29 -15.20 21.59
C GLY B 140 -4.10 -14.28 21.44
N ARG B 141 -4.26 -13.01 21.79
CA ARG B 141 -3.28 -11.96 21.45
C ARG B 141 -2.05 -12.06 22.36
N ALA B 142 -2.09 -12.88 23.40
CA ALA B 142 -1.01 -13.04 24.43
C ALA B 142 0.15 -13.91 23.90
N ILE B 143 -0.03 -14.61 22.78
CA ILE B 143 1.14 -15.21 22.08
C ILE B 143 0.99 -15.03 20.57
N SER B 144 1.94 -14.33 19.95
CA SER B 144 1.95 -14.09 18.49
C SER B 144 2.09 -15.44 17.77
N TRP B 145 1.70 -15.52 16.50
CA TRP B 145 2.10 -16.60 15.59
C TRP B 145 3.63 -16.67 15.54
N ALA B 146 4.29 -15.53 15.43
CA ALA B 146 5.76 -15.49 15.26
C ALA B 146 6.45 -16.17 16.45
N ASP B 147 6.02 -15.88 17.69
CA ASP B 147 6.55 -16.54 18.91
C ASP B 147 6.13 -18.01 18.94
N LEU B 148 4.89 -18.33 18.56
CA LEU B 148 4.34 -19.71 18.66
C LEU B 148 5.08 -20.65 17.70
N LEU B 149 5.43 -20.20 16.49
CA LEU B 149 6.14 -21.09 15.55
C LEU B 149 7.45 -21.52 16.20
N ILE B 150 8.22 -20.59 16.77
CA ILE B 150 9.54 -20.93 17.38
C ILE B 150 9.31 -21.76 18.65
N LEU B 151 8.36 -21.37 19.52
CA LEU B 151 8.17 -22.08 20.81
C LEU B 151 7.79 -23.54 20.50
N THR B 152 6.98 -23.77 19.48
CA THR B 152 6.56 -25.13 19.06
C THR B 152 7.80 -25.94 18.63
N GLY B 153 8.69 -25.35 17.87
CA GLY B 153 9.99 -26.00 17.57
C GLY B 153 10.70 -26.42 18.84
N ASN B 154 10.81 -25.49 19.79
CA ASN B 154 11.49 -25.75 21.08
C ASN B 154 10.81 -26.92 21.79
N VAL B 155 9.48 -26.91 21.85
CA VAL B 155 8.78 -27.96 22.62
C VAL B 155 8.93 -29.33 21.91
N ALA B 156 8.93 -29.36 20.58
CA ALA B 156 9.21 -30.59 19.79
C ALA B 156 10.56 -31.19 20.21
N LEU B 157 11.62 -30.38 20.18
CA LEU B 157 12.95 -30.81 20.67
C LEU B 157 12.86 -31.34 22.10
N GLU B 158 12.28 -30.59 23.04
CA GLU B 158 12.22 -31.00 24.47
C GLU B 158 11.44 -32.33 24.61
N SER B 159 10.30 -32.44 23.92
CA SER B 159 9.44 -33.64 23.88
C SER B 159 10.30 -34.84 23.50
N MET B 160 11.21 -34.67 22.53
CA MET B 160 11.96 -35.80 21.93
C MET B 160 13.35 -35.92 22.58
N GLY B 161 13.53 -35.30 23.75
CA GLY B 161 14.65 -35.57 24.66
C GLY B 161 15.84 -34.63 24.50
N PHE B 162 15.71 -33.52 23.79
CA PHE B 162 16.83 -32.56 23.63
C PHE B 162 16.56 -31.33 24.50
N LYS B 163 17.52 -30.96 25.35
CA LYS B 163 17.45 -29.75 26.19
C LYS B 163 17.87 -28.52 25.37
N THR B 164 16.98 -27.56 25.23
CA THR B 164 17.24 -26.32 24.45
C THR B 164 18.04 -25.37 25.33
N PHE B 165 18.70 -24.38 24.72
CA PHE B 165 19.52 -23.33 25.37
C PHE B 165 18.62 -22.27 26.01
N GLY B 166 17.35 -22.22 25.61
CA GLY B 166 16.38 -21.21 26.11
C GLY B 166 15.47 -20.66 25.02
N PHE B 167 14.73 -19.59 25.31
CA PHE B 167 13.64 -19.07 24.44
C PHE B 167 13.27 -17.67 24.90
N ALA B 168 13.27 -16.70 23.99
CA ALA B 168 12.70 -15.36 24.24
C ALA B 168 11.40 -15.20 23.46
N GLY B 169 10.38 -14.65 24.10
CA GLY B 169 9.20 -14.07 23.44
C GLY B 169 9.46 -12.63 23.02
N GLY B 170 8.54 -12.07 22.24
CA GLY B 170 8.49 -10.62 21.94
C GLY B 170 8.45 -10.35 20.45
N ARG B 171 8.34 -11.38 19.60
CA ARG B 171 8.13 -11.19 18.14
C ARG B 171 6.67 -10.75 17.89
N ALA B 172 6.40 -9.46 17.74
CA ALA B 172 5.03 -9.00 17.43
C ALA B 172 4.61 -9.57 16.07
N ASP B 173 3.35 -9.94 15.94
CA ASP B 173 2.77 -10.34 14.64
C ASP B 173 2.68 -9.13 13.71
N THR B 174 2.75 -9.42 12.42
CA THR B 174 2.53 -8.48 11.30
C THR B 174 1.28 -8.96 10.56
N TRP B 175 0.75 -8.12 9.69
CA TRP B 175 -0.63 -8.27 9.18
C TRP B 175 -0.66 -8.19 7.66
N GLU B 176 0.50 -8.10 7.03
CA GLU B 176 0.60 -8.18 5.55
C GLU B 176 2.02 -8.57 5.17
N PRO B 177 2.20 -9.06 3.94
CA PRO B 177 3.51 -9.45 3.45
C PRO B 177 4.56 -8.30 3.52
N GLU B 178 5.77 -8.63 3.97
CA GLU B 178 7.01 -7.79 3.90
C GLU B 178 7.39 -7.71 2.41
N ASP B 179 7.92 -6.57 1.97
CA ASP B 179 8.42 -6.34 0.58
C ASP B 179 9.88 -6.75 0.56
N VAL B 180 10.13 -7.97 0.08
CA VAL B 180 11.49 -8.56 0.05
C VAL B 180 11.78 -8.89 -1.40
N TYR B 181 12.99 -8.57 -1.85
CA TYR B 181 13.56 -9.09 -3.10
C TYR B 181 14.07 -10.51 -2.83
N TRP B 182 13.30 -11.49 -3.30
CA TRP B 182 13.65 -12.94 -3.21
C TRP B 182 14.36 -13.40 -4.49
N GLY B 183 14.46 -12.51 -5.49
CA GLY B 183 15.10 -12.80 -6.78
C GLY B 183 14.19 -12.42 -7.94
N SER B 184 14.69 -12.62 -9.17
CA SER B 184 14.03 -12.15 -10.41
C SER B 184 13.48 -13.31 -11.25
N GLU B 185 13.69 -14.57 -10.86
CA GLU B 185 13.21 -15.70 -11.70
C GLU B 185 11.68 -15.64 -11.71
N LYS B 186 11.06 -16.00 -12.84
CA LYS B 186 9.59 -16.07 -12.97
C LYS B 186 9.11 -17.51 -12.97
N ILE B 187 10.00 -18.47 -12.66
CA ILE B 187 9.62 -19.91 -12.56
C ILE B 187 10.07 -20.43 -11.19
N TRP B 188 9.16 -21.00 -10.40
CA TRP B 188 9.53 -21.69 -9.14
C TRP B 188 10.70 -22.65 -9.41
N LEU B 189 11.75 -22.57 -8.60
CA LEU B 189 12.86 -23.56 -8.51
C LEU B 189 13.70 -23.54 -9.80
N GLU B 190 13.70 -22.44 -10.54
CA GLU B 190 14.47 -22.41 -11.80
C GLU B 190 15.94 -22.70 -11.49
N LEU B 191 16.55 -23.56 -12.32
CA LEU B 191 18.00 -23.88 -12.23
C LEU B 191 18.76 -22.68 -12.76
N SER B 192 20.05 -22.58 -12.39
CA SER B 192 20.91 -21.40 -12.67
C SER B 192 21.12 -21.22 -14.18
N GLY B 193 21.54 -20.02 -14.60
CA GLY B 193 21.95 -19.71 -15.99
C GLY B 193 20.77 -19.32 -16.86
N GLY B 194 19.56 -19.21 -16.28
CA GLY B 194 18.38 -18.74 -17.01
C GLY B 194 18.43 -17.24 -17.23
N PRO B 195 17.40 -16.66 -17.88
CA PRO B 195 17.41 -15.23 -18.22
C PRO B 195 17.40 -14.33 -16.98
N ASN B 196 17.08 -14.87 -15.80
CA ASN B 196 17.11 -14.09 -14.53
C ASN B 196 18.03 -14.78 -13.50
N SER B 197 19.10 -15.38 -13.97
CA SER B 197 20.03 -16.18 -13.14
C SER B 197 20.41 -15.37 -11.92
N ARG B 198 20.38 -15.97 -10.73
CA ARG B 198 20.94 -15.37 -9.48
C ARG B 198 22.43 -15.71 -9.36
N TYR B 199 22.96 -16.49 -10.30
CA TYR B 199 24.40 -16.86 -10.34
C TYR B 199 25.06 -16.21 -11.56
N SER B 200 26.32 -15.81 -11.39
CA SER B 200 27.23 -15.40 -12.49
C SER B 200 28.66 -15.79 -12.12
N GLY B 201 29.59 -15.70 -13.08
CA GLY B 201 31.01 -16.05 -12.85
C GLY B 201 31.15 -17.46 -12.29
N ASP B 202 32.05 -17.62 -11.33
CA ASP B 202 32.37 -18.93 -10.69
C ASP B 202 31.35 -19.18 -9.57
N ARG B 203 30.10 -19.39 -9.96
CA ARG B 203 28.98 -19.69 -9.05
C ARG B 203 28.95 -18.62 -7.94
N GLN B 204 28.94 -17.34 -8.33
CA GLN B 204 28.73 -16.19 -7.41
C GLN B 204 27.22 -15.96 -7.28
N LEU B 205 26.71 -16.04 -6.06
CA LEU B 205 25.27 -15.78 -5.75
C LEU B 205 25.08 -14.26 -5.62
N GLU B 206 24.11 -13.66 -6.32
CA GLU B 206 23.92 -12.18 -6.26
C GLU B 206 23.47 -11.79 -4.85
N ASN B 207 24.04 -10.70 -4.31
CA ASN B 207 23.54 -10.02 -3.09
C ASN B 207 22.21 -9.37 -3.42
N PRO B 208 21.18 -9.40 -2.53
CA PRO B 208 21.31 -9.92 -1.17
C PRO B 208 20.78 -11.35 -0.92
N LEU B 209 20.76 -12.20 -1.94
CA LEU B 209 20.07 -13.50 -1.86
C LEU B 209 20.94 -14.49 -1.08
N ALA B 210 20.29 -15.50 -0.48
CA ALA B 210 20.92 -16.44 0.47
C ALA B 210 20.33 -17.84 0.26
N ALA B 211 19.81 -18.08 -0.95
CA ALA B 211 19.32 -19.39 -1.42
C ALA B 211 19.70 -19.60 -2.90
N VAL B 212 19.80 -20.86 -3.32
CA VAL B 212 20.41 -21.25 -4.64
C VAL B 212 19.34 -21.25 -5.74
N GLN B 213 18.05 -21.35 -5.35
CA GLN B 213 16.93 -21.38 -6.32
C GLN B 213 15.72 -20.64 -5.69
N MET B 214 14.86 -20.07 -6.52
CA MET B 214 13.64 -19.36 -6.07
C MET B 214 12.68 -20.36 -5.41
N GLY B 215 12.39 -20.16 -4.11
CA GLY B 215 11.42 -20.98 -3.36
C GLY B 215 12.09 -22.03 -2.48
N LEU B 216 13.44 -22.06 -2.46
CA LEU B 216 14.21 -22.87 -1.46
C LEU B 216 14.67 -21.99 -0.31
N ILE B 217 14.94 -22.64 0.82
CA ILE B 217 15.41 -22.00 2.07
C ILE B 217 16.90 -21.72 1.95
N TYR B 218 17.69 -22.74 1.65
CA TYR B 218 19.16 -22.57 1.45
C TYR B 218 19.57 -23.26 0.15
N VAL B 219 19.73 -24.58 0.15
CA VAL B 219 20.33 -25.31 -1.00
C VAL B 219 19.38 -26.38 -1.51
N ASN B 220 19.74 -27.01 -2.62
CA ASN B 220 18.98 -28.10 -3.26
C ASN B 220 19.42 -29.40 -2.59
N PRO B 221 18.51 -30.17 -1.96
CA PRO B 221 18.86 -31.43 -1.29
C PRO B 221 19.38 -32.54 -2.21
N GLU B 222 19.10 -32.46 -3.52
CA GLU B 222 19.66 -33.42 -4.51
C GLU B 222 21.09 -33.05 -4.87
N GLY B 223 21.47 -31.78 -4.70
CA GLY B 223 22.79 -31.23 -5.08
C GLY B 223 22.66 -30.01 -5.99
N PRO B 224 23.77 -29.30 -6.30
CA PRO B 224 23.72 -28.03 -7.02
C PRO B 224 23.02 -28.22 -8.37
N ASP B 225 21.95 -27.44 -8.60
CA ASP B 225 21.08 -27.54 -9.81
C ASP B 225 20.74 -29.01 -10.06
N GLY B 226 20.59 -29.81 -8.98
CA GLY B 226 20.06 -31.19 -9.08
C GLY B 226 21.13 -32.23 -9.40
N ASN B 227 22.42 -31.85 -9.41
CA ASN B 227 23.55 -32.76 -9.69
C ASN B 227 24.06 -33.33 -8.37
N PRO B 228 23.97 -34.66 -8.15
CA PRO B 228 24.18 -35.23 -6.82
C PRO B 228 25.67 -35.47 -6.47
N ASP B 229 26.43 -34.36 -6.36
CA ASP B 229 27.86 -34.30 -5.96
C ASP B 229 27.96 -33.69 -4.56
N PRO B 230 28.15 -34.50 -3.49
CA PRO B 230 28.15 -33.98 -2.12
C PRO B 230 29.24 -32.93 -1.89
N VAL B 231 30.32 -32.98 -2.69
CA VAL B 231 31.49 -32.06 -2.51
C VAL B 231 31.10 -30.68 -3.05
N ALA B 232 30.47 -30.62 -4.23
CA ALA B 232 29.96 -29.37 -4.81
C ALA B 232 28.76 -28.86 -3.99
N ALA B 233 27.93 -29.75 -3.43
CA ALA B 233 26.79 -29.34 -2.57
C ALA B 233 27.33 -28.62 -1.34
N ALA B 234 28.49 -29.05 -0.84
CA ALA B 234 29.09 -28.50 0.39
C ALA B 234 29.42 -27.02 0.17
N ARG B 235 29.84 -26.68 -1.04
CA ARG B 235 30.18 -25.30 -1.41
C ARG B 235 28.93 -24.40 -1.32
N ASP B 236 27.78 -24.86 -1.84
CA ASP B 236 26.51 -24.10 -1.76
C ASP B 236 26.07 -23.96 -0.30
N ILE B 237 26.18 -25.05 0.47
CA ILE B 237 25.83 -25.06 1.90
C ILE B 237 26.66 -24.00 2.62
N ARG B 238 27.98 -24.02 2.45
CA ARG B 238 28.89 -23.08 3.15
C ARG B 238 28.50 -21.64 2.80
N ASP B 239 28.27 -21.36 1.53
CA ASP B 239 27.97 -19.99 1.01
C ASP B 239 26.61 -19.53 1.57
N THR B 240 25.56 -20.33 1.43
CA THR B 240 24.19 -19.89 1.83
C THR B 240 24.11 -19.77 3.36
N PHE B 241 24.65 -20.73 4.12
CA PHE B 241 24.65 -20.65 5.60
C PHE B 241 25.44 -19.40 6.05
N ALA B 242 26.59 -19.09 5.42
CA ALA B 242 27.39 -17.89 5.74
C ALA B 242 26.52 -16.64 5.55
N ARG B 243 25.73 -16.66 4.49
CA ARG B 243 24.82 -15.54 4.16
C ARG B 243 23.61 -15.54 5.09
N MET B 244 23.50 -16.54 5.97
CA MET B 244 22.47 -16.52 7.04
C MET B 244 23.16 -16.51 8.43
N ALA B 245 24.44 -16.09 8.48
CA ALA B 245 25.21 -15.75 9.70
C ALA B 245 25.77 -16.98 10.41
N MET B 246 25.91 -18.11 9.72
CA MET B 246 26.36 -19.38 10.35
C MET B 246 27.69 -19.81 9.75
N ASN B 247 28.64 -20.14 10.63
CA ASN B 247 30.00 -20.63 10.28
C ASN B 247 29.95 -22.16 10.09
N ASP B 248 31.10 -22.80 9.84
CA ASP B 248 31.17 -24.27 9.59
C ASP B 248 30.62 -25.04 10.81
N GLU B 249 31.07 -24.71 12.02
CA GLU B 249 30.65 -25.47 13.22
C GLU B 249 29.13 -25.40 13.41
N GLU B 250 28.57 -24.20 13.33
CA GLU B 250 27.11 -23.97 13.52
C GLU B 250 26.32 -24.70 12.42
N THR B 251 26.90 -24.76 11.22
CA THR B 251 26.21 -25.31 10.03
C THR B 251 26.09 -26.83 10.20
N VAL B 252 27.19 -27.48 10.54
CA VAL B 252 27.21 -28.97 10.75
C VAL B 252 26.27 -29.32 11.91
N ALA B 253 26.35 -28.59 13.03
CA ALA B 253 25.53 -28.80 14.24
C ALA B 253 24.05 -28.70 13.87
N LEU B 254 23.66 -27.71 13.05
CA LEU B 254 22.23 -27.47 12.70
C LEU B 254 21.74 -28.59 11.79
N ILE B 255 22.48 -28.94 10.74
CA ILE B 255 22.01 -29.94 9.73
C ILE B 255 21.92 -31.32 10.38
N ALA B 256 22.97 -31.74 11.06
CA ALA B 256 23.07 -33.04 11.78
C ALA B 256 22.05 -33.11 12.92
N GLY B 257 21.87 -32.00 13.64
CA GLY B 257 20.85 -31.87 14.69
C GLY B 257 19.44 -32.03 14.16
N GLY B 258 19.04 -31.18 13.24
CA GLY B 258 17.74 -31.29 12.55
C GLY B 258 17.48 -32.71 12.07
N HIS B 259 18.42 -33.30 11.32
CA HIS B 259 18.24 -34.60 10.60
C HIS B 259 18.58 -35.78 11.54
N THR B 260 18.69 -35.51 12.84
CA THR B 260 18.51 -36.53 13.90
C THR B 260 17.02 -36.89 14.03
N PHE B 261 16.12 -36.05 13.51
CA PHE B 261 14.67 -36.23 13.73
C PHE B 261 13.92 -36.42 12.41
N GLY B 262 12.85 -37.22 12.51
CA GLY B 262 11.76 -37.25 11.53
C GLY B 262 12.19 -37.87 10.22
N LYS B 263 11.59 -37.40 9.13
CA LYS B 263 11.76 -38.04 7.79
C LYS B 263 11.33 -37.05 6.72
N THR B 264 11.73 -37.33 5.49
CA THR B 264 11.26 -36.67 4.26
C THR B 264 10.04 -37.42 3.73
N HIS B 265 9.38 -36.86 2.73
CA HIS B 265 8.11 -37.39 2.17
C HIS B 265 8.20 -37.38 0.65
N GLY B 266 8.28 -38.57 0.03
CA GLY B 266 8.23 -38.71 -1.43
C GLY B 266 7.73 -40.07 -1.87
N ALA B 267 6.51 -40.43 -1.44
CA ALA B 267 5.98 -41.80 -1.54
C ALA B 267 5.56 -42.10 -2.99
N GLY B 268 5.36 -41.06 -3.81
CA GLY B 268 4.94 -41.20 -5.21
C GLY B 268 5.36 -40.00 -6.04
N PRO B 269 5.11 -40.00 -7.38
CA PRO B 269 5.53 -38.93 -8.27
C PRO B 269 4.93 -37.57 -7.90
N ALA B 270 5.72 -36.51 -8.08
CA ALA B 270 5.38 -35.14 -7.67
C ALA B 270 4.15 -34.66 -8.46
N SER B 271 3.86 -35.27 -9.61
CA SER B 271 2.75 -34.81 -10.48
C SER B 271 1.41 -35.02 -9.77
N ASN B 272 1.34 -35.89 -8.77
CA ASN B 272 0.12 -36.07 -7.94
C ASN B 272 -0.25 -34.80 -7.13
N VAL B 273 0.72 -33.92 -6.89
CA VAL B 273 0.56 -32.80 -5.91
C VAL B 273 -0.03 -31.58 -6.61
N GLY B 274 -1.06 -30.97 -6.04
CA GLY B 274 -1.79 -29.85 -6.68
C GLY B 274 -1.33 -28.51 -6.17
N ALA B 275 -2.21 -27.51 -6.33
CA ALA B 275 -1.88 -26.08 -6.25
C ALA B 275 -1.35 -25.75 -4.86
N GLU B 276 -0.29 -24.96 -4.78
CA GLU B 276 0.21 -24.31 -3.55
C GLU B 276 -0.89 -23.45 -2.94
N PRO B 277 -0.85 -23.14 -1.63
CA PRO B 277 -1.97 -22.48 -0.95
C PRO B 277 -2.51 -21.21 -1.64
N GLU B 278 -1.65 -20.31 -2.09
CA GLU B 278 -2.13 -19.04 -2.74
C GLU B 278 -2.82 -19.33 -4.08
N ALA B 279 -2.67 -20.54 -4.64
CA ALA B 279 -3.24 -20.90 -5.96
C ALA B 279 -4.48 -21.79 -5.81
N ALA B 280 -4.75 -22.32 -4.61
CA ALA B 280 -5.77 -23.37 -4.40
C ALA B 280 -7.17 -22.77 -4.41
N GLY B 281 -8.18 -23.58 -4.63
CA GLY B 281 -9.58 -23.13 -4.49
C GLY B 281 -9.90 -22.58 -3.11
N ILE B 282 -10.96 -21.78 -3.06
CA ILE B 282 -11.47 -21.17 -1.82
C ILE B 282 -11.92 -22.27 -0.84
N GLU B 283 -12.34 -23.44 -1.33
CA GLU B 283 -12.82 -24.56 -0.47
C GLU B 283 -11.65 -25.19 0.31
N ALA B 284 -10.41 -25.01 -0.15
CA ALA B 284 -9.22 -25.57 0.53
C ALA B 284 -8.96 -24.82 1.84
N GLN B 285 -9.68 -23.73 2.07
CA GLN B 285 -9.61 -22.92 3.32
C GLN B 285 -8.14 -22.76 3.78
N GLY B 286 -7.27 -22.29 2.90
CA GLY B 286 -5.92 -21.78 3.25
C GLY B 286 -4.83 -22.86 3.18
N LEU B 287 -5.21 -24.09 2.88
CA LEU B 287 -4.24 -25.21 2.73
C LEU B 287 -3.95 -25.42 1.24
N GLY B 288 -2.90 -26.17 0.92
CA GLY B 288 -2.47 -26.44 -0.46
C GLY B 288 -1.82 -27.81 -0.62
N TRP B 289 -1.22 -28.03 -1.80
CA TRP B 289 -0.45 -29.25 -2.17
C TRP B 289 -1.30 -30.49 -1.95
N LYS B 290 -2.61 -30.40 -2.20
CA LYS B 290 -3.53 -31.55 -2.10
C LYS B 290 -3.06 -32.64 -3.06
N SER B 291 -2.89 -33.88 -2.60
CA SER B 291 -2.23 -34.96 -3.39
C SER B 291 -3.23 -36.04 -3.80
N ALA B 292 -3.20 -36.44 -5.08
CA ALA B 292 -4.04 -37.53 -5.67
C ALA B 292 -3.40 -38.90 -5.45
N TYR B 293 -2.19 -38.98 -4.86
CA TYR B 293 -1.48 -40.26 -4.64
C TYR B 293 -2.04 -40.99 -3.43
N ARG B 294 -2.78 -42.07 -3.70
CA ARG B 294 -3.32 -42.98 -2.68
C ARG B 294 -4.13 -42.12 -1.72
N THR B 295 -3.89 -42.16 -0.41
CA THR B 295 -4.65 -41.38 0.60
C THR B 295 -4.23 -39.90 0.59
N GLY B 296 -3.09 -39.56 -0.01
CA GLY B 296 -2.66 -38.15 -0.15
C GLY B 296 -2.01 -37.61 1.12
N LYS B 297 -1.71 -38.45 2.10
CA LYS B 297 -1.20 -38.05 3.45
C LYS B 297 -0.51 -39.24 4.14
N GLY B 298 0.07 -39.01 5.32
CA GLY B 298 0.57 -40.11 6.18
C GLY B 298 1.60 -40.94 5.43
N ALA B 299 1.41 -42.27 5.37
CA ALA B 299 2.30 -43.21 4.65
C ALA B 299 2.49 -42.78 3.19
N ASP B 300 1.48 -42.09 2.63
CA ASP B 300 1.37 -41.74 1.19
C ASP B 300 1.87 -40.31 0.93
N ALA B 301 2.38 -39.62 1.96
CA ALA B 301 2.74 -38.18 1.88
C ALA B 301 3.84 -37.92 0.84
N ILE B 302 3.65 -36.83 0.11
CA ILE B 302 4.63 -36.23 -0.84
C ILE B 302 4.80 -34.75 -0.50
N THR B 303 6.02 -34.36 -0.13
CA THR B 303 6.40 -32.98 0.23
C THR B 303 7.58 -32.58 -0.67
N SER B 304 8.78 -33.06 -0.37
CA SER B 304 9.99 -32.79 -1.17
C SER B 304 10.07 -33.69 -2.40
N GLY B 305 9.55 -34.92 -2.34
CA GLY B 305 9.80 -35.93 -3.39
C GLY B 305 10.90 -36.90 -3.01
N LEU B 306 11.62 -36.64 -1.92
CA LEU B 306 12.64 -37.56 -1.40
C LEU B 306 12.01 -38.47 -0.35
N GLU B 307 12.56 -39.67 -0.16
CA GLU B 307 12.03 -40.64 0.84
C GLU B 307 13.21 -41.12 1.68
N VAL B 308 13.61 -40.34 2.70
CA VAL B 308 14.79 -40.58 3.57
C VAL B 308 14.31 -40.57 5.03
N THR B 309 14.69 -41.57 5.82
CA THR B 309 14.60 -41.52 7.30
C THR B 309 16.02 -41.74 7.84
N TRP B 310 16.55 -40.80 8.62
CA TRP B 310 17.98 -40.76 8.99
C TRP B 310 18.31 -41.77 10.09
N THR B 311 17.51 -41.87 11.16
CA THR B 311 17.91 -42.60 12.40
C THR B 311 16.96 -43.75 12.71
N THR B 312 17.46 -44.64 13.56
CA THR B 312 16.71 -45.82 14.08
C THR B 312 15.69 -45.36 15.13
N THR B 313 15.78 -44.11 15.64
CA THR B 313 14.78 -43.53 16.58
C THR B 313 14.42 -42.11 16.16
N PRO B 314 13.56 -41.95 15.14
CA PRO B 314 13.30 -40.63 14.56
C PRO B 314 12.54 -39.73 15.53
N THR B 315 11.94 -40.28 16.59
CA THR B 315 11.20 -39.45 17.55
C THR B 315 11.99 -39.28 18.86
N GLN B 316 13.29 -39.52 18.89
CA GLN B 316 14.12 -39.37 20.12
C GLN B 316 15.51 -38.87 19.71
N TRP B 317 15.98 -37.86 20.42
CA TRP B 317 17.41 -37.44 20.38
C TRP B 317 18.27 -38.69 20.46
N SER B 318 19.29 -38.78 19.60
CA SER B 318 20.24 -39.91 19.49
C SER B 318 21.56 -39.36 18.96
N HIS B 319 22.56 -40.23 18.88
CA HIS B 319 23.88 -39.97 18.26
C HIS B 319 23.94 -40.78 16.96
N ASN B 320 22.76 -41.17 16.44
CA ASN B 320 22.63 -42.16 15.34
C ASN B 320 22.88 -41.51 13.97
N PHE B 321 22.75 -40.18 13.83
CA PHE B 321 23.03 -39.50 12.54
C PHE B 321 24.49 -39.71 12.12
N PHE B 322 25.44 -39.37 12.98
CA PHE B 322 26.88 -39.50 12.64
C PHE B 322 27.33 -40.97 12.65
N GLU B 323 26.73 -41.82 13.50
CA GLU B 323 26.97 -43.29 13.44
C GLU B 323 26.64 -43.80 12.03
N ASN B 324 25.46 -43.44 11.50
CA ASN B 324 25.08 -43.87 10.14
C ASN B 324 26.03 -43.21 9.13
N LEU B 325 26.30 -41.92 9.27
CA LEU B 325 26.99 -41.15 8.20
C LEU B 325 28.33 -41.83 7.88
N PHE B 326 29.06 -42.16 8.94
CA PHE B 326 30.47 -42.65 8.90
C PHE B 326 30.47 -44.18 8.84
N GLY B 327 29.39 -44.81 9.28
CA GLY B 327 29.33 -46.26 9.55
C GLY B 327 29.06 -47.05 8.29
N TYR B 328 28.57 -46.42 7.24
CA TYR B 328 28.24 -47.09 5.96
C TYR B 328 28.94 -46.40 4.81
N GLU B 329 29.06 -47.11 3.69
CA GLU B 329 29.36 -46.52 2.35
C GLU B 329 28.03 -46.35 1.61
N TRP B 330 27.96 -45.36 0.73
CA TRP B 330 26.65 -44.81 0.26
C TRP B 330 26.55 -45.03 -1.24
N GLU B 331 25.37 -45.36 -1.70
CA GLU B 331 25.09 -45.73 -3.10
C GLU B 331 24.00 -44.80 -3.60
N LEU B 332 24.25 -44.15 -4.73
CA LEU B 332 23.27 -43.25 -5.36
C LEU B 332 22.09 -44.08 -5.79
N THR B 333 20.89 -43.64 -5.44
CA THR B 333 19.63 -44.30 -5.83
C THR B 333 18.58 -43.22 -6.10
N LYS B 334 17.32 -43.62 -6.29
CA LYS B 334 16.19 -42.72 -6.60
C LYS B 334 15.03 -43.01 -5.66
N SER B 335 14.45 -41.96 -5.07
CA SER B 335 13.14 -41.99 -4.36
C SER B 335 12.08 -42.53 -5.31
N PRO B 336 10.88 -42.90 -4.80
CA PRO B 336 9.73 -43.21 -5.65
C PRO B 336 9.19 -42.06 -6.51
N ALA B 337 9.60 -40.81 -6.25
CA ALA B 337 9.21 -39.67 -7.09
C ALA B 337 10.24 -39.42 -8.19
N GLY B 338 11.36 -40.15 -8.20
CA GLY B 338 12.45 -39.95 -9.17
C GLY B 338 13.61 -39.10 -8.67
N ALA B 339 13.67 -38.73 -7.38
CA ALA B 339 14.67 -37.76 -6.88
C ALA B 339 15.95 -38.49 -6.52
N HIS B 340 17.09 -37.82 -6.61
CA HIS B 340 18.40 -38.38 -6.22
C HIS B 340 18.51 -38.39 -4.70
N GLN B 341 18.92 -39.53 -4.15
CA GLN B 341 19.21 -39.75 -2.72
C GLN B 341 20.07 -40.99 -2.56
N TRP B 342 20.49 -41.30 -1.34
CA TRP B 342 21.59 -42.27 -1.10
C TRP B 342 21.09 -43.35 -0.14
N VAL B 343 21.54 -44.58 -0.35
CA VAL B 343 21.21 -45.76 0.52
C VAL B 343 22.51 -46.45 0.95
N ALA B 344 22.54 -46.94 2.19
CA ALA B 344 23.72 -47.57 2.82
C ALA B 344 23.97 -48.92 2.15
N LYS B 345 25.19 -49.12 1.61
CA LYS B 345 25.58 -50.40 0.92
C LYS B 345 25.58 -51.53 1.94
N GLY B 346 24.81 -52.58 1.66
CA GLY B 346 24.79 -53.83 2.42
C GLY B 346 24.24 -53.69 3.82
N ALA B 347 23.49 -52.63 4.11
CA ALA B 347 22.93 -52.42 5.47
C ALA B 347 21.73 -53.36 5.65
N ASP B 348 21.47 -53.78 6.89
CA ASP B 348 20.18 -54.40 7.31
C ASP B 348 19.10 -53.31 7.37
N ALA B 349 17.84 -53.73 7.35
CA ALA B 349 16.65 -52.87 7.54
C ALA B 349 16.48 -52.59 9.04
N VAL B 350 17.09 -51.50 9.52
CA VAL B 350 17.14 -51.10 10.96
C VAL B 350 16.28 -49.85 11.22
N ILE B 351 15.85 -49.12 10.20
CA ILE B 351 15.11 -47.83 10.35
C ILE B 351 13.62 -48.15 10.40
N PRO B 352 12.87 -47.66 11.42
CA PRO B 352 11.45 -47.97 11.53
C PRO B 352 10.63 -47.28 10.43
N ASP B 353 9.53 -47.90 10.02
CA ASP B 353 8.51 -47.29 9.14
C ASP B 353 7.71 -46.29 9.97
N ALA B 354 7.20 -45.23 9.36
CA ALA B 354 6.42 -44.21 10.07
C ALA B 354 5.02 -44.74 10.45
N PHE B 355 4.50 -45.78 9.78
CA PHE B 355 3.08 -46.18 9.95
C PHE B 355 2.89 -47.68 10.18
N ASP B 356 3.71 -48.52 9.57
CA ASP B 356 3.56 -50.00 9.55
C ASP B 356 4.61 -50.61 10.50
N PRO B 357 4.25 -51.10 11.71
CA PRO B 357 5.22 -51.73 12.63
C PRO B 357 5.94 -52.94 12.02
N SER B 358 5.40 -53.53 10.97
CA SER B 358 5.97 -54.75 10.33
C SER B 358 7.01 -54.38 9.27
N LYS B 359 7.21 -53.08 8.95
CA LYS B 359 8.22 -52.70 7.92
C LYS B 359 9.41 -52.03 8.59
N LYS B 360 10.61 -52.31 8.09
CA LYS B 360 11.86 -51.62 8.45
C LYS B 360 12.58 -51.29 7.16
N HIS B 361 13.50 -50.32 7.18
CA HIS B 361 14.13 -49.78 5.95
C HIS B 361 15.63 -49.70 6.19
N ARG B 362 16.41 -49.71 5.12
CA ARG B 362 17.87 -49.42 5.21
C ARG B 362 18.06 -47.95 5.54
N PRO B 363 19.18 -47.59 6.19
CA PRO B 363 19.57 -46.18 6.29
C PRO B 363 19.67 -45.51 4.91
N THR B 364 19.27 -44.24 4.88
CA THR B 364 19.32 -43.35 3.70
C THR B 364 19.82 -41.99 4.12
N MET B 365 20.32 -41.23 3.15
CA MET B 365 20.90 -39.89 3.35
C MET B 365 20.56 -39.07 2.09
N LEU B 366 20.46 -37.74 2.25
CA LEU B 366 20.48 -36.75 1.15
C LEU B 366 21.93 -36.51 0.70
N THR B 367 22.10 -36.03 -0.53
CA THR B 367 23.40 -35.52 -1.03
C THR B 367 24.02 -34.55 0.00
N THR B 368 23.20 -33.61 0.51
CA THR B 368 23.62 -32.51 1.41
C THR B 368 23.96 -33.01 2.82
N ASP B 369 23.44 -34.16 3.22
CA ASP B 369 23.91 -34.87 4.44
C ASP B 369 25.33 -35.41 4.22
N LEU B 370 25.57 -36.06 3.07
CA LEU B 370 26.90 -36.63 2.74
C LEU B 370 27.93 -35.51 2.65
N SER B 371 27.55 -34.28 2.30
CA SER B 371 28.46 -33.09 2.33
C SER B 371 29.20 -33.05 3.67
N LEU B 372 28.54 -33.39 4.77
CA LEU B 372 29.09 -33.22 6.13
C LEU B 372 30.25 -34.18 6.34
N ARG B 373 30.31 -35.22 5.50
CA ARG B 373 31.38 -36.25 5.52
C ARG B 373 32.43 -35.99 4.41
N PHE B 374 32.05 -35.56 3.21
CA PHE B 374 32.93 -35.59 2.01
C PHE B 374 33.52 -34.21 1.71
N ASP B 375 33.05 -33.14 2.37
CA ASP B 375 33.77 -31.85 2.38
C ASP B 375 34.84 -31.92 3.47
N PRO B 376 36.12 -31.66 3.15
CA PRO B 376 37.17 -31.90 4.14
C PRO B 376 37.04 -31.11 5.43
N ALA B 377 36.62 -29.85 5.37
CA ALA B 377 36.51 -28.99 6.56
C ALA B 377 35.33 -29.47 7.42
N TYR B 378 34.19 -29.83 6.81
CA TYR B 378 33.02 -30.40 7.54
C TYR B 378 33.38 -31.75 8.17
N GLU B 379 34.12 -32.60 7.46
CA GLU B 379 34.48 -33.97 7.88
C GLU B 379 35.13 -33.92 9.27
N LYS B 380 36.00 -32.94 9.49
CA LYS B 380 36.76 -32.82 10.75
C LYS B 380 35.79 -32.45 11.88
N ILE B 381 34.85 -31.53 11.62
CA ILE B 381 33.82 -31.17 12.63
C ILE B 381 32.90 -32.38 12.86
N SER B 382 32.36 -32.98 11.79
CA SER B 382 31.48 -34.18 11.87
C SER B 382 32.15 -35.28 12.70
N ARG B 383 33.47 -35.49 12.55
CA ARG B 383 34.22 -36.57 13.24
C ARG B 383 34.32 -36.20 14.71
N ARG B 384 34.63 -34.95 15.00
CA ARG B 384 34.69 -34.43 16.39
C ARG B 384 33.32 -34.59 17.08
N PHE B 385 32.22 -34.26 16.40
CA PHE B 385 30.84 -34.43 16.97
C PHE B 385 30.54 -35.92 17.18
N HIS B 386 30.93 -36.81 16.24
CA HIS B 386 30.74 -38.29 16.33
C HIS B 386 31.47 -38.86 17.56
N GLU B 387 32.70 -38.39 17.82
CA GLU B 387 33.55 -38.84 18.94
C GLU B 387 33.16 -38.11 20.23
N ASN B 388 32.63 -36.89 20.18
CA ASN B 388 32.30 -36.11 21.41
C ASN B 388 30.85 -35.65 21.35
N PRO B 389 29.88 -36.54 21.63
CA PRO B 389 28.48 -36.22 21.39
C PRO B 389 28.00 -35.04 22.26
N GLU B 390 28.61 -34.85 23.42
CA GLU B 390 28.29 -33.70 24.30
C GLU B 390 28.64 -32.41 23.55
N GLN B 391 29.69 -32.39 22.73
CA GLN B 391 30.09 -31.14 22.01
C GLN B 391 29.07 -30.89 20.91
N PHE B 392 28.57 -31.95 20.28
CA PHE B 392 27.50 -31.87 19.25
C PHE B 392 26.22 -31.27 19.89
N ALA B 393 25.81 -31.75 21.07
CA ALA B 393 24.54 -31.35 21.73
C ALA B 393 24.61 -29.88 22.10
N ASP B 394 25.75 -29.44 22.64
CA ASP B 394 25.95 -28.04 23.08
C ASP B 394 25.97 -27.14 21.84
N ALA B 395 26.69 -27.53 20.79
CA ALA B 395 26.81 -26.72 19.56
C ALA B 395 25.41 -26.58 18.94
N PHE B 396 24.67 -27.68 18.77
CA PHE B 396 23.30 -27.65 18.18
C PHE B 396 22.40 -26.73 19.03
N ALA B 397 22.45 -26.84 20.35
CA ALA B 397 21.55 -26.06 21.24
C ALA B 397 21.85 -24.57 21.03
N ARG B 398 23.13 -24.22 20.93
CA ARG B 398 23.55 -22.81 20.80
C ARG B 398 23.17 -22.30 19.42
N ALA B 399 23.38 -23.11 18.38
CA ALA B 399 23.06 -22.74 16.99
C ALA B 399 21.54 -22.61 16.82
N TRP B 400 20.75 -23.50 17.40
CA TRP B 400 19.27 -23.43 17.33
C TRP B 400 18.78 -22.12 17.94
N PHE B 401 19.29 -21.76 19.13
CA PHE B 401 18.94 -20.48 19.78
C PHE B 401 19.29 -19.31 18.85
N LYS B 402 20.50 -19.32 18.28
CA LYS B 402 20.97 -18.23 17.37
C LYS B 402 20.07 -18.17 16.12
N LEU B 403 19.93 -19.29 15.42
CA LEU B 403 19.03 -19.41 14.24
C LEU B 403 17.69 -18.70 14.51
N THR B 404 17.07 -19.04 15.63
CA THR B 404 15.65 -18.69 15.94
C THR B 404 15.52 -17.31 16.60
N HIS B 405 16.63 -16.68 17.02
CA HIS B 405 16.64 -15.34 17.69
C HIS B 405 17.47 -14.31 16.91
N ARG B 406 18.03 -14.69 15.75
CA ARG B 406 19.10 -13.92 15.06
C ARG B 406 18.60 -12.51 14.72
N ASP B 407 17.30 -12.39 14.42
CA ASP B 407 16.63 -11.18 13.89
C ASP B 407 15.77 -10.50 14.95
N MET B 408 15.95 -10.83 16.23
CA MET B 408 15.13 -10.24 17.32
C MET B 408 15.72 -8.92 17.85
N GLY B 409 17.00 -8.64 17.61
CA GLY B 409 17.58 -7.33 17.94
C GLY B 409 18.24 -7.38 19.31
N PRO B 410 18.46 -6.21 19.94
CA PRO B 410 19.09 -6.18 21.25
C PRO B 410 18.38 -7.03 22.32
N ARG B 411 19.14 -7.51 23.31
CA ARG B 411 18.67 -8.42 24.38
C ARG B 411 17.52 -7.75 25.15
N ALA B 412 17.46 -6.41 25.13
CA ALA B 412 16.42 -5.63 25.82
C ALA B 412 15.03 -5.96 25.26
N ARG B 413 14.93 -6.52 24.04
CA ARG B 413 13.63 -6.94 23.46
C ARG B 413 13.19 -8.34 23.91
N TYR B 414 14.06 -9.11 24.55
CA TYR B 414 13.85 -10.55 24.89
C TYR B 414 12.87 -10.65 26.06
N LEU B 415 11.75 -11.37 25.91
CA LEU B 415 10.73 -11.46 26.97
C LEU B 415 10.66 -12.88 27.57
N GLY B 416 10.23 -12.94 28.83
CA GLY B 416 9.69 -14.14 29.48
C GLY B 416 10.75 -14.84 30.33
N PRO B 417 10.37 -15.97 30.94
CA PRO B 417 11.22 -16.58 31.97
C PRO B 417 12.25 -17.59 31.44
N GLU B 418 12.40 -17.77 30.13
CA GLU B 418 13.37 -18.77 29.60
C GLU B 418 14.54 -18.09 28.88
N VAL B 419 14.68 -16.79 29.03
CA VAL B 419 15.72 -16.03 28.27
C VAL B 419 17.06 -16.50 28.82
N PRO B 420 18.03 -16.97 28.00
CA PRO B 420 19.34 -17.34 28.52
C PRO B 420 20.05 -16.10 29.08
N ALA B 421 20.73 -16.26 30.21
CA ALA B 421 21.51 -15.21 30.89
C ALA B 421 22.82 -14.99 30.13
N GLU B 422 23.36 -16.03 29.50
CA GLU B 422 24.65 -15.89 28.80
C GLU B 422 24.50 -14.86 27.67
N VAL B 423 25.36 -13.85 27.66
CA VAL B 423 25.45 -12.80 26.62
C VAL B 423 26.35 -13.36 25.52
N LEU B 424 25.83 -13.45 24.30
CA LEU B 424 26.52 -14.07 23.13
C LEU B 424 27.06 -12.99 22.19
N LEU B 425 28.28 -13.16 21.69
CA LEU B 425 28.95 -12.18 20.81
C LEU B 425 27.99 -11.77 19.68
N TRP B 426 27.22 -12.70 19.12
CA TRP B 426 26.40 -12.45 17.90
C TRP B 426 25.26 -11.46 18.20
N GLN B 427 24.90 -11.26 19.46
CA GLN B 427 23.86 -10.30 19.89
C GLN B 427 24.33 -8.82 19.83
N ASP B 428 25.58 -8.55 19.45
CA ASP B 428 26.16 -7.18 19.44
C ASP B 428 25.90 -6.53 20.79
N PRO B 429 26.36 -7.13 21.89
CA PRO B 429 25.94 -6.71 23.21
C PRO B 429 26.43 -5.30 23.62
N ILE B 430 25.56 -4.64 24.40
CA ILE B 430 25.73 -3.30 25.03
C ILE B 430 25.93 -3.55 26.52
N PRO B 431 27.01 -3.08 27.15
CA PRO B 431 27.13 -3.15 28.61
C PRO B 431 25.97 -2.47 29.36
N ALA B 432 25.66 -2.99 30.54
CA ALA B 432 24.66 -2.40 31.44
C ALA B 432 25.16 -1.03 31.90
N VAL B 433 24.26 -0.07 32.04
CA VAL B 433 24.61 1.22 32.69
C VAL B 433 24.51 1.03 34.21
N ASP B 434 25.56 1.40 34.94
CA ASP B 434 25.67 1.17 36.41
C ASP B 434 25.85 2.49 37.15
N HIS B 435 25.52 3.64 36.52
CA HIS B 435 25.84 5.00 37.04
C HIS B 435 24.68 5.95 36.76
N PRO B 436 24.58 7.06 37.53
CA PRO B 436 23.63 8.13 37.23
C PRO B 436 23.88 8.64 35.81
N LEU B 437 22.80 8.96 35.08
CA LEU B 437 22.85 9.58 33.74
C LEU B 437 22.91 11.09 33.86
N ILE B 438 23.40 11.75 32.82
CA ILE B 438 23.32 13.23 32.66
C ILE B 438 21.86 13.69 32.61
N ASP B 439 21.61 14.86 33.20
CA ASP B 439 20.27 15.48 33.24
C ASP B 439 20.27 16.62 32.21
N ALA B 440 19.19 17.42 32.15
CA ALA B 440 19.03 18.50 31.16
C ALA B 440 20.08 19.59 31.38
N ALA B 441 20.48 19.87 32.63
CA ALA B 441 21.52 20.89 32.93
C ALA B 441 22.86 20.42 32.35
N ASP B 442 23.25 19.16 32.58
CA ASP B 442 24.48 18.54 32.05
C ASP B 442 24.47 18.60 30.52
N ALA B 443 23.33 18.27 29.90
CA ALA B 443 23.19 18.19 28.43
C ALA B 443 23.38 19.59 27.84
N ALA B 444 22.83 20.63 28.46
CA ALA B 444 23.02 22.03 28.01
C ALA B 444 24.51 22.37 28.15
N GLU B 445 25.18 21.92 29.22
CA GLU B 445 26.61 22.23 29.43
C GLU B 445 27.45 21.55 28.33
N LEU B 446 27.25 20.26 28.11
CA LEU B 446 28.01 19.48 27.10
C LEU B 446 27.77 20.10 25.70
N LYS B 447 26.55 20.51 25.36
CA LYS B 447 26.29 21.08 24.02
C LYS B 447 27.04 22.40 23.85
N ALA B 448 27.13 23.24 24.90
CA ALA B 448 27.83 24.52 24.80
C ALA B 448 29.33 24.25 24.60
N LYS B 449 29.86 23.22 25.26
CA LYS B 449 31.30 22.83 25.15
C LYS B 449 31.57 22.29 23.74
N VAL B 450 30.66 21.50 23.21
CA VAL B 450 30.79 20.95 21.83
C VAL B 450 30.87 22.12 20.84
N LEU B 451 29.94 23.09 20.93
CA LEU B 451 29.88 24.26 20.01
C LEU B 451 31.07 25.21 20.23
N ALA B 452 31.64 25.30 21.44
CA ALA B 452 32.80 26.15 21.73
C ALA B 452 34.09 25.48 21.27
N SER B 453 34.10 24.16 21.00
CA SER B 453 35.30 23.42 20.55
C SER B 453 35.74 23.87 19.16
N GLY B 454 34.84 24.39 18.33
CA GLY B 454 35.15 24.65 16.90
C GLY B 454 34.69 23.56 15.94
N LEU B 455 34.17 22.43 16.43
CA LEU B 455 33.51 21.43 15.54
C LEU B 455 32.37 22.11 14.78
N THR B 456 32.25 21.88 13.48
CA THR B 456 31.29 22.64 12.63
C THR B 456 29.94 21.91 12.64
N VAL B 457 28.92 22.59 12.18
CA VAL B 457 27.58 21.96 11.97
C VAL B 457 27.79 20.69 11.14
N SER B 458 28.56 20.81 10.04
CA SER B 458 28.73 19.70 9.06
C SER B 458 29.40 18.50 9.75
N GLN B 459 30.41 18.74 10.57
CA GLN B 459 31.14 17.67 11.31
C GLN B 459 30.17 16.97 12.29
N LEU B 460 29.41 17.73 13.06
CA LEU B 460 28.57 17.20 14.17
C LEU B 460 27.42 16.37 13.56
N VAL B 461 26.76 16.91 12.54
CA VAL B 461 25.62 16.24 11.86
C VAL B 461 26.14 14.99 11.14
N SER B 462 27.24 15.09 10.40
CA SER B 462 27.78 13.93 9.65
C SER B 462 28.09 12.78 10.62
N THR B 463 28.76 13.06 11.74
CA THR B 463 29.21 12.03 12.71
C THR B 463 27.99 11.34 13.33
N ALA B 464 26.99 12.11 13.78
CA ALA B 464 25.81 11.57 14.48
C ALA B 464 25.01 10.76 13.46
N TRP B 465 24.94 11.23 12.20
CA TRP B 465 24.25 10.48 11.11
C TRP B 465 24.98 9.15 10.88
N ALA B 466 26.31 9.17 10.81
CA ALA B 466 27.13 7.97 10.54
C ALA B 466 26.85 6.95 11.66
N ALA B 467 26.74 7.42 12.90
CA ALA B 467 26.59 6.56 14.09
C ALA B 467 25.19 5.95 14.09
N ALA B 468 24.14 6.75 13.92
CA ALA B 468 22.74 6.34 14.14
C ALA B 468 22.19 5.54 12.95
N SER B 469 22.67 5.79 11.74
CA SER B 469 21.99 5.39 10.47
C SER B 469 22.40 3.99 10.04
N THR B 470 23.18 3.25 10.84
CA THR B 470 23.53 1.83 10.62
C THR B 470 22.36 0.93 11.03
N PHE B 471 21.40 1.46 11.78
CA PHE B 471 20.20 0.70 12.22
C PHE B 471 19.42 0.21 11.02
N ARG B 472 18.90 -1.02 11.10
CA ARG B 472 17.91 -1.56 10.14
C ARG B 472 16.82 -2.31 10.91
N GLY B 473 15.56 -2.00 10.59
CA GLY B 473 14.41 -2.58 11.31
C GLY B 473 14.19 -4.03 10.93
N SER B 474 14.83 -4.49 9.86
CA SER B 474 14.69 -5.87 9.32
C SER B 474 15.08 -6.91 10.40
N ASP B 475 16.27 -6.73 11.01
CA ASP B 475 16.78 -7.61 12.09
C ASP B 475 17.13 -6.80 13.34
N LYS B 476 16.86 -5.49 13.35
CA LYS B 476 17.07 -4.56 14.49
C LYS B 476 18.53 -4.59 14.93
N ARG B 477 19.44 -4.76 13.97
CA ARG B 477 20.90 -4.57 14.20
C ARG B 477 21.24 -3.09 13.94
N GLY B 478 22.34 -2.62 14.52
CA GLY B 478 22.89 -1.30 14.23
C GLY B 478 22.35 -0.21 15.14
N GLY B 479 22.66 1.04 14.81
CA GLY B 479 22.29 2.25 15.60
C GLY B 479 23.45 2.78 16.41
N ALA B 480 23.24 3.91 17.10
CA ALA B 480 24.30 4.68 17.78
C ALA B 480 24.65 4.08 19.14
N ASN B 481 23.78 3.23 19.73
CA ASN B 481 24.05 2.60 21.04
C ASN B 481 25.29 1.71 20.89
N GLY B 482 26.24 1.79 21.82
CA GLY B 482 27.49 0.99 21.74
C GLY B 482 28.70 1.79 21.27
N ALA B 483 28.49 2.97 20.70
CA ALA B 483 29.58 3.81 20.15
C ALA B 483 30.52 2.95 19.28
N ARG B 484 29.96 2.09 18.45
CA ARG B 484 30.79 1.16 17.62
C ARG B 484 31.43 1.94 16.47
N ILE B 485 31.03 3.20 16.25
CA ILE B 485 31.61 4.04 15.17
C ILE B 485 33.08 4.28 15.50
N ARG B 486 33.47 4.18 16.78
CA ARG B 486 34.88 4.42 17.17
C ARG B 486 35.70 3.13 17.04
N LEU B 487 35.08 1.98 16.72
CA LEU B 487 35.78 0.67 16.70
C LEU B 487 35.97 0.23 15.25
N ALA B 488 36.79 -0.79 15.02
CA ALA B 488 36.80 -1.60 13.77
C ALA B 488 35.48 -2.37 13.69
N PRO B 489 34.86 -2.49 12.49
CA PRO B 489 35.35 -1.88 11.25
C PRO B 489 34.69 -0.52 10.91
N GLN B 490 33.73 -0.04 11.72
CA GLN B 490 32.92 1.17 11.34
C GLN B 490 33.85 2.38 11.20
N LYS B 491 34.88 2.52 12.03
CA LYS B 491 35.79 3.70 11.99
C LYS B 491 36.56 3.78 10.67
N ASP B 492 36.55 2.72 9.85
CA ASP B 492 37.40 2.59 8.64
C ASP B 492 36.50 2.65 7.41
N TRP B 493 35.18 2.66 7.58
CA TRP B 493 34.25 2.57 6.41
C TRP B 493 34.40 3.85 5.60
N GLU B 494 34.50 3.72 4.28
CA GLU B 494 34.64 4.89 3.36
C GLU B 494 33.51 5.90 3.59
N ALA B 495 32.25 5.43 3.65
CA ALA B 495 31.08 6.32 3.84
C ALA B 495 31.25 7.17 5.10
N ASN B 496 31.93 6.65 6.12
CA ASN B 496 32.08 7.34 7.43
C ASN B 496 33.24 8.36 7.41
N GLN B 497 34.00 8.47 6.31
CA GLN B 497 35.06 9.51 6.14
C GLN B 497 36.10 9.38 7.24
N PRO B 498 36.86 8.27 7.25
CA PRO B 498 37.66 7.86 8.40
C PRO B 498 38.55 8.96 8.99
N GLU B 499 39.19 9.78 8.14
CA GLU B 499 40.10 10.86 8.62
C GLU B 499 39.29 11.92 9.35
N GLN B 500 38.20 12.42 8.77
CA GLN B 500 37.34 13.45 9.43
C GLN B 500 36.78 12.86 10.72
N LEU B 501 36.31 11.62 10.68
CA LEU B 501 35.68 10.93 11.84
C LEU B 501 36.69 10.89 12.98
N ALA B 502 37.94 10.50 12.71
CA ALA B 502 39.00 10.38 13.74
C ALA B 502 39.12 11.71 14.48
N ALA B 503 39.22 12.81 13.73
CA ALA B 503 39.37 14.18 14.27
C ALA B 503 38.18 14.57 15.17
N VAL B 504 36.95 14.29 14.73
CA VAL B 504 35.73 14.61 15.52
C VAL B 504 35.79 13.80 16.81
N LEU B 505 36.05 12.50 16.69
CA LEU B 505 36.00 11.56 17.84
C LEU B 505 37.03 12.00 18.86
N GLU B 506 38.22 12.40 18.42
CA GLU B 506 39.30 12.86 19.34
C GLU B 506 38.78 14.06 20.14
N THR B 507 38.20 15.07 19.47
CA THR B 507 37.69 16.29 20.14
C THR B 507 36.59 15.88 21.11
N LEU B 508 35.66 15.02 20.70
CA LEU B 508 34.51 14.63 21.56
C LEU B 508 35.02 13.85 22.78
N GLU B 509 36.00 12.96 22.61
CA GLU B 509 36.60 12.16 23.71
C GLU B 509 37.30 13.09 24.74
N ALA B 510 37.94 14.18 24.29
CA ALA B 510 38.57 15.17 25.18
C ALA B 510 37.47 15.85 26.01
N ILE B 511 36.34 16.20 25.39
CA ILE B 511 35.21 16.85 26.11
C ILE B 511 34.65 15.87 27.14
N ARG B 512 34.45 14.62 26.75
CA ARG B 512 33.98 13.52 27.63
C ARG B 512 34.93 13.39 28.83
N THR B 513 36.23 13.29 28.59
CA THR B 513 37.23 13.01 29.64
C THR B 513 37.16 14.14 30.65
N ALA B 514 37.08 15.39 30.21
CA ALA B 514 37.03 16.59 31.06
C ALA B 514 35.70 16.62 31.86
N PHE B 515 34.57 16.31 31.23
CA PHE B 515 33.26 16.29 31.93
C PHE B 515 33.24 15.16 32.96
N ASN B 516 33.69 13.95 32.61
CA ASN B 516 33.61 12.77 33.51
C ASN B 516 34.56 13.02 34.69
N GLY B 517 35.66 13.75 34.45
CA GLY B 517 36.70 14.01 35.45
C GLY B 517 36.22 14.99 36.50
N ALA B 518 35.30 15.86 36.15
CA ALA B 518 34.76 16.91 37.05
C ALA B 518 33.57 16.38 37.86
N GLN B 519 33.06 15.18 37.56
CA GLN B 519 31.81 14.69 38.20
C GLN B 519 32.12 14.07 39.56
N ARG B 520 31.11 14.08 40.44
CA ARG B 520 31.04 13.29 41.69
C ARG B 520 29.82 12.36 41.62
N GLY B 521 29.83 11.32 42.46
CA GLY B 521 28.66 10.44 42.70
C GLY B 521 28.56 9.35 41.65
N GLY B 522 29.63 9.19 40.85
CA GLY B 522 29.71 8.18 39.77
C GLY B 522 29.05 8.63 38.47
N LYS B 523 28.49 9.83 38.39
CA LYS B 523 27.84 10.28 37.13
C LYS B 523 28.91 10.33 36.06
N GLN B 524 28.59 9.81 34.88
CA GLN B 524 29.47 9.99 33.71
C GLN B 524 28.60 9.89 32.45
N VAL B 525 29.11 10.42 31.35
CA VAL B 525 28.46 10.32 30.02
C VAL B 525 29.27 9.34 29.16
N SER B 526 28.56 8.49 28.43
CA SER B 526 29.15 7.55 27.44
C SER B 526 29.55 8.33 26.19
N LEU B 527 30.55 7.84 25.43
CA LEU B 527 30.81 8.44 24.11
C LEU B 527 29.59 8.25 23.20
N ALA B 528 28.86 7.14 23.34
CA ALA B 528 27.67 6.86 22.50
C ALA B 528 26.66 8.00 22.66
N ASP B 529 26.37 8.35 23.92
CA ASP B 529 25.46 9.49 24.23
C ASP B 529 26.07 10.77 23.66
N LEU B 530 27.34 11.10 23.95
CA LEU B 530 27.93 12.41 23.57
C LEU B 530 27.89 12.58 22.04
N ILE B 531 28.15 11.54 21.24
CA ILE B 531 28.10 11.63 19.76
C ILE B 531 26.70 12.12 19.33
N VAL B 532 25.65 11.53 19.89
CA VAL B 532 24.24 11.84 19.53
C VAL B 532 23.90 13.26 20.04
N LEU B 533 24.34 13.61 21.26
CA LEU B 533 24.12 14.94 21.85
C LEU B 533 24.83 16.01 21.02
N ALA B 534 26.05 15.71 20.56
CA ALA B 534 26.86 16.64 19.75
C ALA B 534 26.19 16.86 18.38
N GLY B 535 25.66 15.80 17.75
CA GLY B 535 24.76 15.93 16.57
C GLY B 535 23.57 16.86 16.80
N CYS B 536 22.89 16.73 17.95
CA CYS B 536 21.71 17.55 18.33
C CYS B 536 22.17 19.01 18.44
N ALA B 537 23.31 19.27 19.07
CA ALA B 537 23.87 20.64 19.16
C ALA B 537 24.10 21.21 17.76
N GLY B 538 24.60 20.37 16.85
CA GLY B 538 24.86 20.77 15.46
C GLY B 538 23.59 21.19 14.77
N VAL B 539 22.51 20.46 15.00
CA VAL B 539 21.18 20.78 14.42
C VAL B 539 20.63 22.06 15.07
N GLU B 540 20.77 22.22 16.39
CA GLU B 540 20.39 23.47 17.10
C GLU B 540 21.12 24.67 16.49
N GLN B 541 22.44 24.55 16.30
CA GLN B 541 23.31 25.61 15.73
C GLN B 541 22.83 25.93 14.29
N ALA B 542 22.55 24.91 13.48
CA ALA B 542 22.04 25.10 12.10
C ALA B 542 20.73 25.89 12.14
N ALA B 543 19.83 25.55 13.05
CA ALA B 543 18.53 26.24 13.14
C ALA B 543 18.79 27.71 13.48
N LYS B 544 19.68 27.96 14.45
CA LYS B 544 20.08 29.34 14.85
C LYS B 544 20.67 30.09 13.65
N ASN B 545 21.58 29.47 12.90
CA ASN B 545 22.15 30.04 11.66
C ASN B 545 21.02 30.54 10.76
N ALA B 546 19.85 29.89 10.76
CA ALA B 546 18.71 30.25 9.88
C ALA B 546 17.72 31.18 10.61
N GLY B 547 18.07 31.73 11.77
CA GLY B 547 17.19 32.62 12.55
C GLY B 547 16.00 31.90 13.19
N HIS B 548 16.12 30.60 13.50
CA HIS B 548 15.07 29.81 14.20
C HIS B 548 15.57 29.36 15.59
N ALA B 549 14.75 29.54 16.62
CA ALA B 549 15.02 29.10 18.01
C ALA B 549 14.49 27.68 18.20
N VAL B 550 15.36 26.67 18.17
CA VAL B 550 14.94 25.23 18.23
C VAL B 550 15.68 24.50 19.36
N THR B 551 14.95 23.72 20.16
CA THR B 551 15.52 22.64 21.00
C THR B 551 15.29 21.30 20.33
N VAL B 552 16.35 20.51 20.23
CA VAL B 552 16.31 19.13 19.70
C VAL B 552 16.24 18.19 20.89
N PRO B 553 15.23 17.31 20.98
CA PRO B 553 15.14 16.35 22.06
C PRO B 553 16.35 15.40 22.05
N PHE B 554 16.70 14.94 23.25
CA PHE B 554 17.81 13.98 23.49
C PHE B 554 17.44 13.12 24.68
N ALA B 555 17.65 11.82 24.56
CA ALA B 555 17.49 10.83 25.64
C ALA B 555 18.83 10.16 25.92
N PRO B 556 19.42 10.36 27.13
CA PRO B 556 20.66 9.68 27.51
C PRO B 556 20.41 8.21 27.84
N GLY B 557 21.49 7.44 28.01
CA GLY B 557 21.40 6.04 28.47
C GLY B 557 22.07 5.05 27.54
N ARG B 558 22.66 5.49 26.42
CA ARG B 558 23.51 4.60 25.61
C ARG B 558 24.74 4.23 26.42
N ALA B 559 25.32 3.07 26.11
CA ALA B 559 26.58 2.60 26.69
C ALA B 559 27.59 2.32 25.57
N ASP B 560 28.85 2.24 25.96
CA ASP B 560 30.01 2.07 25.04
C ASP B 560 30.38 0.59 25.05
N ALA B 561 30.32 -0.08 23.89
CA ALA B 561 30.70 -1.51 23.75
C ALA B 561 32.20 -1.55 23.53
N SER B 562 32.85 -2.65 23.87
CA SER B 562 34.30 -2.86 23.60
C SER B 562 34.51 -3.46 22.20
N GLN B 563 35.74 -3.43 21.71
CA GLN B 563 36.15 -4.12 20.47
C GLN B 563 35.88 -5.62 20.63
N GLU B 564 36.12 -6.18 21.81
CA GLU B 564 35.95 -7.64 22.07
C GLU B 564 34.45 -7.98 22.09
N GLN B 565 33.56 -7.00 22.27
CA GLN B 565 32.08 -7.22 22.19
C GLN B 565 31.58 -6.89 20.79
N THR B 566 32.46 -6.73 19.81
CA THR B 566 32.06 -6.31 18.45
C THR B 566 32.74 -7.23 17.44
N ASP B 567 31.97 -8.20 16.92
CA ASP B 567 32.44 -9.15 15.89
C ASP B 567 32.65 -8.36 14.60
N VAL B 568 33.89 -8.18 14.19
CA VAL B 568 34.26 -7.36 13.00
C VAL B 568 33.61 -7.96 11.74
N GLU B 569 33.55 -9.28 11.59
CA GLU B 569 33.08 -9.94 10.34
C GLU B 569 31.56 -9.78 10.22
N SER B 570 30.83 -9.97 11.33
CA SER B 570 29.35 -9.80 11.38
C SER B 570 28.98 -8.33 11.10
N MET B 571 29.84 -7.38 11.48
CA MET B 571 29.58 -5.92 11.35
C MET B 571 29.75 -5.46 9.89
N ALA B 572 30.47 -6.23 9.06
CA ALA B 572 30.72 -5.88 7.64
C ALA B 572 29.40 -5.77 6.88
N VAL B 573 28.39 -6.56 7.22
CA VAL B 573 27.11 -6.55 6.45
C VAL B 573 26.33 -5.26 6.72
N LEU B 574 26.68 -4.46 7.73
CA LEU B 574 25.99 -3.17 8.01
C LEU B 574 26.68 -2.03 7.25
N GLU B 575 27.77 -2.30 6.56
CA GLU B 575 28.50 -1.20 5.89
C GLU B 575 27.60 -0.63 4.81
N PRO B 576 27.35 0.70 4.83
CA PRO B 576 26.49 1.30 3.81
C PRO B 576 27.32 1.48 2.54
N VAL B 577 27.05 0.66 1.52
CA VAL B 577 27.67 0.81 0.17
C VAL B 577 26.81 1.76 -0.68
N ALA B 578 25.57 2.02 -0.28
CA ALA B 578 24.72 3.08 -0.83
C ALA B 578 24.06 3.80 0.35
N ASP B 579 24.21 5.12 0.41
CA ASP B 579 23.46 5.94 1.39
C ASP B 579 23.11 7.25 0.70
N GLY B 580 21.92 7.31 0.13
CA GLY B 580 21.42 8.52 -0.56
C GLY B 580 21.35 9.72 0.38
N PHE B 581 21.26 9.50 1.68
CA PHE B 581 21.15 10.57 2.69
C PHE B 581 22.48 11.32 2.82
N ARG B 582 23.58 10.72 2.36
CA ARG B 582 24.92 11.37 2.27
C ARG B 582 25.38 11.44 0.80
N ASN B 583 24.47 11.21 -0.15
CA ASN B 583 24.75 11.21 -1.61
C ASN B 583 25.97 10.30 -1.86
N TYR B 584 25.95 9.10 -1.30
CA TYR B 584 27.09 8.18 -1.35
C TYR B 584 26.71 6.93 -2.15
N LEU B 585 27.58 6.58 -3.08
CA LEU B 585 27.54 5.26 -3.78
C LEU B 585 28.96 4.73 -3.87
N LYS B 586 29.23 3.54 -3.34
CA LYS B 586 30.60 3.02 -3.15
C LYS B 586 31.13 2.53 -4.50
N GLY B 587 30.29 1.94 -5.34
CA GLY B 587 30.66 1.61 -6.74
C GLY B 587 29.48 1.82 -7.66
N LYS B 588 29.42 1.10 -8.78
CA LYS B 588 28.29 1.19 -9.74
C LYS B 588 27.48 -0.10 -9.65
N TYR B 589 26.18 0.00 -9.40
CA TYR B 589 25.30 -1.16 -9.17
C TYR B 589 24.35 -1.27 -10.36
N ARG B 590 23.72 -2.43 -10.49
CA ARG B 590 22.72 -2.70 -11.55
C ARG B 590 21.41 -2.03 -11.13
N VAL B 591 21.14 -1.94 -9.82
CA VAL B 591 19.93 -1.25 -9.29
C VAL B 591 20.14 0.27 -9.28
N PRO B 592 19.23 1.08 -9.86
CA PRO B 592 19.39 2.53 -9.85
C PRO B 592 19.39 3.12 -8.43
N ALA B 593 20.11 4.21 -8.24
CA ALA B 593 20.44 4.80 -6.91
C ALA B 593 19.16 5.19 -6.14
N GLU B 594 18.10 5.62 -6.84
CA GLU B 594 16.84 6.08 -6.21
C GLU B 594 16.13 4.86 -5.62
N VAL B 595 16.27 3.67 -6.23
CA VAL B 595 15.74 2.40 -5.66
C VAL B 595 16.52 2.07 -4.39
N LEU B 596 17.85 2.26 -4.41
CA LEU B 596 18.69 2.01 -3.22
C LEU B 596 18.33 2.99 -2.10
N LEU B 597 17.96 4.24 -2.43
CA LEU B 597 17.55 5.25 -1.42
C LEU B 597 16.27 4.77 -0.72
N VAL B 598 15.26 4.36 -1.46
CA VAL B 598 13.98 3.89 -0.87
C VAL B 598 14.26 2.62 -0.07
N ASP B 599 15.16 1.77 -0.52
CA ASP B 599 15.53 0.51 0.20
C ASP B 599 16.09 0.90 1.58
N LYS B 600 16.98 1.86 1.62
CA LYS B 600 17.62 2.39 2.86
C LYS B 600 16.58 3.05 3.76
N ALA B 601 15.67 3.85 3.19
CA ALA B 601 14.55 4.47 3.95
C ALA B 601 13.73 3.37 4.63
N GLN B 602 13.41 2.28 3.93
CA GLN B 602 12.62 1.17 4.50
C GLN B 602 13.37 0.56 5.70
N LEU B 603 14.66 0.32 5.55
CA LEU B 603 15.49 -0.27 6.64
C LEU B 603 15.49 0.69 7.84
N LEU B 604 15.45 2.00 7.58
CA LEU B 604 15.47 3.00 8.68
C LEU B 604 14.07 3.22 9.26
N THR B 605 13.06 2.58 8.66
CA THR B 605 11.63 2.63 9.09
C THR B 605 11.00 3.96 8.72
N LEU B 606 11.50 4.62 7.68
CA LEU B 606 10.99 5.96 7.30
C LEU B 606 9.81 5.84 6.34
N SER B 607 8.82 6.69 6.53
CA SER B 607 7.80 7.01 5.51
C SER B 607 8.43 7.85 4.38
N ALA B 608 7.73 8.00 3.25
CA ALA B 608 8.15 8.86 2.13
C ALA B 608 8.28 10.30 2.60
N PRO B 609 7.32 10.87 3.37
CA PRO B 609 7.46 12.23 3.84
C PRO B 609 8.67 12.38 4.78
N GLU B 610 8.94 11.39 5.63
CA GLU B 610 10.11 11.42 6.54
C GLU B 610 11.41 11.38 5.72
N MET B 611 11.48 10.52 4.70
CA MET B 611 12.70 10.36 3.84
C MET B 611 12.96 11.70 3.14
N THR B 612 11.89 12.30 2.63
CA THR B 612 11.96 13.58 1.88
C THR B 612 12.57 14.66 2.79
N VAL B 613 11.96 14.85 3.96
CA VAL B 613 12.35 15.98 4.84
C VAL B 613 13.79 15.77 5.28
N LEU B 614 14.12 14.54 5.67
CA LEU B 614 15.46 14.23 6.21
C LEU B 614 16.51 14.57 5.15
N LEU B 615 16.33 14.08 3.91
CA LEU B 615 17.33 14.23 2.83
C LEU B 615 17.51 15.72 2.46
N GLY B 616 16.41 16.47 2.33
CA GLY B 616 16.46 17.93 2.09
C GLY B 616 17.26 18.66 3.14
N GLY B 617 17.06 18.27 4.41
CA GLY B 617 17.78 18.88 5.54
C GLY B 617 19.25 18.51 5.53
N LEU B 618 19.57 17.22 5.44
CA LEU B 618 20.99 16.73 5.45
C LEU B 618 21.81 17.43 4.34
N ARG B 619 21.25 17.61 3.14
CA ARG B 619 21.96 18.24 1.99
C ARG B 619 22.45 19.66 2.39
N VAL B 620 21.61 20.46 3.05
CA VAL B 620 21.95 21.87 3.37
C VAL B 620 22.80 21.94 4.65
N LEU B 621 22.89 20.85 5.42
CA LEU B 621 23.65 20.83 6.70
C LEU B 621 25.08 20.36 6.44
N GLY B 622 25.38 19.85 5.25
CA GLY B 622 26.74 19.41 4.86
C GLY B 622 27.00 17.97 5.24
N ALA B 623 26.00 17.10 5.19
CA ALA B 623 26.18 15.67 5.54
C ALA B 623 26.73 14.85 4.35
N ASN B 624 26.89 15.44 3.17
CA ASN B 624 27.40 14.71 1.97
C ASN B 624 28.81 14.17 2.25
N VAL B 625 29.08 12.92 1.91
CA VAL B 625 30.45 12.34 1.88
C VAL B 625 31.31 13.21 0.97
N GLY B 626 32.52 13.56 1.44
CA GLY B 626 33.57 14.25 0.67
C GLY B 626 33.21 15.70 0.41
N GLN B 627 32.23 16.25 1.11
CA GLN B 627 31.73 17.63 0.93
C GLN B 627 31.39 17.86 -0.57
N SER B 628 30.85 16.85 -1.26
CA SER B 628 30.30 16.95 -2.63
C SER B 628 29.28 18.08 -2.63
N ARG B 629 29.23 18.83 -3.73
CA ARG B 629 28.25 19.92 -3.98
C ARG B 629 26.92 19.36 -4.50
N HIS B 630 26.89 18.10 -4.91
CA HIS B 630 25.71 17.42 -5.50
C HIS B 630 24.51 17.54 -4.53
N GLY B 631 23.44 18.19 -5.01
CA GLY B 631 22.19 18.40 -4.27
C GLY B 631 22.29 19.44 -3.18
N VAL B 632 23.37 20.20 -3.09
CA VAL B 632 23.50 21.22 -2.02
C VAL B 632 22.94 22.54 -2.55
N PHE B 633 21.63 22.59 -2.73
CA PHE B 633 20.93 23.68 -3.47
C PHE B 633 20.61 24.82 -2.50
N THR B 634 21.66 25.43 -1.96
CA THR B 634 21.58 26.56 -1.01
C THR B 634 22.81 27.43 -1.19
N ALA B 635 22.72 28.70 -0.84
CA ALA B 635 23.88 29.61 -0.69
C ALA B 635 24.15 29.83 0.80
N ARG B 636 23.47 29.12 1.70
CA ARG B 636 23.74 29.21 3.17
C ARG B 636 23.88 27.81 3.75
N GLU B 637 24.94 27.11 3.36
CA GLU B 637 25.30 25.79 3.91
C GLU B 637 25.44 25.90 5.44
N GLN B 638 24.99 24.88 6.17
CA GLN B 638 25.07 24.80 7.64
C GLN B 638 24.00 25.71 8.28
N ALA B 639 23.02 26.16 7.50
CA ALA B 639 21.79 26.76 8.02
C ALA B 639 20.62 25.83 7.68
N LEU B 640 19.77 25.52 8.66
CA LEU B 640 18.63 24.58 8.48
C LEU B 640 17.47 25.33 7.82
N THR B 641 17.38 25.22 6.49
CA THR B 641 16.30 25.83 5.66
C THR B 641 15.71 24.77 4.73
N ASN B 642 14.60 25.12 4.09
CA ASN B 642 13.93 24.34 3.01
C ASN B 642 14.49 24.74 1.64
N ASP B 643 15.66 25.39 1.57
CA ASP B 643 16.32 25.77 0.30
C ASP B 643 16.36 24.59 -0.68
N PHE B 644 16.67 23.36 -0.22
CA PHE B 644 16.81 22.20 -1.15
C PHE B 644 15.54 22.11 -2.02
N PHE B 645 14.37 22.25 -1.40
CA PHE B 645 13.06 22.07 -2.07
C PHE B 645 12.79 23.25 -3.00
N VAL B 646 12.95 24.48 -2.51
CA VAL B 646 12.61 25.73 -3.25
C VAL B 646 13.47 25.78 -4.51
N ASN B 647 14.77 25.50 -4.39
CA ASN B 647 15.72 25.54 -5.54
C ASN B 647 15.48 24.36 -6.47
N LEU B 648 15.23 23.16 -5.95
CA LEU B 648 14.98 21.96 -6.80
C LEU B 648 13.76 22.24 -7.69
N LEU B 649 12.71 22.85 -7.13
CA LEU B 649 11.39 22.97 -7.84
C LEU B 649 11.38 24.21 -8.73
N ASP B 650 12.46 24.99 -8.75
CA ASP B 650 12.56 26.26 -9.53
C ASP B 650 12.56 25.91 -11.04
N MET B 651 11.50 26.27 -11.74
CA MET B 651 11.39 26.03 -13.21
C MET B 651 12.35 26.96 -13.99
N GLY B 652 12.96 27.96 -13.35
CA GLY B 652 13.98 28.82 -13.97
C GLY B 652 15.23 28.02 -14.31
N THR B 653 15.33 26.79 -13.78
CA THR B 653 16.50 25.91 -13.95
C THR B 653 16.13 24.71 -14.82
N GLU B 654 16.97 24.42 -15.81
CA GLU B 654 16.84 23.26 -16.71
C GLU B 654 17.96 22.25 -16.39
N TRP B 655 17.66 20.96 -16.45
CA TRP B 655 18.60 19.91 -16.01
C TRP B 655 18.94 19.01 -17.19
N LYS B 656 20.20 18.56 -17.28
CA LYS B 656 20.64 17.52 -18.26
C LYS B 656 21.77 16.70 -17.71
N PRO B 657 21.85 15.42 -18.09
CA PRO B 657 22.94 14.54 -17.70
C PRO B 657 24.25 15.08 -18.31
N THR B 658 25.39 14.90 -17.63
CA THR B 658 26.73 15.28 -18.14
C THR B 658 27.22 14.26 -19.19
N ALA B 659 28.15 14.71 -20.04
CA ALA B 659 29.02 13.92 -20.95
C ALA B 659 29.73 12.78 -20.23
N ALA B 660 30.61 13.11 -19.27
CA ALA B 660 31.47 12.17 -18.49
C ALA B 660 30.59 11.10 -17.82
N ASP B 661 29.41 11.50 -17.34
CA ASP B 661 28.63 10.74 -16.32
C ASP B 661 27.12 10.99 -16.49
N ALA B 662 26.40 10.02 -17.06
CA ALA B 662 24.93 10.04 -17.28
C ALA B 662 24.18 10.00 -15.94
N ASP B 663 24.88 9.75 -14.82
CA ASP B 663 24.31 9.64 -13.45
C ASP B 663 24.49 10.97 -12.68
N VAL B 664 25.23 11.92 -13.27
CA VAL B 664 25.39 13.30 -12.73
C VAL B 664 24.66 14.29 -13.66
N PHE B 665 23.98 15.28 -13.07
CA PHE B 665 23.13 16.23 -13.81
C PHE B 665 23.59 17.64 -13.50
N GLU B 666 23.52 18.50 -14.52
CA GLU B 666 23.81 19.95 -14.41
C GLU B 666 22.50 20.72 -14.51
N GLY B 667 22.32 21.65 -13.57
CA GLY B 667 21.19 22.58 -13.56
C GLY B 667 21.65 23.94 -14.04
N ARG B 668 21.11 24.40 -15.16
CA ARG B 668 21.50 25.68 -15.81
C ARG B 668 20.29 26.60 -15.85
N ASP B 669 20.48 27.87 -15.54
CA ASP B 669 19.53 28.95 -15.92
C ASP B 669 18.99 28.71 -17.34
N ARG B 670 17.66 28.60 -17.45
CA ARG B 670 16.95 28.37 -18.74
C ARG B 670 17.26 29.52 -19.72
N ALA B 671 17.41 30.74 -19.21
CA ALA B 671 17.50 31.99 -20.02
C ALA B 671 18.95 32.17 -20.50
N THR B 672 19.94 32.07 -19.61
CA THR B 672 21.36 32.46 -19.87
C THR B 672 22.28 31.25 -20.11
N GLY B 673 21.91 30.04 -19.69
CA GLY B 673 22.76 28.85 -19.84
C GLY B 673 23.82 28.72 -18.76
N GLU B 674 23.89 29.67 -17.82
CA GLU B 674 24.83 29.59 -16.68
C GLU B 674 24.54 28.37 -15.77
N LEU B 675 25.59 27.63 -15.42
CA LEU B 675 25.55 26.50 -14.45
C LEU B 675 25.19 27.03 -13.06
N LYS B 676 24.11 26.52 -12.46
CA LYS B 676 23.65 26.94 -11.10
C LYS B 676 23.97 25.84 -10.07
N TRP B 677 23.77 24.58 -10.43
CA TRP B 677 23.80 23.44 -9.47
C TRP B 677 24.27 22.19 -10.21
N THR B 678 24.71 21.15 -9.48
CA THR B 678 24.80 19.75 -9.95
C THR B 678 24.03 18.84 -8.99
N GLY B 679 23.64 17.66 -9.46
CA GLY B 679 22.88 16.70 -8.67
C GLY B 679 23.07 15.30 -9.18
N THR B 680 22.76 14.32 -8.33
CA THR B 680 22.71 12.89 -8.65
C THR B 680 21.27 12.52 -9.01
N ARG B 681 21.04 11.27 -9.39
CA ARG B 681 19.71 10.65 -9.50
C ARG B 681 18.96 10.77 -8.15
N VAL B 682 19.65 10.58 -7.03
CA VAL B 682 19.02 10.64 -5.67
C VAL B 682 18.51 12.06 -5.41
N ASP B 683 19.26 13.07 -5.83
CA ASP B 683 18.82 14.48 -5.70
C ASP B 683 17.60 14.71 -6.59
N LEU B 684 17.67 14.35 -7.86
CA LEU B 684 16.68 14.85 -8.85
C LEU B 684 15.40 14.01 -8.82
N VAL B 685 15.42 12.81 -8.24
CA VAL B 685 14.21 11.95 -8.21
C VAL B 685 13.09 12.71 -7.48
N PHE B 686 13.43 13.56 -6.52
CA PHE B 686 12.48 14.42 -5.74
C PHE B 686 11.81 15.45 -6.64
N GLY B 687 12.39 15.73 -7.81
CA GLY B 687 11.85 16.63 -8.84
C GLY B 687 11.15 15.89 -9.96
N SER B 688 11.15 14.56 -9.94
CA SER B 688 10.78 13.74 -11.11
C SER B 688 9.64 12.79 -10.77
N HIS B 689 9.82 11.94 -9.77
CA HIS B 689 8.76 10.98 -9.36
C HIS B 689 7.51 11.78 -8.96
N SER B 690 6.31 11.42 -9.44
CA SER B 690 5.09 12.24 -9.27
C SER B 690 4.68 12.30 -7.79
N GLN B 691 4.91 11.24 -7.02
CA GLN B 691 4.53 11.23 -5.58
CA GLN B 691 4.55 11.19 -5.57
C GLN B 691 5.60 11.97 -4.77
N LEU B 692 6.89 11.77 -5.07
CA LEU B 692 7.98 12.45 -4.33
C LEU B 692 7.92 13.96 -4.63
N ARG B 693 7.59 14.35 -5.86
CA ARG B 693 7.50 15.77 -6.22
C ARG B 693 6.36 16.43 -5.44
N ALA B 694 5.23 15.74 -5.26
CA ALA B 694 4.09 16.26 -4.49
C ALA B 694 4.52 16.54 -3.04
N LEU B 695 5.42 15.74 -2.47
CA LEU B 695 5.97 15.95 -1.09
C LEU B 695 6.94 17.12 -1.10
N ALA B 696 7.82 17.19 -2.08
CA ALA B 696 8.83 18.27 -2.17
C ALA B 696 8.10 19.61 -2.21
N GLU B 697 6.95 19.65 -2.90
CA GLU B 697 6.17 20.90 -3.15
C GLU B 697 5.66 21.42 -1.80
N VAL B 698 5.21 20.52 -0.90
CA VAL B 698 4.70 20.93 0.43
C VAL B 698 5.81 21.67 1.17
N TYR B 699 7.02 21.12 1.17
CA TYR B 699 8.18 21.64 1.94
C TYR B 699 8.83 22.82 1.22
N GLY B 700 8.53 22.99 -0.08
CA GLY B 700 9.08 24.06 -0.92
C GLY B 700 8.17 25.27 -1.02
N SER B 701 7.04 25.27 -0.32
CA SER B 701 6.01 26.34 -0.37
C SER B 701 6.41 27.48 0.57
N ALA B 702 5.93 28.69 0.29
CA ALA B 702 6.21 29.93 1.03
C ALA B 702 5.75 29.84 2.50
N ASP B 703 4.83 28.95 2.84
CA ASP B 703 4.27 28.88 4.21
C ASP B 703 4.96 27.77 5.02
N ALA B 704 6.03 27.15 4.51
CA ALA B 704 6.47 25.83 5.01
C ALA B 704 7.82 25.88 5.76
N GLN B 705 8.40 27.04 6.01
CA GLN B 705 9.75 27.09 6.63
C GLN B 705 9.73 26.45 8.01
N GLU B 706 8.78 26.82 8.86
CA GLU B 706 8.66 26.33 10.26
C GLU B 706 8.30 24.83 10.22
N LYS B 707 7.29 24.43 9.42
CA LYS B 707 6.91 23.01 9.25
C LYS B 707 8.13 22.17 8.82
N PHE B 708 8.97 22.69 7.91
CA PHE B 708 10.19 21.97 7.45
C PHE B 708 11.12 21.74 8.66
N VAL B 709 11.36 22.81 9.43
CA VAL B 709 12.29 22.75 10.60
C VAL B 709 11.71 21.76 11.62
N ARG B 710 10.41 21.80 11.91
CA ARG B 710 9.87 20.96 12.99
C ARG B 710 9.84 19.49 12.53
N ASP B 711 9.45 19.22 11.29
CA ASP B 711 9.43 17.85 10.71
C ASP B 711 10.85 17.28 10.67
N PHE B 712 11.84 18.12 10.41
CA PHE B 712 13.23 17.64 10.28
C PHE B 712 13.68 17.23 11.67
N VAL B 713 13.46 18.08 12.67
CA VAL B 713 13.87 17.78 14.07
C VAL B 713 13.22 16.47 14.49
N ALA B 714 11.94 16.25 14.14
CA ALA B 714 11.22 15.02 14.54
C ALA B 714 11.90 13.79 13.92
N VAL B 715 12.16 13.80 12.62
CA VAL B 715 12.75 12.60 11.95
C VAL B 715 14.21 12.44 12.41
N TRP B 716 14.93 13.53 12.64
CA TRP B 716 16.32 13.45 13.20
C TRP B 716 16.30 12.66 14.51
N ASN B 717 15.41 13.03 15.43
CA ASN B 717 15.32 12.39 16.77
C ASN B 717 14.88 10.93 16.58
N LYS B 718 13.95 10.69 15.69
CA LYS B 718 13.53 9.32 15.37
C LYS B 718 14.76 8.46 14.98
N VAL B 719 15.61 8.93 14.08
CA VAL B 719 16.81 8.15 13.65
C VAL B 719 17.76 7.97 14.87
N MET B 720 17.97 9.01 15.67
CA MET B 720 18.87 8.96 16.85
C MET B 720 18.37 7.91 17.84
N ASN B 721 17.06 7.62 17.87
CA ASN B 721 16.46 6.72 18.89
C ASN B 721 16.14 5.32 18.32
N LEU B 722 16.52 4.96 17.09
CA LEU B 722 15.94 3.75 16.44
C LEU B 722 16.23 2.48 17.26
N ASP B 723 17.39 2.41 17.94
CA ASP B 723 17.88 1.19 18.60
C ASP B 723 17.64 1.28 20.11
N ARG B 724 16.84 2.25 20.57
CA ARG B 724 16.66 2.52 22.02
C ARG B 724 15.52 1.65 22.58
N PHE B 725 15.66 0.35 22.49
CA PHE B 725 14.66 -0.58 23.07
C PHE B 725 14.75 -0.53 24.60
N ASP B 726 15.89 -0.11 25.17
CA ASP B 726 16.08 0.09 26.63
C ASP B 726 15.04 1.07 27.19
N LEU B 727 14.26 1.78 26.35
CA LEU B 727 13.29 2.81 26.83
C LEU B 727 11.87 2.24 26.76
CHA HEM C . -8.95 21.06 -27.14
CHB HEM C . -11.38 17.04 -28.24
CHC HEM C . -14.91 18.36 -25.18
CHD HEM C . -12.42 22.34 -24.05
C1A HEM C . -9.24 19.79 -27.57
C2A HEM C . -8.39 18.99 -28.42
C3A HEM C . -9.10 17.89 -28.76
C4A HEM C . -10.36 17.97 -28.14
CMA HEM C . -8.62 16.70 -29.58
CAA HEM C . -6.97 19.34 -28.87
CBA HEM C . -5.85 19.00 -27.89
CGA HEM C . -4.55 19.65 -28.36
O1A HEM C . -4.03 19.21 -29.43
O2A HEM C . -3.98 20.57 -27.73
C1B HEM C . -12.58 17.10 -27.53
C2B HEM C . -13.60 16.12 -27.67
C3B HEM C . -14.61 16.46 -26.78
C4B HEM C . -14.18 17.72 -26.17
CMB HEM C . -13.52 14.87 -28.56
CAB HEM C . -15.92 15.82 -26.54
CBB HEM C . -16.45 15.08 -27.49
C1C HEM C . -14.49 19.48 -24.47
C2C HEM C . -15.17 20.09 -23.38
C3C HEM C . -14.44 21.23 -23.01
C4C HEM C . -13.33 21.29 -23.94
CMC HEM C . -16.36 19.47 -22.72
CAC HEM C . -14.70 22.28 -21.98
CBC HEM C . -15.92 22.61 -21.58
C1D HEM C . -11.34 22.33 -24.89
C2D HEM C . -10.43 23.49 -24.98
C3D HEM C . -9.42 23.11 -25.80
C4D HEM C . -9.78 21.76 -26.26
CMD HEM C . -10.47 24.80 -24.21
CAD HEM C . -8.28 23.98 -26.24
CBD HEM C . -6.93 23.76 -25.56
CGD HEM C . -5.89 24.81 -25.89
O1D HEM C . -4.67 24.50 -25.75
O2D HEM C . -6.22 25.98 -26.27
NA HEM C . -10.46 19.17 -27.47
NB HEM C . -13.00 18.04 -26.68
NC HEM C . -13.40 20.21 -24.79
ND HEM C . -10.94 21.33 -25.69
FE HEM C . -11.96 19.79 -26.23
NA NA D . -14.52 10.43 -7.69
CL CL E . 1.05 20.21 8.83
O1 OXY F . -8.59 17.48 -25.43
O2 OXY F . -7.31 16.80 -25.44
P PO4 G . -5.04 27.57 -44.23
O1 PO4 G . -4.97 28.89 -44.98
O2 PO4 G . -4.75 26.41 -45.20
O3 PO4 G . -6.44 27.40 -43.66
O4 PO4 G . -4.00 27.58 -43.12
C1 MPD H . 1.44 10.06 -27.29
C2 MPD H . 0.62 11.04 -28.12
O2 MPD H . 0.06 12.03 -27.23
CM MPD H . 1.49 11.80 -29.11
C3 MPD H . -0.54 10.33 -28.81
C4 MPD H . -1.40 11.27 -29.61
O4 MPD H . -0.54 11.85 -30.58
C5 MPD H . -2.60 10.64 -30.26
C1 MPD I . 4.49 35.76 -7.20
C2 MPD I . 3.59 35.30 -8.34
O2 MPD I . 3.28 33.91 -8.08
CM MPD I . 2.28 36.06 -8.36
C3 MPD I . 4.31 35.33 -9.70
C4 MPD I . 4.94 36.65 -10.17
O4 MPD I . 3.96 37.66 -10.06
C5 MPD I . 6.20 37.13 -9.47
CHA HEM J . 13.36 -32.44 6.50
CHB HEM J . 16.62 -30.68 3.42
CHC HEM J . 18.76 -28.32 7.10
CHD HEM J . 15.49 -30.13 10.17
C1A HEM J . 14.01 -32.07 5.36
C2A HEM J . 13.55 -32.37 4.03
C3A HEM J . 14.48 -31.93 3.18
C4A HEM J . 15.48 -31.26 3.93
CMA HEM J . 14.46 -32.06 1.68
CAA HEM J . 12.36 -33.22 3.68
CBA HEM J . 11.09 -32.40 3.50
CGA HEM J . 9.97 -33.41 3.32
O1A HEM J . 9.91 -34.08 2.26
O2A HEM J . 9.06 -33.49 4.19
C1B HEM J . 17.53 -29.94 4.20
C2B HEM J . 18.69 -29.32 3.67
C3B HEM J . 19.29 -28.64 4.67
C4B HEM J . 18.47 -28.87 5.85
CMB HEM J . 19.06 -29.29 2.22
CAB HEM J . 20.52 -27.81 4.67
CBB HEM J . 21.51 -28.12 3.85
C1C HEM J . 17.97 -28.50 8.21
C2C HEM J . 18.18 -27.87 9.49
C3C HEM J . 17.18 -28.32 10.33
C4C HEM J . 16.47 -29.33 9.59
CMC HEM J . 19.16 -26.74 9.73
CAC HEM J . 16.91 -28.02 11.76
CBC HEM J . 17.83 -27.54 12.59
C1D HEM J . 14.70 -30.96 9.39
C2D HEM J . 13.74 -31.86 9.99
C3D HEM J . 13.06 -32.43 8.94
C4D HEM J . 13.72 -31.94 7.74
CMD HEM J . 13.37 -31.97 11.43
CAD HEM J . 12.04 -33.55 9.03
CBD HEM J . 10.59 -33.20 8.74
CGD HEM J . 9.56 -34.19 9.20
O1D HEM J . 8.37 -34.01 8.75
O2D HEM J . 9.88 -35.10 10.04
NA HEM J . 15.15 -31.30 5.26
NB HEM J . 17.45 -29.65 5.50
NC HEM J . 17.01 -29.44 8.33
ND HEM J . 14.76 -31.12 8.05
FE HEM J . 16.12 -30.51 6.81
NA NA K . 14.27 -9.77 9.24
O1 OXY L . 12.74 -29.00 4.31
O2 OXY L . 11.83 -28.99 3.14
C1 MPD M . 6.93 -28.48 -6.02
C2 MPD M . 6.37 -29.56 -5.12
O2 MPD M . 6.56 -29.14 -3.75
CM MPD M . 4.88 -29.76 -5.34
C3 MPD M . 7.09 -30.90 -5.29
C4 MPD M . 8.50 -30.76 -5.77
O4 MPD M . 9.09 -29.60 -5.18
C5 MPD M . 9.29 -31.98 -5.45
#